data_4CIV
# 
_entry.id   4CIV 
# 
_audit_conform.dict_name       mmcif_pdbx.dic 
_audit_conform.dict_version    5.383 
_audit_conform.dict_location   http://mmcif.pdb.org/dictionaries/ascii/mmcif_pdbx.dic 
# 
loop_
_database_2.database_id 
_database_2.database_code 
_database_2.pdbx_database_accession 
_database_2.pdbx_DOI 
PDB   4CIV         pdb_00004civ 10.2210/pdb4civ/pdb 
PDBE  EBI-59108    ?            ?                   
WWPDB D_1290059108 ?            ?                   
# 
loop_
_pdbx_database_related.db_name 
_pdbx_database_related.db_id 
_pdbx_database_related.content_type 
_pdbx_database_related.details 
PDB 4CIW unspecified 
'CRYSTAL STRUCTURE OF MYCOBACTERIUM TUBERCULOSIS TYPE 2 DEHYDROQUINASE IN COMPLEX WITH A CYCLOHEXENCARBOXYLIC ACID INHIBITOR' 
PDB 4CIX unspecified 
;CRYSTAL STRUCTURE OF MYCOBACTERIUM TUBERCULOSIS TYPE 2 DEHYDROQUINASE IN COMPLEX WITH(1R,4R,5R)-1,4,5- TRIHYDROXY-3-((1S)-1-HYDROXY-2-PHENYL)ETHYLCYCLOHEX-2 -EN-1-CARBOXYLIC ACID
;
PDB 4CIY unspecified 
;CRYSTAL STRUCTURE OF MYCOBACTERIUM TUBERCULOSIS TYPE 2 DEHYDROQUINASE IN COMPLEX WITH (1R,4R,5R)-1,4,5- TRIHYDROXY-3-((1R)-1-HYDROXY-2-PHENYL)ETHYLCYCLOHEX-2 -EN-1-CARBOXYLIC ACID
;
# 
_pdbx_database_status.status_code                     REL 
_pdbx_database_status.entry_id                        4CIV 
_pdbx_database_status.deposit_site                    PDBE 
_pdbx_database_status.process_site                    PDBE 
_pdbx_database_status.SG_entry                        . 
_pdbx_database_status.recvd_initial_deposition_date   2013-12-17 
_pdbx_database_status.pdb_format_compatible           Y 
_pdbx_database_status.status_code_sf                  REL 
_pdbx_database_status.status_code_mr                  ? 
_pdbx_database_status.status_code_cs                  ? 
_pdbx_database_status.methods_development_category    ? 
_pdbx_database_status.status_code_nmr_data            ? 
# 
loop_
_audit_author.name 
_audit_author.pdbx_ordinal 
'Otero, J.M.'        1 
'Llamas-Saiz, A.L.'  2 
'Lamb, H.'           3 
'Hawkins, A.R.'      4 
'Blanco, B.'         5 
'Sedes, A.'          6 
'Peon, A.'           7 
'Gonzalez-Bello, C.' 8 
'van Raaij, M.J.'    9 
# 
_citation.id                        primary 
_citation.title                     
'Exploring the water-binding pocket of the type II dehydroquinase enzyme in the structure-based design of inhibitors.' 
_citation.journal_abbrev            'J. Med. Chem.' 
_citation.journal_volume            57 
_citation.page_first                3494 
_citation.page_last                 3510 
_citation.year                      2014 
_citation.journal_id_ASTM           JMCMAR 
_citation.country                   US 
_citation.journal_id_ISSN           1520-4804 
_citation.journal_id_CSD            0151 
_citation.book_publisher            ? 
_citation.pdbx_database_id_PubMed   24689821 
_citation.pdbx_database_id_DOI      10.1021/jm500175z 
# 
loop_
_citation_author.citation_id 
_citation_author.name 
_citation_author.ordinal 
_citation_author.identifier_ORCID 
primary 'Blanco, B.'         1 ? 
primary 'Sedes, A.'          2 ? 
primary 'Peon, A.'           3 ? 
primary 'Otero, J.M.'        4 ? 
primary 'van Raaij, M.J.'    5 ? 
primary 'Thompson, P.'       6 ? 
primary 'Hawkins, A.R.'      7 ? 
primary 'Gonzalez-Bello, C.' 8 ? 
# 
_cell.entry_id           4CIV 
_cell.length_a           126.180 
_cell.length_b           126.180 
_cell.length_c           126.180 
_cell.angle_alpha        90.00 
_cell.angle_beta         90.00 
_cell.angle_gamma        90.00 
_cell.Z_PDB              48 
_cell.pdbx_unique_axis   ? 
# 
_symmetry.entry_id                         4CIV 
_symmetry.space_group_name_H-M             'F 2 3' 
_symmetry.pdbx_full_space_group_name_H-M   ? 
_symmetry.cell_setting                     ? 
_symmetry.Int_Tables_number                196 
# 
loop_
_entity.id 
_entity.type 
_entity.src_method 
_entity.pdbx_description 
_entity.formula_weight 
_entity.pdbx_number_of_molecules 
_entity.pdbx_ec 
_entity.pdbx_mutation 
_entity.pdbx_fragment 
_entity.details 
1 polymer     man '3-DEHYDROQUINATE DEHYDRATASE'                                                15676.737 1  4.2.1.10 ? ? ? 
2 non-polymer syn '(1R,4R,5R)-1,4,5-trihydroxy-3-hydroxymethylcyclohex-2-ene-1-carboxylic acid' 204.177   1  ?        ? ? ? 
3 water       nat water                                                                         18.015    22 ?        ? ? ? 
# 
_entity_name_com.entity_id   1 
_entity_name_com.name        '3-DEHYDROQUINASE, TYPE II DHQASE' 
# 
_entity_poly.entity_id                      1 
_entity_poly.type                           'polypeptide(L)' 
_entity_poly.nstd_linkage                   no 
_entity_poly.nstd_monomer                   no 
_entity_poly.pdbx_seq_one_letter_code       
;SELIVNVINGPNLGRLGRREPAVYGGTTHDELVALIEREAAELGLKAVVRQSDSEAQLLDWIHQAADAAEPVILNAGGLT
HTSVALRDACAELSAPLIEVHISNVHAREEFRRHSYLSPIATGVIVGLGIQGYLLALRYLAEHVGT
;
_entity_poly.pdbx_seq_one_letter_code_can   
;SELIVNVINGPNLGRLGRREPAVYGGTTHDELVALIEREAAELGLKAVVRQSDSEAQLLDWIHQAADAAEPVILNAGGLT
HTSVALRDACAELSAPLIEVHISNVHAREEFRRHSYLSPIATGVIVGLGIQGYLLALRYLAEHVGT
;
_entity_poly.pdbx_strand_id                 A 
_entity_poly.pdbx_target_identifier         ? 
# 
loop_
_entity_poly_seq.entity_id 
_entity_poly_seq.num 
_entity_poly_seq.mon_id 
_entity_poly_seq.hetero 
1 1   SER n 
1 2   GLU n 
1 3   LEU n 
1 4   ILE n 
1 5   VAL n 
1 6   ASN n 
1 7   VAL n 
1 8   ILE n 
1 9   ASN n 
1 10  GLY n 
1 11  PRO n 
1 12  ASN n 
1 13  LEU n 
1 14  GLY n 
1 15  ARG n 
1 16  LEU n 
1 17  GLY n 
1 18  ARG n 
1 19  ARG n 
1 20  GLU n 
1 21  PRO n 
1 22  ALA n 
1 23  VAL n 
1 24  TYR n 
1 25  GLY n 
1 26  GLY n 
1 27  THR n 
1 28  THR n 
1 29  HIS n 
1 30  ASP n 
1 31  GLU n 
1 32  LEU n 
1 33  VAL n 
1 34  ALA n 
1 35  LEU n 
1 36  ILE n 
1 37  GLU n 
1 38  ARG n 
1 39  GLU n 
1 40  ALA n 
1 41  ALA n 
1 42  GLU n 
1 43  LEU n 
1 44  GLY n 
1 45  LEU n 
1 46  LYS n 
1 47  ALA n 
1 48  VAL n 
1 49  VAL n 
1 50  ARG n 
1 51  GLN n 
1 52  SER n 
1 53  ASP n 
1 54  SER n 
1 55  GLU n 
1 56  ALA n 
1 57  GLN n 
1 58  LEU n 
1 59  LEU n 
1 60  ASP n 
1 61  TRP n 
1 62  ILE n 
1 63  HIS n 
1 64  GLN n 
1 65  ALA n 
1 66  ALA n 
1 67  ASP n 
1 68  ALA n 
1 69  ALA n 
1 70  GLU n 
1 71  PRO n 
1 72  VAL n 
1 73  ILE n 
1 74  LEU n 
1 75  ASN n 
1 76  ALA n 
1 77  GLY n 
1 78  GLY n 
1 79  LEU n 
1 80  THR n 
1 81  HIS n 
1 82  THR n 
1 83  SER n 
1 84  VAL n 
1 85  ALA n 
1 86  LEU n 
1 87  ARG n 
1 88  ASP n 
1 89  ALA n 
1 90  CYS n 
1 91  ALA n 
1 92  GLU n 
1 93  LEU n 
1 94  SER n 
1 95  ALA n 
1 96  PRO n 
1 97  LEU n 
1 98  ILE n 
1 99  GLU n 
1 100 VAL n 
1 101 HIS n 
1 102 ILE n 
1 103 SER n 
1 104 ASN n 
1 105 VAL n 
1 106 HIS n 
1 107 ALA n 
1 108 ARG n 
1 109 GLU n 
1 110 GLU n 
1 111 PHE n 
1 112 ARG n 
1 113 ARG n 
1 114 HIS n 
1 115 SER n 
1 116 TYR n 
1 117 LEU n 
1 118 SER n 
1 119 PRO n 
1 120 ILE n 
1 121 ALA n 
1 122 THR n 
1 123 GLY n 
1 124 VAL n 
1 125 ILE n 
1 126 VAL n 
1 127 GLY n 
1 128 LEU n 
1 129 GLY n 
1 130 ILE n 
1 131 GLN n 
1 132 GLY n 
1 133 TYR n 
1 134 LEU n 
1 135 LEU n 
1 136 ALA n 
1 137 LEU n 
1 138 ARG n 
1 139 TYR n 
1 140 LEU n 
1 141 ALA n 
1 142 GLU n 
1 143 HIS n 
1 144 VAL n 
1 145 GLY n 
1 146 THR n 
# 
_entity_src_gen.entity_id                          1 
_entity_src_gen.pdbx_src_id                        1 
_entity_src_gen.pdbx_alt_source_flag               sample 
_entity_src_gen.pdbx_seq_type                      ? 
_entity_src_gen.pdbx_beg_seq_num                   ? 
_entity_src_gen.pdbx_end_seq_num                   ? 
_entity_src_gen.gene_src_common_name               ? 
_entity_src_gen.gene_src_genus                     ? 
_entity_src_gen.pdbx_gene_src_gene                 ? 
_entity_src_gen.gene_src_species                   ? 
_entity_src_gen.gene_src_strain                    ? 
_entity_src_gen.gene_src_tissue                    ? 
_entity_src_gen.gene_src_tissue_fraction           ? 
_entity_src_gen.gene_src_details                   ? 
_entity_src_gen.pdbx_gene_src_fragment             ? 
_entity_src_gen.pdbx_gene_src_scientific_name      'MYCOBACTERIUM TUBERCULOSIS' 
_entity_src_gen.pdbx_gene_src_ncbi_taxonomy_id     1773 
_entity_src_gen.pdbx_gene_src_variant              ? 
_entity_src_gen.pdbx_gene_src_cell_line            ? 
_entity_src_gen.pdbx_gene_src_atcc                 27294 
_entity_src_gen.pdbx_gene_src_organ                ? 
_entity_src_gen.pdbx_gene_src_organelle            ? 
_entity_src_gen.pdbx_gene_src_cell                 ? 
_entity_src_gen.pdbx_gene_src_cellular_location    ? 
_entity_src_gen.host_org_common_name               ? 
_entity_src_gen.pdbx_host_org_scientific_name      'ESCHERICHIA COLI' 
_entity_src_gen.pdbx_host_org_ncbi_taxonomy_id     83333 
_entity_src_gen.host_org_genus                     ? 
_entity_src_gen.pdbx_host_org_gene                 ? 
_entity_src_gen.pdbx_host_org_organ                ? 
_entity_src_gen.host_org_species                   ? 
_entity_src_gen.pdbx_host_org_tissue               ? 
_entity_src_gen.pdbx_host_org_tissue_fraction      ? 
_entity_src_gen.pdbx_host_org_strain               K-12 
_entity_src_gen.pdbx_host_org_variant              SK3430 
_entity_src_gen.pdbx_host_org_cell_line            ? 
_entity_src_gen.pdbx_host_org_atcc                 ? 
_entity_src_gen.pdbx_host_org_culture_collection   ? 
_entity_src_gen.pdbx_host_org_cell                 ? 
_entity_src_gen.pdbx_host_org_organelle            ? 
_entity_src_gen.pdbx_host_org_cellular_location    ? 
_entity_src_gen.pdbx_host_org_vector_type          PLASMID 
_entity_src_gen.pdbx_host_org_vector               ? 
_entity_src_gen.host_org_details                   ? 
_entity_src_gen.expression_system_id               ? 
_entity_src_gen.plasmid_name                       PKK233-2 
_entity_src_gen.plasmid_details                    ? 
_entity_src_gen.pdbx_description                   ? 
# 
_struct_ref.id                         1 
_struct_ref.db_name                    UNP 
_struct_ref.db_code                    AROQ_MYCTU 
_struct_ref.entity_id                  1 
_struct_ref.pdbx_seq_one_letter_code   ? 
_struct_ref.pdbx_align_begin           ? 
_struct_ref.pdbx_db_accession          P0A4Z6 
_struct_ref.pdbx_db_isoform            ? 
# 
_struct_ref_seq.align_id                      1 
_struct_ref_seq.ref_id                        1 
_struct_ref_seq.pdbx_PDB_id_code              4CIV 
_struct_ref_seq.pdbx_strand_id                A 
_struct_ref_seq.seq_align_beg                 1 
_struct_ref_seq.pdbx_seq_align_beg_ins_code   ? 
_struct_ref_seq.seq_align_end                 146 
_struct_ref_seq.pdbx_seq_align_end_ins_code   ? 
_struct_ref_seq.pdbx_db_accession             P0A4Z6 
_struct_ref_seq.db_align_beg                  2 
_struct_ref_seq.pdbx_db_align_beg_ins_code    ? 
_struct_ref_seq.db_align_end                  147 
_struct_ref_seq.pdbx_db_align_end_ins_code    ? 
_struct_ref_seq.pdbx_auth_seq_align_beg       1 
_struct_ref_seq.pdbx_auth_seq_align_end       146 
# 
loop_
_chem_comp.id 
_chem_comp.type 
_chem_comp.mon_nstd_flag 
_chem_comp.name 
_chem_comp.pdbx_synonyms 
_chem_comp.formula 
_chem_comp.formula_weight 
48P non-polymer         . '(1R,4R,5R)-1,4,5-trihydroxy-3-hydroxymethylcyclohex-2-ene-1-carboxylic acid' ? 'C8 H12 O6'      204.177 
ALA 'L-peptide linking' y ALANINE                                                                       ? 'C3 H7 N O2'     89.093  
ARG 'L-peptide linking' y ARGININE                                                                      ? 'C6 H15 N4 O2 1' 175.209 
ASN 'L-peptide linking' y ASPARAGINE                                                                    ? 'C4 H8 N2 O3'    132.118 
ASP 'L-peptide linking' y 'ASPARTIC ACID'                                                               ? 'C4 H7 N O4'     133.103 
CYS 'L-peptide linking' y CYSTEINE                                                                      ? 'C3 H7 N O2 S'   121.158 
GLN 'L-peptide linking' y GLUTAMINE                                                                     ? 'C5 H10 N2 O3'   146.144 
GLU 'L-peptide linking' y 'GLUTAMIC ACID'                                                               ? 'C5 H9 N O4'     147.129 
GLY 'peptide linking'   y GLYCINE                                                                       ? 'C2 H5 N O2'     75.067  
HIS 'L-peptide linking' y HISTIDINE                                                                     ? 'C6 H10 N3 O2 1' 156.162 
HOH non-polymer         . WATER                                                                         ? 'H2 O'           18.015  
ILE 'L-peptide linking' y ISOLEUCINE                                                                    ? 'C6 H13 N O2'    131.173 
LEU 'L-peptide linking' y LEUCINE                                                                       ? 'C6 H13 N O2'    131.173 
LYS 'L-peptide linking' y LYSINE                                                                        ? 'C6 H15 N2 O2 1' 147.195 
PHE 'L-peptide linking' y PHENYLALANINE                                                                 ? 'C9 H11 N O2'    165.189 
PRO 'L-peptide linking' y PROLINE                                                                       ? 'C5 H9 N O2'     115.130 
SER 'L-peptide linking' y SERINE                                                                        ? 'C3 H7 N O3'     105.093 
THR 'L-peptide linking' y THREONINE                                                                     ? 'C4 H9 N O3'     119.119 
TRP 'L-peptide linking' y TRYPTOPHAN                                                                    ? 'C11 H12 N2 O2'  204.225 
TYR 'L-peptide linking' y TYROSINE                                                                      ? 'C9 H11 N O3'    181.189 
VAL 'L-peptide linking' y VALINE                                                                        ? 'C5 H11 N O2'    117.146 
# 
_exptl.entry_id          4CIV 
_exptl.method            'X-RAY DIFFRACTION' 
_exptl.crystals_number   1 
# 
_exptl_crystal.id                    1 
_exptl_crystal.density_meas          ? 
_exptl_crystal.density_Matthews      2.8 
_exptl_crystal.density_percent_sol   56.8 
_exptl_crystal.description           NONE 
# 
_exptl_crystal_grow.crystal_id      1 
_exptl_crystal_grow.method          ? 
_exptl_crystal_grow.temp            ? 
_exptl_crystal_grow.temp_details    ? 
_exptl_crystal_grow.pH              7.5 
_exptl_crystal_grow.pdbx_pH_range   ? 
_exptl_crystal_grow.pdbx_details    
;32% (V/V) 2-METHYL-2, 4-PENTANEDIOL, 0.3 M AMMONIUM SULFATE, 0.1 M 4-(2-HYDROXYETHYL)-PIPERAZINE-1-ETHANESULFONIC ACID SODIUM SALT (HEPES) PH 7.5
;
# 
_diffrn.id                     1 
_diffrn.ambient_temp           100 
_diffrn.ambient_temp_details   ? 
_diffrn.crystal_id             1 
# 
_diffrn_detector.diffrn_id              1 
_diffrn_detector.detector               CCD 
_diffrn_detector.type                   'MARMOSAIC 225 mm CCD' 
_diffrn_detector.pdbx_collection_date   2012-11-28 
_diffrn_detector.details                'PT COATED SI MIRROR' 
# 
_diffrn_radiation.diffrn_id                        1 
_diffrn_radiation.wavelength_id                    1 
_diffrn_radiation.pdbx_monochromatic_or_laue_m_l   M 
_diffrn_radiation.monochromator                    'HORIZONTALLY DIFFRACTING MONOCHROMATOR' 
_diffrn_radiation.pdbx_diffrn_protocol             'SINGLE WAVELENGTH' 
_diffrn_radiation.pdbx_scattering_type             x-ray 
# 
_diffrn_radiation_wavelength.id           1 
_diffrn_radiation_wavelength.wavelength   0.87260 
_diffrn_radiation_wavelength.wt           1.0 
# 
_diffrn_source.diffrn_id                   1 
_diffrn_source.source                      SYNCHROTRON 
_diffrn_source.type                        'ESRF BEAMLINE ID23-2' 
_diffrn_source.pdbx_synchrotron_site       ESRF 
_diffrn_source.pdbx_synchrotron_beamline   ID23-2 
_diffrn_source.pdbx_wavelength             0.87260 
_diffrn_source.pdbx_wavelength_list        ? 
# 
_reflns.pdbx_diffrn_id               1 
_reflns.pdbx_ordinal                 1 
_reflns.entry_id                     4CIV 
_reflns.observed_criterion_sigma_I   -3.0 
_reflns.observed_criterion_sigma_F   ? 
_reflns.d_resolution_low             38.00 
_reflns.d_resolution_high            2.90 
_reflns.number_obs                   3103 
_reflns.number_all                   ? 
_reflns.percent_possible_obs         81.8 
_reflns.pdbx_Rmerge_I_obs            0.08 
_reflns.pdbx_Rsym_value              ? 
_reflns.pdbx_netI_over_sigmaI        13.30 
_reflns.B_iso_Wilson_estimate        37.2 
_reflns.pdbx_redundancy              5.7 
# 
_reflns_shell.pdbx_diffrn_id         1 
_reflns_shell.pdbx_ordinal           1 
_reflns_shell.d_res_high             2.90 
_reflns_shell.d_res_low              3.06 
_reflns_shell.percent_possible_all   71.0 
_reflns_shell.Rmerge_I_obs           0.37 
_reflns_shell.pdbx_Rsym_value        ? 
_reflns_shell.meanI_over_sigI_obs    2.20 
_reflns_shell.pdbx_redundancy        2.2 
# 
_refine.pdbx_refine_id                           'X-RAY DIFFRACTION' 
_refine.entry_id                                 4CIV 
_refine.pdbx_diffrn_id                           1 
_refine.pdbx_TLS_residual_ADP_flag               ? 
_refine.ls_number_reflns_obs                     2958 
_refine.ls_number_reflns_all                     ? 
_refine.pdbx_ls_sigma_I                          ? 
_refine.pdbx_ls_sigma_F                          . 
_refine.pdbx_data_cutoff_high_absF               ? 
_refine.pdbx_data_cutoff_low_absF                ? 
_refine.pdbx_data_cutoff_high_rms_absF           ? 
_refine.ls_d_res_low                             36.45 
_refine.ls_d_res_high                            2.90 
_refine.ls_percent_reflns_obs                    81.55 
_refine.ls_R_factor_obs                          0.21537 
_refine.ls_R_factor_all                          ? 
_refine.ls_R_factor_R_work                       0.21241 
_refine.ls_R_factor_R_free                       0.27937 
_refine.ls_R_factor_R_free_error                 ? 
_refine.ls_R_factor_R_free_error_details         ? 
_refine.ls_percent_reflns_R_free                 4.5 
_refine.ls_number_reflns_R_free                  141 
_refine.ls_number_parameters                     ? 
_refine.ls_number_restraints                     ? 
_refine.occupancy_min                            ? 
_refine.occupancy_max                            ? 
_refine.correlation_coeff_Fo_to_Fc               0.915 
_refine.correlation_coeff_Fo_to_Fc_free          0.873 
_refine.B_iso_mean                               37.937 
_refine.aniso_B[1][1]                            0.00 
_refine.aniso_B[2][2]                            0.00 
_refine.aniso_B[3][3]                            0.00 
_refine.aniso_B[1][2]                            0.00 
_refine.aniso_B[1][3]                            0.00 
_refine.aniso_B[2][3]                            0.00 
_refine.solvent_model_details                    MASK 
_refine.solvent_model_param_ksol                 ? 
_refine.solvent_model_param_bsol                 ? 
_refine.pdbx_solvent_vdw_probe_radii             1.20 
_refine.pdbx_solvent_ion_probe_radii             0.80 
_refine.pdbx_solvent_shrinkage_radii             0.80 
_refine.pdbx_ls_cross_valid_method               THROUGHOUT 
_refine.details                                  
;HYDROGENS HAVE BEEN ADDED IN THE RIDING POSITIONS. U VALUES ARE REFINED INDIVIDUALLY GAP BY DISORDERED REGION BETWEEN ARG-19 AND GLY-25 INHIBITOR INCLUDED IN ENZYME ACTIVE SITE BY SOAKING OF APO- CRYSTALS IN INHIBITOR SOLUTION
;
_refine.pdbx_starting_model                      'PDB ENTRY 2Y71' 
_refine.pdbx_method_to_determine_struct          'MOLECULAR REPLACEMENT' 
_refine.pdbx_isotropic_thermal_model             ? 
_refine.pdbx_stereochemistry_target_values       'MAXIMUM LIKELIHOOD' 
_refine.pdbx_stereochem_target_val_spec_case     ? 
_refine.pdbx_R_Free_selection_details            RANDOM 
_refine.pdbx_overall_ESU_R                       ? 
_refine.pdbx_overall_ESU_R_Free                  0.531 
_refine.overall_SU_ML                            0.394 
_refine.pdbx_overall_phase_error                 ? 
_refine.overall_SU_B                             22.233 
_refine.overall_SU_R_Cruickshank_DPI             ? 
_refine.pdbx_overall_SU_R_free_Cruickshank_DPI   ? 
_refine.pdbx_overall_SU_R_Blow_DPI               ? 
_refine.pdbx_overall_SU_R_free_Blow_DPI          ? 
# 
_refine_hist.pdbx_refine_id                   'X-RAY DIFFRACTION' 
_refine_hist.cycle_id                         LAST 
_refine_hist.pdbx_number_atoms_protein        1038 
_refine_hist.pdbx_number_atoms_nucleic_acid   0 
_refine_hist.pdbx_number_atoms_ligand         14 
_refine_hist.number_atoms_solvent             22 
_refine_hist.number_atoms_total               1074 
_refine_hist.d_res_high                       2.90 
_refine_hist.d_res_low                        36.45 
# 
loop_
_refine_ls_restr.type 
_refine_ls_restr.dev_ideal 
_refine_ls_restr.dev_ideal_target 
_refine_ls_restr.weight 
_refine_ls_restr.number 
_refine_ls_restr.pdbx_refine_id 
_refine_ls_restr.pdbx_restraint_function 
r_bond_refined_d             0.006  0.019  ? 1067 'X-RAY DIFFRACTION' ? 
r_bond_other_d               0.002  0.020  ? 1053 'X-RAY DIFFRACTION' ? 
r_angle_refined_deg          1.050  1.974  ? 1452 'X-RAY DIFFRACTION' ? 
r_angle_other_deg            0.745  3.003  ? 2400 'X-RAY DIFFRACTION' ? 
r_dihedral_angle_1_deg       6.432  5.000  ? 135  'X-RAY DIFFRACTION' ? 
r_dihedral_angle_2_deg       33.425 23.191 ? 47   'X-RAY DIFFRACTION' ? 
r_dihedral_angle_3_deg       14.265 15.000 ? 171  'X-RAY DIFFRACTION' ? 
r_dihedral_angle_4_deg       13.955 15.000 ? 10   'X-RAY DIFFRACTION' ? 
r_chiral_restr               0.054  0.200  ? 175  'X-RAY DIFFRACTION' ? 
r_gen_planes_refined         0.003  0.020  ? 1209 'X-RAY DIFFRACTION' ? 
r_gen_planes_other           0.001  0.020  ? 241  'X-RAY DIFFRACTION' ? 
r_nbd_refined                0.214  0.200  ? 250  'X-RAY DIFFRACTION' ? 
r_nbd_other                  0.175  0.200  ? 1034 'X-RAY DIFFRACTION' ? 
r_nbtor_refined              0.171  0.200  ? 513  'X-RAY DIFFRACTION' ? 
r_nbtor_other                0.079  0.200  ? 697  'X-RAY DIFFRACTION' ? 
r_xyhbond_nbd_refined        0.139  0.200  ? 25   'X-RAY DIFFRACTION' ? 
r_xyhbond_nbd_other          ?      ?      ? ?    'X-RAY DIFFRACTION' ? 
r_metal_ion_refined          ?      ?      ? ?    'X-RAY DIFFRACTION' ? 
r_metal_ion_other            ?      ?      ? ?    'X-RAY DIFFRACTION' ? 
r_symmetry_vdw_refined       0.129  0.200  ? 8    'X-RAY DIFFRACTION' ? 
r_symmetry_vdw_other         0.174  0.200  ? 34   'X-RAY DIFFRACTION' ? 
r_symmetry_hbond_refined     0.199  0.200  ? 2    'X-RAY DIFFRACTION' ? 
r_symmetry_hbond_other       ?      ?      ? ?    'X-RAY DIFFRACTION' ? 
r_symmetry_metal_ion_refined ?      ?      ? ?    'X-RAY DIFFRACTION' ? 
r_symmetry_metal_ion_other   ?      ?      ? ?    'X-RAY DIFFRACTION' ? 
r_mcbond_it                  1.073  3.840  ? 1067 'X-RAY DIFFRACTION' ? 
r_mcbond_other               0.154  3.851  ? 1053 'X-RAY DIFFRACTION' ? 
r_mcangle_it                 1.901  5.733  ? 1452 'X-RAY DIFFRACTION' ? 
r_mcangle_other              ?      ?      ? ?    'X-RAY DIFFRACTION' ? 
r_scbond_it                  3.676  38.528 ? 1966 'X-RAY DIFFRACTION' ? 
r_scbond_other               ?      ?      ? ?    'X-RAY DIFFRACTION' ? 
r_scangle_it                 0.836  5.766  ? 2400 'X-RAY DIFFRACTION' ? 
r_scangle_other              ?      ?      ? ?    'X-RAY DIFFRACTION' ? 
r_long_range_B_refined       ?      ?      ? ?    'X-RAY DIFFRACTION' ? 
r_long_range_B_other         ?      ?      ? ?    'X-RAY DIFFRACTION' ? 
r_rigid_bond_restr           ?      ?      ? ?    'X-RAY DIFFRACTION' ? 
r_sphericity_free            ?      ?      ? ?    'X-RAY DIFFRACTION' ? 
r_sphericity_bonded          ?      ?      ? ?    'X-RAY DIFFRACTION' ? 
# 
_refine_ls_shell.pdbx_refine_id                   'X-RAY DIFFRACTION' 
_refine_ls_shell.pdbx_total_number_of_bins_used   10 
_refine_ls_shell.d_res_high                       2.901 
_refine_ls_shell.d_res_low                        3.058 
_refine_ls_shell.number_reflns_R_work             355 
_refine_ls_shell.R_factor_R_work                  0.299 
_refine_ls_shell.percent_reflns_obs               70.04 
_refine_ls_shell.R_factor_R_free                  0.405 
_refine_ls_shell.R_factor_R_free_error            ? 
_refine_ls_shell.percent_reflns_R_free            ? 
_refine_ls_shell.number_reflns_R_free             26 
_refine_ls_shell.number_reflns_all                ? 
_refine_ls_shell.R_factor_all                     ? 
# 
_struct.entry_id                  4CIV 
_struct.title                     
;Crystal structure of Mycobacterium tuberculosis type 2 dehydroquinase in complex with (1R,4R,5R)-1,4,5-trihydroxy-3-hydroxymethylcyclohex-2-ene-1-carboxylic acid
;
_struct.pdbx_model_details        ? 
_struct.pdbx_CASP_flag            ? 
_struct.pdbx_model_type_details   ? 
# 
_struct_keywords.entry_id        4CIV 
_struct_keywords.pdbx_keywords   LYASE 
_struct_keywords.text            
'BACTERIAL PROTEINS, LYASE, INHIBITOR, PROTEIN BINDING, SHIKIMIS ACID PATHWAY, SUBSTRATE SPECIFICITY' 
# 
loop_
_struct_asym.id 
_struct_asym.pdbx_blank_PDB_chainid_flag 
_struct_asym.pdbx_modified 
_struct_asym.entity_id 
_struct_asym.details 
A N N 1 ? 
B N N 2 ? 
C N N 3 ? 
# 
_struct_biol.id   1 
# 
loop_
_struct_conf.conf_type_id 
_struct_conf.id 
_struct_conf.pdbx_PDB_helix_id 
_struct_conf.beg_label_comp_id 
_struct_conf.beg_label_asym_id 
_struct_conf.beg_label_seq_id 
_struct_conf.pdbx_beg_PDB_ins_code 
_struct_conf.end_label_comp_id 
_struct_conf.end_label_asym_id 
_struct_conf.end_label_seq_id 
_struct_conf.pdbx_end_PDB_ins_code 
_struct_conf.beg_auth_comp_id 
_struct_conf.beg_auth_asym_id 
_struct_conf.beg_auth_seq_id 
_struct_conf.end_auth_comp_id 
_struct_conf.end_auth_asym_id 
_struct_conf.end_auth_seq_id 
_struct_conf.pdbx_PDB_helix_class 
_struct_conf.details 
_struct_conf.pdbx_PDB_helix_length 
HELX_P HELX_P1 1 THR A 28  ? LEU A 43  ? THR A 28  LEU A 43  1 ? 16 
HELX_P HELX_P2 2 SER A 54  ? ALA A 69  ? SER A 54  ALA A 69  1 ? 16 
HELX_P HELX_P3 3 ALA A 76  ? THR A 80  ? ALA A 76  THR A 80  5 ? 5  
HELX_P HELX_P4 4 SER A 83  ? ALA A 91  ? SER A 83  ALA A 91  1 ? 9  
HELX_P HELX_P5 5 ASN A 104 ? ARG A 108 ? ASN A 104 ARG A 108 5 ? 5  
HELX_P HELX_P6 6 GLU A 109 ? HIS A 114 ? GLU A 109 HIS A 114 5 ? 6  
HELX_P HELX_P7 7 LEU A 117 ? ALA A 121 ? LEU A 117 ALA A 121 5 ? 5  
HELX_P HELX_P8 8 ILE A 130 ? HIS A 143 ? ILE A 130 HIS A 143 1 ? 14 
# 
_struct_conf_type.id          HELX_P 
_struct_conf_type.criteria    ? 
_struct_conf_type.reference   ? 
# 
_struct_sheet.id               AA 
_struct_sheet.type             ? 
_struct_sheet.number_strands   5 
_struct_sheet.details          ? 
# 
loop_
_struct_sheet_order.sheet_id 
_struct_sheet_order.range_id_1 
_struct_sheet_order.range_id_2 
_struct_sheet_order.offset 
_struct_sheet_order.sense 
AA 1 2 ? parallel 
AA 2 3 ? parallel 
AA 3 4 ? parallel 
AA 4 5 ? parallel 
# 
loop_
_struct_sheet_range.sheet_id 
_struct_sheet_range.id 
_struct_sheet_range.beg_label_comp_id 
_struct_sheet_range.beg_label_asym_id 
_struct_sheet_range.beg_label_seq_id 
_struct_sheet_range.pdbx_beg_PDB_ins_code 
_struct_sheet_range.end_label_comp_id 
_struct_sheet_range.end_label_asym_id 
_struct_sheet_range.end_label_seq_id 
_struct_sheet_range.pdbx_end_PDB_ins_code 
_struct_sheet_range.beg_auth_comp_id 
_struct_sheet_range.beg_auth_asym_id 
_struct_sheet_range.beg_auth_seq_id 
_struct_sheet_range.end_auth_comp_id 
_struct_sheet_range.end_auth_asym_id 
_struct_sheet_range.end_auth_seq_id 
AA 1 LYS A 46  ? GLN A 51  ? LYS A 46  GLN A 51  
AA 2 ILE A 4   ? ASN A 9   ? ILE A 4   ASN A 9   
AA 3 VAL A 72  ? ASN A 75  ? VAL A 72  ASN A 75  
AA 4 LEU A 97  ? HIS A 101 ? LEU A 97  HIS A 101 
AA 5 GLY A 123 ? VAL A 126 ? GLY A 123 VAL A 126 
# 
loop_
_pdbx_struct_sheet_hbond.sheet_id 
_pdbx_struct_sheet_hbond.range_id_1 
_pdbx_struct_sheet_hbond.range_id_2 
_pdbx_struct_sheet_hbond.range_1_label_atom_id 
_pdbx_struct_sheet_hbond.range_1_label_comp_id 
_pdbx_struct_sheet_hbond.range_1_label_asym_id 
_pdbx_struct_sheet_hbond.range_1_label_seq_id 
_pdbx_struct_sheet_hbond.range_1_PDB_ins_code 
_pdbx_struct_sheet_hbond.range_1_auth_atom_id 
_pdbx_struct_sheet_hbond.range_1_auth_comp_id 
_pdbx_struct_sheet_hbond.range_1_auth_asym_id 
_pdbx_struct_sheet_hbond.range_1_auth_seq_id 
_pdbx_struct_sheet_hbond.range_2_label_atom_id 
_pdbx_struct_sheet_hbond.range_2_label_comp_id 
_pdbx_struct_sheet_hbond.range_2_label_asym_id 
_pdbx_struct_sheet_hbond.range_2_label_seq_id 
_pdbx_struct_sheet_hbond.range_2_PDB_ins_code 
_pdbx_struct_sheet_hbond.range_2_auth_atom_id 
_pdbx_struct_sheet_hbond.range_2_auth_comp_id 
_pdbx_struct_sheet_hbond.range_2_auth_asym_id 
_pdbx_struct_sheet_hbond.range_2_auth_seq_id 
AA 1 2 N VAL A 48 ? N VAL A 48 O VAL A 5   ? O VAL A 5   
AA 2 3 N ILE A 8  ? N ILE A 8  O ILE A 73  ? O ILE A 73  
AA 3 4 N LEU A 74 ? N LEU A 74 O ILE A 98  ? O ILE A 98  
AA 4 5 N GLU A 99 ? N GLU A 99 O GLY A 123 ? O GLY A 123 
# 
_struct_site.id                   AC1 
_struct_site.pdbx_evidence_code   Software 
_struct_site.pdbx_auth_asym_id    A 
_struct_site.pdbx_auth_comp_id    48P 
_struct_site.pdbx_auth_seq_id     201 
_struct_site.pdbx_auth_ins_code   ? 
_struct_site.pdbx_num_residues    12 
_struct_site.details              'BINDING SITE FOR RESIDUE 48P A 201' 
# 
loop_
_struct_site_gen.id 
_struct_site_gen.site_id 
_struct_site_gen.pdbx_num_res 
_struct_site_gen.label_comp_id 
_struct_site_gen.label_asym_id 
_struct_site_gen.label_seq_id 
_struct_site_gen.pdbx_auth_ins_code 
_struct_site_gen.auth_comp_id 
_struct_site_gen.auth_asym_id 
_struct_site_gen.auth_seq_id 
_struct_site_gen.label_atom_id 
_struct_site_gen.label_alt_id 
_struct_site_gen.symmetry 
_struct_site_gen.details 
1  AC1 12 ARG A 19  ? ARG A 19   . ? 1_555  ? 
2  AC1 12 ASN A 75  ? ASN A 75   . ? 1_555  ? 
3  AC1 12 GLY A 77  ? GLY A 77   . ? 1_555  ? 
4  AC1 12 GLY A 78  ? GLY A 78   . ? 1_555  ? 
5  AC1 12 HIS A 81  ? HIS A 81   . ? 1_555  ? 
6  AC1 12 ASP A 88  ? ASP A 88   . ? 32_555 ? 
7  AC1 12 HIS A 101 ? HIS A 101  . ? 1_555  ? 
8  AC1 12 ILE A 102 ? ILE A 102  . ? 1_555  ? 
9  AC1 12 SER A 103 ? SER A 103  . ? 1_555  ? 
10 AC1 12 ARG A 108 ? ARG A 108  . ? 1_555  ? 
11 AC1 12 ARG A 112 ? ARG A 112  . ? 1_555  ? 
12 AC1 12 HOH C .   ? HOH A 2001 . ? 1_555  ? 
# 
_atom_sites.entry_id                    4CIV 
_atom_sites.fract_transf_matrix[1][1]   -0.00260837 
_atom_sites.fract_transf_matrix[1][2]   0.00061801 
_atom_sites.fract_transf_matrix[1][3]   0.00745789 
_atom_sites.fract_transf_matrix[2][1]   -0.00113371 
_atom_sites.fract_transf_matrix[2][2]   -0.00783940 
_atom_sites.fract_transf_matrix[2][3]   0.00025311 
_atom_sites.fract_transf_matrix[3][1]   0.00739708 
_atom_sites.fract_transf_matrix[3][2]   -0.00098358 
_atom_sites.fract_transf_matrix[3][3]   0.00266861 
_atom_sites.fract_transf_vector[1]      0.060029 
_atom_sites.fract_transf_vector[2]      0.071810 
_atom_sites.fract_transf_vector[3]      0.259718 
# 
loop_
_atom_type.symbol 
C 
N 
O 
S 
# 
loop_
_atom_site.group_PDB 
_atom_site.id 
_atom_site.type_symbol 
_atom_site.label_atom_id 
_atom_site.label_alt_id 
_atom_site.label_comp_id 
_atom_site.label_asym_id 
_atom_site.label_entity_id 
_atom_site.label_seq_id 
_atom_site.pdbx_PDB_ins_code 
_atom_site.Cartn_x 
_atom_site.Cartn_y 
_atom_site.Cartn_z 
_atom_site.occupancy 
_atom_site.B_iso_or_equiv 
_atom_site.pdbx_formal_charge 
_atom_site.auth_seq_id 
_atom_site.auth_comp_id 
_atom_site.auth_asym_id 
_atom_site.auth_atom_id 
_atom_site.pdbx_PDB_model_num 
ATOM   1    N N   . LEU A 1 3   ? -10.105 -6.372  -11.343 1.00 45.75 ? 3    LEU A N   1 
ATOM   2    C CA  . LEU A 1 3   ? -11.475 -6.517  -10.765 1.00 45.05 ? 3    LEU A CA  1 
ATOM   3    C C   . LEU A 1 3   ? -11.485 -6.361  -9.238  1.00 42.70 ? 3    LEU A C   1 
ATOM   4    O O   . LEU A 1 3   ? -12.374 -5.712  -8.690  1.00 41.86 ? 3    LEU A O   1 
ATOM   5    C CB  . LEU A 1 3   ? -12.062 -7.868  -11.170 1.00 46.96 ? 3    LEU A CB  1 
ATOM   6    C CG  . LEU A 1 3   ? -13.462 -8.227  -10.662 1.00 48.44 ? 3    LEU A CG  1 
ATOM   7    C CD1 . LEU A 1 3   ? -14.461 -7.082  -10.824 1.00 48.65 ? 3    LEU A CD1 1 
ATOM   8    C CD2 . LEU A 1 3   ? -13.941 -9.483  -11.378 1.00 47.89 ? 3    LEU A CD2 1 
ATOM   9    N N   . ILE A 1 4   ? -10.502 -6.967  -8.570  1.00 40.62 ? 4    ILE A N   1 
ATOM   10   C CA  . ILE A 1 4   ? -10.267 -6.783  -7.131  1.00 39.88 ? 4    ILE A CA  1 
ATOM   11   C C   . ILE A 1 4   ? -8.875  -6.217  -6.861  1.00 38.23 ? 4    ILE A C   1 
ATOM   12   O O   . ILE A 1 4   ? -7.889  -6.693  -7.436  1.00 37.65 ? 4    ILE A O   1 
ATOM   13   C CB  . ILE A 1 4   ? -10.359 -8.123  -6.372  1.00 41.54 ? 4    ILE A CB  1 
ATOM   14   C CG1 . ILE A 1 4   ? -11.814 -8.581  -6.302  1.00 42.37 ? 4    ILE A CG1 1 
ATOM   15   C CG2 . ILE A 1 4   ? -9.767  -8.009  -4.965  1.00 41.58 ? 4    ILE A CG2 1 
ATOM   16   C CD1 . ILE A 1 4   ? -12.016 -9.865  -5.532  1.00 42.22 ? 4    ILE A CD1 1 
ATOM   17   N N   . VAL A 1 5   ? -8.795  -5.238  -5.959  1.00 36.32 ? 5    VAL A N   1 
ATOM   18   C CA  . VAL A 1 5   ? -7.512  -4.686  -5.517  1.00 35.71 ? 5    VAL A CA  1 
ATOM   19   C C   . VAL A 1 5   ? -7.338  -4.871  -4.014  1.00 35.46 ? 5    VAL A C   1 
ATOM   20   O O   . VAL A 1 5   ? -8.267  -4.657  -3.248  1.00 36.50 ? 5    VAL A O   1 
ATOM   21   C CB  . VAL A 1 5   ? -7.385  -3.185  -5.844  1.00 35.34 ? 5    VAL A CB  1 
ATOM   22   C CG1 . VAL A 1 5   ? -5.980  -2.687  -5.539  1.00 34.74 ? 5    VAL A CG1 1 
ATOM   23   C CG2 . VAL A 1 5   ? -7.725  -2.931  -7.305  1.00 35.51 ? 5    VAL A CG2 1 
ATOM   24   N N   . ASN A 1 6   ? -6.136  -5.273  -3.608  1.00 35.03 ? 6    ASN A N   1 
ATOM   25   C CA  . ASN A 1 6   ? -5.788  -5.411  -2.197  1.00 34.01 ? 6    ASN A CA  1 
ATOM   26   C C   . ASN A 1 6   ? -5.018  -4.192  -1.739  1.00 33.57 ? 6    ASN A C   1 
ATOM   27   O O   . ASN A 1 6   ? -3.901  -3.960  -2.207  1.00 34.11 ? 6    ASN A O   1 
ATOM   28   C CB  . ASN A 1 6   ? -4.896  -6.635  -1.977  1.00 33.83 ? 6    ASN A CB  1 
ATOM   29   C CG  . ASN A 1 6   ? -5.668  -7.931  -1.963  1.00 33.20 ? 6    ASN A CG  1 
ATOM   30   O OD1 . ASN A 1 6   ? -6.600  -8.084  -1.187  1.00 33.75 ? 6    ASN A OD1 1 
ATOM   31   N ND2 . ASN A 1 6   ? -5.272  -8.880  -2.807  1.00 32.62 ? 6    ASN A ND2 1 
ATOM   32   N N   . VAL A 1 7   ? -5.599  -3.419  -0.826  1.00 32.51 ? 7    VAL A N   1 
ATOM   33   C CA  . VAL A 1 7   ? -4.870  -2.328  -0.181  1.00 31.88 ? 7    VAL A CA  1 
ATOM   34   C C   . VAL A 1 7   ? -4.389  -2.763  1.213   1.00 31.43 ? 7    VAL A C   1 
ATOM   35   O O   . VAL A 1 7   ? -5.185  -3.081  2.095   1.00 30.80 ? 7    VAL A O   1 
ATOM   36   C CB  . VAL A 1 7   ? -5.711  -1.040  -0.101  1.00 31.45 ? 7    VAL A CB  1 
ATOM   37   C CG1 . VAL A 1 7   ? -4.908  0.077   0.542   1.00 31.68 ? 7    VAL A CG1 1 
ATOM   38   C CG2 . VAL A 1 7   ? -6.157  -0.619  -1.491  1.00 31.34 ? 7    VAL A CG2 1 
ATOM   39   N N   . ILE A 1 8   ? -3.071  -2.765  1.391   1.00 31.21 ? 8    ILE A N   1 
ATOM   40   C CA  . ILE A 1 8   ? -2.429  -3.281  2.593   1.00 31.12 ? 8    ILE A CA  1 
ATOM   41   C C   . ILE A 1 8   ? -1.593  -2.201  3.284   1.00 31.12 ? 8    ILE A C   1 
ATOM   42   O O   . ILE A 1 8   ? -0.632  -1.686  2.715   1.00 31.77 ? 8    ILE A O   1 
ATOM   43   C CB  . ILE A 1 8   ? -1.528  -4.477  2.232   1.00 31.18 ? 8    ILE A CB  1 
ATOM   44   C CG1 . ILE A 1 8   ? -2.397  -5.622  1.696   1.00 31.46 ? 8    ILE A CG1 1 
ATOM   45   C CG2 . ILE A 1 8   ? -0.709  -4.921  3.439   1.00 31.28 ? 8    ILE A CG2 1 
ATOM   46   C CD1 . ILE A 1 8   ? -1.617  -6.817  1.190   1.00 31.69 ? 8    ILE A CD1 1 
ATOM   47   N N   . ASN A 1 9   ? -1.955  -1.873  4.519   1.00 30.65 ? 9    ASN A N   1 
ATOM   48   C CA  . ASN A 1 9   ? -1.235  -0.874  5.292   1.00 30.27 ? 9    ASN A CA  1 
ATOM   49   C C   . ASN A 1 9   ? -0.491  -1.496  6.463   1.00 30.11 ? 9    ASN A C   1 
ATOM   50   O O   . ASN A 1 9   ? -1.056  -2.278  7.222   1.00 30.93 ? 9    ASN A O   1 
ATOM   51   C CB  . ASN A 1 9   ? -2.204  0.186   5.799   1.00 30.42 ? 9    ASN A CB  1 
ATOM   52   C CG  . ASN A 1 9   ? -2.683  1.104   4.702   1.00 30.57 ? 9    ASN A CG  1 
ATOM   53   O OD1 . ASN A 1 9   ? -2.040  1.246   3.662   1.00 30.99 ? 9    ASN A OD1 1 
ATOM   54   N ND2 . ASN A 1 9   ? -3.817  1.742   4.931   1.00 30.59 ? 9    ASN A ND2 1 
ATOM   55   N N   . GLY A 1 10  ? 0.780   -1.135  6.611   1.00 29.67 ? 10   GLY A N   1 
ATOM   56   C CA  . GLY A 1 10  ? 1.629   -1.693  7.658   1.00 29.36 ? 10   GLY A CA  1 
ATOM   57   C C   . GLY A 1 10  ? 1.508   -0.959  8.981   1.00 29.64 ? 10   GLY A C   1 
ATOM   58   O O   . GLY A 1 10  ? 0.533   -0.250  9.212   1.00 30.01 ? 10   GLY A O   1 
ATOM   59   N N   . PRO A 1 11  ? 2.515   -1.107  9.856   1.00 29.94 ? 11   PRO A N   1 
ATOM   60   C CA  . PRO A 1 11  ? 2.450   -0.611  11.232  1.00 29.79 ? 11   PRO A CA  1 
ATOM   61   C C   . PRO A 1 11  ? 2.175   0.873   11.345  1.00 30.28 ? 11   PRO A C   1 
ATOM   62   O O   . PRO A 1 11  ? 2.566   1.634   10.463  1.00 31.54 ? 11   PRO A O   1 
ATOM   63   C CB  . PRO A 1 11  ? 3.850   -0.902  11.779  1.00 29.86 ? 11   PRO A CB  1 
ATOM   64   C CG  . PRO A 1 11  ? 4.391   -1.985  10.921  1.00 29.93 ? 11   PRO A CG  1 
ATOM   65   C CD  . PRO A 1 11  ? 3.812   -1.746  9.565   1.00 30.13 ? 11   PRO A CD  1 
ATOM   66   N N   . ASN A 1 12  ? 1.513   1.272   12.430  1.00 30.53 ? 12   ASN A N   1 
ATOM   67   C CA  . ASN A 1 12  ? 1.288   2.693   12.760  1.00 30.33 ? 12   ASN A CA  1 
ATOM   68   C C   . ASN A 1 12  ? 0.410   3.458   11.775  1.00 30.51 ? 12   ASN A C   1 
ATOM   69   O O   . ASN A 1 12  ? 0.283   4.677   11.885  1.00 29.81 ? 12   ASN A O   1 
ATOM   70   C CB  . ASN A 1 12  ? 2.622   3.445   12.929  1.00 29.99 ? 12   ASN A CB  1 
ATOM   71   C CG  . ASN A 1 12  ? 3.495   2.861   14.025  1.00 29.46 ? 12   ASN A CG  1 
ATOM   72   O OD1 . ASN A 1 12  ? 3.000   2.399   15.042  1.00 29.03 ? 12   ASN A OD1 1 
ATOM   73   N ND2 . ASN A 1 12  ? 4.803   2.886   13.822  1.00 29.56 ? 12   ASN A ND2 1 
ATOM   74   N N   . LEU A 1 13  ? -0.193  2.754   10.818  1.00 31.66 ? 13   LEU A N   1 
ATOM   75   C CA  . LEU A 1 13  ? -1.090  3.391   9.857   1.00 32.43 ? 13   LEU A CA  1 
ATOM   76   C C   . LEU A 1 13  ? -2.519  3.330   10.355  1.00 33.31 ? 13   LEU A C   1 
ATOM   77   O O   . LEU A 1 13  ? -3.413  3.886   9.734   1.00 33.75 ? 13   LEU A O   1 
ATOM   78   C CB  . LEU A 1 13  ? -0.936  2.792   8.452   1.00 32.09 ? 13   LEU A CB  1 
ATOM   79   C CG  . LEU A 1 13  ? 0.319   3.365   7.759   1.00 32.56 ? 13   LEU A CG  1 
ATOM   80   C CD1 . LEU A 1 13  ? 0.932   2.376   6.777   1.00 32.72 ? 13   LEU A CD1 1 
ATOM   81   C CD2 . LEU A 1 13  ? 0.049   4.712   7.087   1.00 32.40 ? 13   LEU A CD2 1 
ATOM   82   N N   . GLY A 1 14  ? -2.727  2.682   11.499  1.00 34.74 ? 14   GLY A N   1 
ATOM   83   C CA  . GLY A 1 14  ? -3.997  2.787   12.211  1.00 36.30 ? 14   GLY A CA  1 
ATOM   84   C C   . GLY A 1 14  ? -4.203  4.173   12.800  1.00 36.58 ? 14   GLY A C   1 
ATOM   85   O O   . GLY A 1 14  ? -5.338  4.635   12.964  1.00 34.81 ? 14   GLY A O   1 
ATOM   86   N N   . ARG A 1 15  ? -3.086  4.848   13.051  1.00 38.02 ? 15   ARG A N   1 
ATOM   87   C CA  . ARG A 1 15  ? -3.034  6.017   13.909  1.00 39.81 ? 15   ARG A CA  1 
ATOM   88   C C   . ARG A 1 15  ? -3.285  7.337   13.200  1.00 41.94 ? 15   ARG A C   1 
ATOM   89   O O   . ARG A 1 15  ? -3.238  8.382   13.846  1.00 43.69 ? 15   ARG A O   1 
ATOM   90   C CB  . ARG A 1 15  ? -1.658  6.083   14.567  1.00 39.88 ? 15   ARG A CB  1 
ATOM   91   C CG  . ARG A 1 15  ? -1.248  4.800   15.282  1.00 40.17 ? 15   ARG A CG  1 
ATOM   92   C CD  . ARG A 1 15  ? -1.929  4.660   16.629  1.00 40.03 ? 15   ARG A CD  1 
ATOM   93   N NE  . ARG A 1 15  ? -1.599  5.790   17.489  1.00 40.34 ? 15   ARG A NE  1 
ATOM   94   C CZ  . ARG A 1 15  ? -1.973  5.910   18.757  1.00 40.43 ? 15   ARG A CZ  1 
ATOM   95   N NH1 . ARG A 1 15  ? -2.691  4.958   19.340  1.00 40.72 ? 15   ARG A NH1 1 
ATOM   96   N NH2 . ARG A 1 15  ? -1.620  6.991   19.444  1.00 40.31 ? 15   ARG A NH2 1 
ATOM   97   N N   . LEU A 1 16  ? -3.544  7.301   11.891  1.00 43.76 ? 16   LEU A N   1 
ATOM   98   C CA  . LEU A 1 16  ? -3.773  8.527   11.114  1.00 44.91 ? 16   LEU A CA  1 
ATOM   99   C C   . LEU A 1 16  ? -4.783  9.431   11.823  1.00 46.93 ? 16   LEU A C   1 
ATOM   100  O O   . LEU A 1 16  ? -5.796  8.966   12.349  1.00 45.96 ? 16   LEU A O   1 
ATOM   101  C CB  . LEU A 1 16  ? -4.265  8.214   9.697   1.00 45.19 ? 16   LEU A CB  1 
ATOM   102  C CG  . LEU A 1 16  ? -3.497  7.186   8.860   1.00 45.31 ? 16   LEU A CG  1 
ATOM   103  C CD1 . LEU A 1 16  ? -4.095  7.080   7.462   1.00 45.12 ? 16   LEU A CD1 1 
ATOM   104  C CD2 . LEU A 1 16  ? -2.018  7.536   8.800   1.00 45.42 ? 16   LEU A CD2 1 
ATOM   105  N N   . GLY A 1 17  ? -4.500  10.727  11.827  1.00 50.70 ? 17   GLY A N   1 
ATOM   106  C CA  . GLY A 1 17  ? -5.191  11.660  12.702  1.00 53.56 ? 17   GLY A CA  1 
ATOM   107  C C   . GLY A 1 17  ? -4.343  11.828  13.942  1.00 56.33 ? 17   GLY A C   1 
ATOM   108  O O   . GLY A 1 17  ? -3.340  12.546  13.924  1.00 54.28 ? 17   GLY A O   1 
ATOM   109  N N   . ARG A 1 18  ? -4.757  11.154  15.015  1.00 60.29 ? 18   ARG A N   1 
ATOM   110  C CA  . ARG A 1 18  ? -3.947  10.976  16.235  1.00 61.47 ? 18   ARG A CA  1 
ATOM   111  C C   . ARG A 1 18  ? -2.434  11.129  15.984  1.00 61.67 ? 18   ARG A C   1 
ATOM   112  O O   . ARG A 1 18  ? -1.736  11.797  16.749  1.00 59.26 ? 18   ARG A O   1 
ATOM   113  C CB  . ARG A 1 18  ? -4.190  9.586   16.854  1.00 61.82 ? 18   ARG A CB  1 
ATOM   114  C CG  . ARG A 1 18  ? -5.576  8.975   16.656  1.00 62.08 ? 18   ARG A CG  1 
ATOM   115  C CD  . ARG A 1 18  ? -5.537  7.463   16.845  1.00 62.74 ? 18   ARG A CD  1 
ATOM   116  N NE  . ARG A 1 18  ? -6.775  6.811   16.410  1.00 63.30 ? 18   ARG A NE  1 
ATOM   117  C CZ  . ARG A 1 18  ? -6.998  5.497   16.450  1.00 63.64 ? 18   ARG A CZ  1 
ATOM   118  N NH1 . ARG A 1 18  ? -6.064  4.666   16.905  1.00 65.16 ? 18   ARG A NH1 1 
ATOM   119  N NH2 . ARG A 1 18  ? -8.164  5.008   16.029  1.00 63.43 ? 18   ARG A NH2 1 
ATOM   120  N N   . ARG A 1 19  ? -1.953  10.483  14.920  1.00 64.29 ? 19   ARG A N   1 
ATOM   121  C CA  . ARG A 1 19  ? -0.530  10.488  14.522  1.00 69.10 ? 19   ARG A CA  1 
ATOM   122  C C   . ARG A 1 19  ? 0.100   11.887  14.615  1.00 70.00 ? 19   ARG A C   1 
ATOM   123  O O   . ARG A 1 19  ? 1.275   12.034  14.962  1.00 68.69 ? 19   ARG A O   1 
ATOM   124  C CB  . ARG A 1 19  ? -0.371  9.942   13.082  1.00 69.67 ? 19   ARG A CB  1 
ATOM   125  C CG  . ARG A 1 19  ? 0.787   8.972   12.852  1.00 68.33 ? 19   ARG A CG  1 
ATOM   126  C CD  . ARG A 1 19  ? 0.651   8.256   11.504  1.00 68.56 ? 19   ARG A CD  1 
ATOM   127  N NE  . ARG A 1 19  ? 0.693   9.172   10.348  1.00 68.85 ? 19   ARG A NE  1 
ATOM   128  C CZ  . ARG A 1 19  ? 1.586   9.143   9.346   1.00 68.21 ? 19   ARG A CZ  1 
ATOM   129  N NH1 . ARG A 1 19  ? 2.556   8.229   9.298   1.00 68.63 ? 19   ARG A NH1 1 
ATOM   130  N NH2 . ARG A 1 19  ? 1.505   10.040  8.365   1.00 65.79 ? 19   ARG A NH2 1 
ATOM   131  N N   . GLY A 1 25  ? -5.072  18.497  11.998  1.00 60.46 ? 25   GLY A N   1 
ATOM   132  C CA  . GLY A 1 25  ? -5.654  18.074  10.721  1.00 61.21 ? 25   GLY A CA  1 
ATOM   133  C C   . GLY A 1 25  ? -5.287  16.639  10.374  1.00 61.06 ? 25   GLY A C   1 
ATOM   134  O O   . GLY A 1 25  ? -4.186  16.371  9.876   1.00 63.52 ? 25   GLY A O   1 
ATOM   135  N N   . GLY A 1 26  ? -6.211  15.715  10.629  1.00 57.49 ? 26   GLY A N   1 
ATOM   136  C CA  . GLY A 1 26  ? -5.922  14.297  10.479  1.00 54.97 ? 26   GLY A CA  1 
ATOM   137  C C   . GLY A 1 26  ? -7.098  13.461  10.020  1.00 52.89 ? 26   GLY A C   1 
ATOM   138  O O   . GLY A 1 26  ? -8.117  13.370  10.714  1.00 53.29 ? 26   GLY A O   1 
ATOM   139  N N   . THR A 1 27  ? -6.946  12.852  8.844   1.00 49.40 ? 27   THR A N   1 
ATOM   140  C CA  . THR A 1 27  ? -7.942  11.946  8.284   1.00 46.72 ? 27   THR A CA  1 
ATOM   141  C C   . THR A 1 27  ? -7.644  10.546  8.806   1.00 44.90 ? 27   THR A C   1 
ATOM   142  O O   . THR A 1 27  ? -6.550  10.037  8.591   1.00 44.89 ? 27   THR A O   1 
ATOM   143  C CB  . THR A 1 27  ? -7.887  11.969  6.742   1.00 45.85 ? 27   THR A CB  1 
ATOM   144  O OG1 . THR A 1 27  ? -8.210  13.285  6.277   1.00 45.29 ? 27   THR A OG1 1 
ATOM   145  C CG2 . THR A 1 27  ? -8.860  10.967  6.129   1.00 45.89 ? 27   THR A CG2 1 
ATOM   146  N N   . THR A 1 28  ? -8.595  9.928   9.505   1.00 42.92 ? 28   THR A N   1 
ATOM   147  C CA  . THR A 1 28  ? -8.328  8.630   10.126  1.00 41.76 ? 28   THR A CA  1 
ATOM   148  C C   . THR A 1 28  ? -8.397  7.487   9.135   1.00 40.25 ? 28   THR A C   1 
ATOM   149  O O   . THR A 1 28  ? -8.903  7.642   8.029   1.00 41.02 ? 28   THR A O   1 
ATOM   150  C CB  . THR A 1 28  ? -9.249  8.325   11.327  1.00 42.41 ? 28   THR A CB  1 
ATOM   151  O OG1 . THR A 1 28  ? -8.756  7.162   12.007  1.00 43.40 ? 28   THR A OG1 1 
ATOM   152  C CG2 . THR A 1 28  ? -10.692 8.083   10.897  1.00 42.24 ? 28   THR A CG2 1 
ATOM   153  N N   . HIS A 1 29  ? -7.876  6.340   9.555   1.00 39.38 ? 29   HIS A N   1 
ATOM   154  C CA  . HIS A 1 29  ? -7.819  5.153   8.709   1.00 39.34 ? 29   HIS A CA  1 
ATOM   155  C C   . HIS A 1 29  ? -9.223  4.712   8.293   1.00 39.84 ? 29   HIS A C   1 
ATOM   156  O O   . HIS A 1 29  ? -9.460  4.409   7.127   1.00 38.44 ? 29   HIS A O   1 
ATOM   157  C CB  . HIS A 1 29  ? -7.085  4.016   9.427   1.00 38.41 ? 29   HIS A CB  1 
ATOM   158  C CG  . HIS A 1 29  ? -6.731  2.869   8.535   1.00 37.40 ? 29   HIS A CG  1 
ATOM   159  N ND1 . HIS A 1 29  ? -7.611  1.847   8.256   1.00 37.62 ? 29   HIS A ND1 1 
ATOM   160  C CD2 . HIS A 1 29  ? -5.596  2.583   7.857   1.00 37.14 ? 29   HIS A CD2 1 
ATOM   161  C CE1 . HIS A 1 29  ? -7.032  0.980   7.443   1.00 37.60 ? 29   HIS A CE1 1 
ATOM   162  N NE2 . HIS A 1 29  ? -5.808  1.403   7.186   1.00 37.14 ? 29   HIS A NE2 1 
ATOM   163  N N   . ASP A 1 30  ? -10.152 4.703   9.244   1.00 41.84 ? 30   ASP A N   1 
ATOM   164  C CA  . ASP A 1 30  ? -11.558 4.421   8.943   1.00 44.24 ? 30   ASP A CA  1 
ATOM   165  C C   . ASP A 1 30  ? -12.103 5.315   7.827   1.00 44.77 ? 30   ASP A C   1 
ATOM   166  O O   . ASP A 1 30  ? -12.842 4.845   6.951   1.00 46.29 ? 30   ASP A O   1 
ATOM   167  C CB  . ASP A 1 30  ? -12.430 4.563   10.197  1.00 45.87 ? 30   ASP A CB  1 
ATOM   168  C CG  . ASP A 1 30  ? -12.626 3.248   10.933  1.00 46.67 ? 30   ASP A CG  1 
ATOM   169  O OD1 . ASP A 1 30  ? -12.703 2.196   10.260  1.00 47.73 ? 30   ASP A OD1 1 
ATOM   170  O OD2 . ASP A 1 30  ? -12.726 3.275   12.182  1.00 46.93 ? 30   ASP A OD2 1 
ATOM   171  N N   . GLU A 1 31  ? -11.743 6.596   7.865   1.00 44.01 ? 31   GLU A N   1 
ATOM   172  C CA  . GLU A 1 31  ? -12.053 7.504   6.769   1.00 43.65 ? 31   GLU A CA  1 
ATOM   173  C C   . GLU A 1 31  ? -11.307 7.057   5.519   1.00 41.09 ? 31   GLU A C   1 
ATOM   174  O O   . GLU A 1 31  ? -11.884 6.997   4.440   1.00 40.95 ? 31   GLU A O   1 
ATOM   175  C CB  . GLU A 1 31  ? -11.685 8.945   7.121   1.00 46.19 ? 31   GLU A CB  1 
ATOM   176  C CG  . GLU A 1 31  ? -12.784 9.708   7.838   1.00 49.76 ? 31   GLU A CG  1 
ATOM   177  C CD  . GLU A 1 31  ? -12.308 11.053  8.370   1.00 53.92 ? 31   GLU A CD  1 
ATOM   178  O OE1 . GLU A 1 31  ? -11.303 11.079  9.123   1.00 54.49 ? 31   GLU A OE1 1 
ATOM   179  O OE2 . GLU A 1 31  ? -12.945 12.083  8.038   1.00 56.86 ? 31   GLU A OE2 1 
ATOM   180  N N   . LEU A 1 32  ? -10.027 6.731   5.668   1.00 38.20 ? 32   LEU A N   1 
ATOM   181  C CA  . LEU A 1 32  ? -9.229  6.273   4.539   1.00 37.57 ? 32   LEU A CA  1 
ATOM   182  C C   . LEU A 1 32  ? -9.876  5.081   3.831   1.00 37.77 ? 32   LEU A C   1 
ATOM   183  O O   . LEU A 1 32  ? -9.994  5.068   2.594   1.00 38.10 ? 32   LEU A O   1 
ATOM   184  C CB  . LEU A 1 32  ? -7.812  5.907   4.985   1.00 37.09 ? 32   LEU A CB  1 
ATOM   185  C CG  . LEU A 1 32  ? -6.878  5.280   3.943   1.00 36.34 ? 32   LEU A CG  1 
ATOM   186  C CD1 . LEU A 1 32  ? -6.478  6.298   2.896   1.00 36.58 ? 32   LEU A CD1 1 
ATOM   187  C CD2 . LEU A 1 32  ? -5.642  4.713   4.618   1.00 36.04 ? 32   LEU A CD2 1 
ATOM   188  N N   . VAL A 1 33  ? -10.290 4.085   4.610   1.00 36.44 ? 33   VAL A N   1 
ATOM   189  C CA  . VAL A 1 33  ? -10.972 2.928   4.044   1.00 35.98 ? 33   VAL A CA  1 
ATOM   190  C C   . VAL A 1 33  ? -12.220 3.406   3.313   1.00 36.65 ? 33   VAL A C   1 
ATOM   191  O O   . VAL A 1 33  ? -12.484 2.974   2.190   1.00 36.07 ? 33   VAL A O   1 
ATOM   192  C CB  . VAL A 1 33  ? -11.375 1.888   5.109   1.00 35.85 ? 33   VAL A CB  1 
ATOM   193  C CG1 . VAL A 1 33  ? -11.996 0.665   4.447   1.00 36.10 ? 33   VAL A CG1 1 
ATOM   194  C CG2 . VAL A 1 33  ? -10.168 1.474   5.937   1.00 36.28 ? 33   VAL A CG2 1 
ATOM   195  N N   . ALA A 1 34  ? -12.968 4.310   3.950   1.00 37.22 ? 34   ALA A N   1 
ATOM   196  C CA  . ALA A 1 34  ? -14.168 4.890   3.348   1.00 37.85 ? 34   ALA A CA  1 
ATOM   197  C C   . ALA A 1 34  ? -13.865 5.475   1.969   1.00 39.29 ? 34   ALA A C   1 
ATOM   198  O O   . ALA A 1 34  ? -14.473 5.055   0.978   1.00 39.74 ? 34   ALA A O   1 
ATOM   199  C CB  . ALA A 1 34  ? -14.780 5.944   4.262   1.00 37.66 ? 34   ALA A CB  1 
ATOM   200  N N   . LEU A 1 35  ? -12.921 6.424   1.919   1.00 40.83 ? 35   LEU A N   1 
ATOM   201  C CA  . LEU A 1 35  ? -12.417 7.006   0.656   1.00 41.61 ? 35   LEU A CA  1 
ATOM   202  C C   . LEU A 1 35  ? -12.165 5.939   -0.409  1.00 41.97 ? 35   LEU A C   1 
ATOM   203  O O   . LEU A 1 35  ? -12.872 5.858   -1.422  1.00 40.75 ? 35   LEU A O   1 
ATOM   204  C CB  . LEU A 1 35  ? -11.084 7.756   0.878   1.00 42.12 ? 35   LEU A CB  1 
ATOM   205  C CG  . LEU A 1 35  ? -10.996 9.266   1.150   1.00 42.85 ? 35   LEU A CG  1 
ATOM   206  C CD1 . LEU A 1 35  ? -11.909 10.074  0.235   1.00 42.89 ? 35   LEU A CD1 1 
ATOM   207  C CD2 . LEU A 1 35  ? -11.269 9.576   2.613   1.00 42.74 ? 35   LEU A CD2 1 
ATOM   208  N N   . ILE A 1 36  ? -11.147 5.120   -0.149  1.00 42.48 ? 36   ILE A N   1 
ATOM   209  C CA  . ILE A 1 36  ? -10.655 4.132   -1.110  1.00 42.42 ? 36   ILE A CA  1 
ATOM   210  C C   . ILE A 1 36  ? -11.838 3.364   -1.693  1.00 41.71 ? 36   ILE A C   1 
ATOM   211  O O   . ILE A 1 36  ? -12.003 3.311   -2.903  1.00 40.18 ? 36   ILE A O   1 
ATOM   212  C CB  . ILE A 1 36  ? -9.625  3.176   -0.443  1.00 42.39 ? 36   ILE A CB  1 
ATOM   213  C CG1 . ILE A 1 36  ? -8.349  3.942   -0.090  1.00 41.96 ? 36   ILE A CG1 1 
ATOM   214  C CG2 . ILE A 1 36  ? -9.255  2.015   -1.353  1.00 42.07 ? 36   ILE A CG2 1 
ATOM   215  C CD1 . ILE A 1 36  ? -7.426  3.192   0.838   1.00 42.15 ? 36   ILE A CD1 1 
ATOM   216  N N   . GLU A 1 37  ? -12.671 2.816   -0.809  1.00 42.70 ? 37   GLU A N   1 
ATOM   217  C CA  . GLU A 1 37  ? -13.841 2.022   -1.193  1.00 43.28 ? 37   GLU A CA  1 
ATOM   218  C C   . GLU A 1 37  ? -14.865 2.782   -2.054  1.00 44.31 ? 37   GLU A C   1 
ATOM   219  O O   . GLU A 1 37  ? -15.591 2.159   -2.835  1.00 44.02 ? 37   GLU A O   1 
ATOM   220  C CB  . GLU A 1 37  ? -14.532 1.462   0.063   1.00 42.96 ? 37   GLU A CB  1 
ATOM   221  C CG  . GLU A 1 37  ? -13.718 0.405   0.807   1.00 41.68 ? 37   GLU A CG  1 
ATOM   222  C CD  . GLU A 1 37  ? -14.437 -0.173  2.017   1.00 40.33 ? 37   GLU A CD  1 
ATOM   223  O OE1 . GLU A 1 37  ? -15.261 0.536   2.631   1.00 40.36 ? 37   GLU A OE1 1 
ATOM   224  O OE2 . GLU A 1 37  ? -14.167 -1.339  2.365   1.00 38.84 ? 37   GLU A OE2 1 
ATOM   225  N N   . ARG A 1 38  ? -14.926 4.110   -1.911  1.00 44.48 ? 38   ARG A N   1 
ATOM   226  C CA  . ARG A 1 38  ? -15.825 4.939   -2.725  1.00 45.09 ? 38   ARG A CA  1 
ATOM   227  C C   . ARG A 1 38  ? -15.228 5.194   -4.104  1.00 43.58 ? 38   ARG A C   1 
ATOM   228  O O   . ARG A 1 38  ? -15.845 4.896   -5.132  1.00 41.85 ? 38   ARG A O   1 
ATOM   229  C CB  . ARG A 1 38  ? -16.105 6.276   -2.027  1.00 47.51 ? 38   ARG A CB  1 
ATOM   230  C CG  . ARG A 1 38  ? -17.272 7.060   -2.616  1.00 49.60 ? 38   ARG A CG  1 
ATOM   231  C CD  . ARG A 1 38  ? -17.421 8.423   -1.960  1.00 51.20 ? 38   ARG A CD  1 
ATOM   232  N NE  . ARG A 1 38  ? -16.265 9.281   -2.215  1.00 53.18 ? 38   ARG A NE  1 
ATOM   233  C CZ  . ARG A 1 38  ? -16.060 10.475  -1.654  1.00 55.05 ? 38   ARG A CZ  1 
ATOM   234  N NH1 . ARG A 1 38  ? -16.938 10.985  -0.786  1.00 53.79 ? 38   ARG A NH1 1 
ATOM   235  N NH2 . ARG A 1 38  ? -14.962 11.167  -1.963  1.00 55.48 ? 38   ARG A NH2 1 
ATOM   236  N N   . GLU A 1 39  ? -14.017 5.738   -4.119  1.00 43.92 ? 39   GLU A N   1 
ATOM   237  C CA  . GLU A 1 39  ? -13.296 6.004   -5.366  1.00 45.02 ? 39   GLU A CA  1 
ATOM   238  C C   . GLU A 1 39  ? -13.010 4.710   -6.135  1.00 44.51 ? 39   GLU A C   1 
ATOM   239  O O   . GLU A 1 39  ? -12.728 4.751   -7.328  1.00 44.78 ? 39   GLU A O   1 
ATOM   240  C CB  . GLU A 1 39  ? -11.994 6.777   -5.072  1.00 45.50 ? 39   GLU A CB  1 
ATOM   241  C CG  . GLU A 1 39  ? -11.025 6.982   -6.239  1.00 46.01 ? 39   GLU A CG  1 
ATOM   242  C CD  . GLU A 1 39  ? -11.437 8.080   -7.209  1.00 45.38 ? 39   GLU A CD  1 
ATOM   243  O OE1 . GLU A 1 39  ? -12.473 8.735   -6.989  1.00 45.75 ? 39   GLU A OE1 1 
ATOM   244  O OE2 . GLU A 1 39  ? -10.703 8.299   -8.196  1.00 45.42 ? 39   GLU A OE2 1 
ATOM   245  N N   . ALA A 1 40  ? -13.088 3.570   -5.448  1.00 44.64 ? 40   ALA A N   1 
ATOM   246  C CA  . ALA A 1 40  ? -12.881 2.260   -6.074  1.00 43.90 ? 40   ALA A CA  1 
ATOM   247  C C   . ALA A 1 40  ? -14.154 1.686   -6.684  1.00 43.33 ? 40   ALA A C   1 
ATOM   248  O O   . ALA A 1 40  ? -14.079 0.813   -7.545  1.00 43.78 ? 40   ALA A O   1 
ATOM   249  C CB  . ALA A 1 40  ? -12.304 1.278   -5.067  1.00 43.64 ? 40   ALA A CB  1 
ATOM   250  N N   . ALA A 1 41  ? -15.312 2.161   -6.234  1.00 42.84 ? 41   ALA A N   1 
ATOM   251  C CA  . ALA A 1 41  ? -16.589 1.724   -6.800  1.00 42.55 ? 41   ALA A CA  1 
ATOM   252  C C   . ALA A 1 41  ? -16.896 2.465   -8.093  1.00 41.29 ? 41   ALA A C   1 
ATOM   253  O O   . ALA A 1 41  ? -17.564 1.922   -8.969  1.00 39.56 ? 41   ALA A O   1 
ATOM   254  C CB  . ALA A 1 41  ? -17.718 1.918   -5.798  1.00 43.36 ? 41   ALA A CB  1 
ATOM   255  N N   . GLU A 1 42  ? -16.415 3.704   -8.199  1.00 41.94 ? 42   GLU A N   1 
ATOM   256  C CA  . GLU A 1 42  ? -16.544 4.488   -9.433  1.00 43.48 ? 42   GLU A CA  1 
ATOM   257  C C   . GLU A 1 42  ? -15.651 3.943   -10.543 1.00 42.92 ? 42   GLU A C   1 
ATOM   258  O O   . GLU A 1 42  ? -15.988 4.039   -11.726 1.00 42.34 ? 42   GLU A O   1 
ATOM   259  C CB  . GLU A 1 42  ? -16.195 5.959   -9.193  1.00 45.25 ? 42   GLU A CB  1 
ATOM   260  C CG  . GLU A 1 42  ? -17.205 6.718   -8.351  1.00 47.30 ? 42   GLU A CG  1 
ATOM   261  C CD  . GLU A 1 42  ? -16.735 8.118   -7.986  1.00 49.65 ? 42   GLU A CD  1 
ATOM   262  O OE1 . GLU A 1 42  ? -15.834 8.656   -8.674  1.00 50.19 ? 42   GLU A OE1 1 
ATOM   263  O OE2 . GLU A 1 42  ? -17.267 8.686   -7.005  1.00 51.58 ? 42   GLU A OE2 1 
ATOM   264  N N   . LEU A 1 43  ? -14.512 3.375   -10.156 1.00 42.51 ? 43   LEU A N   1 
ATOM   265  C CA  . LEU A 1 43  ? -13.570 2.820   -11.119 1.00 42.86 ? 43   LEU A CA  1 
ATOM   266  C C   . LEU A 1 43  ? -13.977 1.426   -11.600 1.00 43.27 ? 43   LEU A C   1 
ATOM   267  O O   . LEU A 1 43  ? -13.328 0.856   -12.482 1.00 43.47 ? 43   LEU A O   1 
ATOM   268  C CB  . LEU A 1 43  ? -12.161 2.794   -10.521 1.00 42.64 ? 43   LEU A CB  1 
ATOM   269  C CG  . LEU A 1 43  ? -11.553 4.177   -10.261 1.00 42.56 ? 43   LEU A CG  1 
ATOM   270  C CD1 . LEU A 1 43  ? -10.215 4.054   -9.550  1.00 42.81 ? 43   LEU A CD1 1 
ATOM   271  C CD2 . LEU A 1 43  ? -11.400 4.972   -11.550 1.00 42.84 ? 43   LEU A CD2 1 
ATOM   272  N N   . GLY A 1 44  ? -15.057 0.889   -11.032 1.00 43.88 ? 44   GLY A N   1 
ATOM   273  C CA  . GLY A 1 44  ? -15.533 -0.449  -11.371 1.00 44.34 ? 44   GLY A CA  1 
ATOM   274  C C   . GLY A 1 44  ? -14.741 -1.527  -10.656 1.00 43.99 ? 44   GLY A C   1 
ATOM   275  O O   . GLY A 1 44  ? -14.804 -2.696  -11.028 1.00 46.62 ? 44   GLY A O   1 
ATOM   276  N N   . LEU A 1 45  ? -14.002 -1.129  -9.624  1.00 42.27 ? 45   LEU A N   1 
ATOM   277  C CA  . LEU A 1 45  ? -13.159 -2.038  -8.866  1.00 40.97 ? 45   LEU A CA  1 
ATOM   278  C C   . LEU A 1 45  ? -13.796 -2.390  -7.534  1.00 39.95 ? 45   LEU A C   1 
ATOM   279  O O   . LEU A 1 45  ? -14.766 -1.764  -7.103  1.00 39.06 ? 45   LEU A O   1 
ATOM   280  C CB  . LEU A 1 45  ? -11.806 -1.383  -8.586  1.00 40.99 ? 45   LEU A CB  1 
ATOM   281  C CG  . LEU A 1 45  ? -10.957 -1.019  -9.795  1.00 41.56 ? 45   LEU A CG  1 
ATOM   282  C CD1 . LEU A 1 45  ? -9.748  -0.224  -9.327  1.00 41.39 ? 45   LEU A CD1 1 
ATOM   283  C CD2 . LEU A 1 45  ? -10.543 -2.274  -10.559 1.00 41.93 ? 45   LEU A CD2 1 
ATOM   284  N N   . LYS A 1 46  ? -13.234 -3.407  -6.892  1.00 38.84 ? 46   LYS A N   1 
ATOM   285  C CA  . LYS A 1 46  ? -13.474 -3.667  -5.483  1.00 37.23 ? 46   LYS A CA  1 
ATOM   286  C C   . LYS A 1 46  ? -12.154 -3.508  -4.723  1.00 36.88 ? 46   LYS A C   1 
ATOM   287  O O   . LYS A 1 46  ? -11.120 -4.061  -5.117  1.00 35.87 ? 46   LYS A O   1 
ATOM   288  C CB  . LYS A 1 46  ? -14.052 -5.069  -5.268  1.00 36.87 ? 46   LYS A CB  1 
ATOM   289  C CG  . LYS A 1 46  ? -14.383 -5.384  -3.811  1.00 36.52 ? 46   LYS A CG  1 
ATOM   290  C CD  . LYS A 1 46  ? -15.229 -6.642  -3.678  1.00 36.54 ? 46   LYS A CD  1 
ATOM   291  C CE  . LYS A 1 46  ? -15.664 -6.901  -2.239  1.00 35.49 ? 46   LYS A CE  1 
ATOM   292  N NZ  . LYS A 1 46  ? -16.526 -8.111  -2.122  1.00 34.25 ? 46   LYS A NZ  1 
ATOM   293  N N   . ALA A 1 47  ? -12.202 -2.740  -3.636  1.00 36.61 ? 47   ALA A N   1 
ATOM   294  C CA  . ALA A 1 47  ? -11.049 -2.529  -2.774  1.00 36.11 ? 47   ALA A CA  1 
ATOM   295  C C   . ALA A 1 47  ? -11.207 -3.289  -1.460  1.00 35.17 ? 47   ALA A C   1 
ATOM   296  O O   . ALA A 1 47  ? -12.124 -3.036  -0.689  1.00 33.50 ? 47   ALA A O   1 
ATOM   297  C CB  . ALA A 1 47  ? -10.859 -1.047  -2.506  1.00 36.51 ? 47   ALA A CB  1 
ATOM   298  N N   . VAL A 1 48  ? -10.292 -4.221  -1.225  1.00 35.63 ? 48   VAL A N   1 
ATOM   299  C CA  . VAL A 1 48  ? -10.204 -4.959  0.024   1.00 35.85 ? 48   VAL A CA  1 
ATOM   300  C C   . VAL A 1 48  ? -9.050  -4.377  0.847   1.00 36.16 ? 48   VAL A C   1 
ATOM   301  O O   . VAL A 1 48  ? -7.898  -4.760  0.661   1.00 36.36 ? 48   VAL A O   1 
ATOM   302  C CB  . VAL A 1 48  ? -9.958  -6.454  -0.256  1.00 35.94 ? 48   VAL A CB  1 
ATOM   303  C CG1 . VAL A 1 48  ? -9.920  -7.250  1.042   1.00 35.96 ? 48   VAL A CG1 1 
ATOM   304  C CG2 . VAL A 1 48  ? -11.030 -6.993  -1.193  1.00 36.07 ? 48   VAL A CG2 1 
ATOM   305  N N   . VAL A 1 49  ? -9.374  -3.455  1.753   1.00 37.01 ? 49   VAL A N   1 
ATOM   306  C CA  . VAL A 1 49  ? -8.374  -2.678  2.499   1.00 37.63 ? 49   VAL A CA  1 
ATOM   307  C C   . VAL A 1 49  ? -8.120  -3.228  3.904   1.00 39.41 ? 49   VAL A C   1 
ATOM   308  O O   . VAL A 1 49  ? -9.034  -3.295  4.720   1.00 41.42 ? 49   VAL A O   1 
ATOM   309  C CB  . VAL A 1 49  ? -8.829  -1.217  2.666   1.00 37.19 ? 49   VAL A CB  1 
ATOM   310  C CG1 . VAL A 1 49  ? -7.713  -0.372  3.265   1.00 37.30 ? 49   VAL A CG1 1 
ATOM   311  C CG2 . VAL A 1 49  ? -9.292  -0.651  1.330   1.00 37.92 ? 49   VAL A CG2 1 
ATOM   312  N N   . ARG A 1 50  ? -6.876  -3.587  4.202   1.00 40.67 ? 50   ARG A N   1 
ATOM   313  C CA  . ARG A 1 50  ? -6.526  -4.059  5.540   1.00 41.32 ? 50   ARG A CA  1 
ATOM   314  C C   . ARG A 1 50  ? -5.312  -3.334  6.118   1.00 40.62 ? 50   ARG A C   1 
ATOM   315  O O   . ARG A 1 50  ? -4.539  -2.701  5.393   1.00 43.26 ? 50   ARG A O   1 
ATOM   316  C CB  . ARG A 1 50  ? -6.299  -5.568  5.512   1.00 43.42 ? 50   ARG A CB  1 
ATOM   317  C CG  . ARG A 1 50  ? -7.609  -6.358  5.572   1.00 46.08 ? 50   ARG A CG  1 
ATOM   318  C CD  . ARG A 1 50  ? -7.598  -7.624  4.718   1.00 47.71 ? 50   ARG A CD  1 
ATOM   319  N NE  . ARG A 1 50  ? -6.974  -7.397  3.415   1.00 49.58 ? 50   ARG A NE  1 
ATOM   320  C CZ  . ARG A 1 50  ? -6.569  -8.362  2.590   1.00 51.38 ? 50   ARG A CZ  1 
ATOM   321  N NH1 . ARG A 1 50  ? -6.732  -9.647  2.909   1.00 52.18 ? 50   ARG A NH1 1 
ATOM   322  N NH2 . ARG A 1 50  ? -6.002  -8.038  1.428   1.00 51.40 ? 50   ARG A NH2 1 
ATOM   323  N N   . GLN A 1 51  ? -5.172  -3.409  7.436   1.00 37.41 ? 51   GLN A N   1 
ATOM   324  C CA  . GLN A 1 51  ? -4.057  -2.793  8.137   1.00 34.34 ? 51   GLN A CA  1 
ATOM   325  C C   . GLN A 1 51  ? -3.648  -3.708  9.259   1.00 33.87 ? 51   GLN A C   1 
ATOM   326  O O   . GLN A 1 51  ? -4.504  -4.245  9.963   1.00 33.86 ? 51   GLN A O   1 
ATOM   327  C CB  . GLN A 1 51  ? -4.463  -1.438  8.708   1.00 33.79 ? 51   GLN A CB  1 
ATOM   328  C CG  . GLN A 1 51  ? -3.299  -0.552  9.130   1.00 32.94 ? 51   GLN A CG  1 
ATOM   329  C CD  . GLN A 1 51  ? -2.738  -0.906  10.491  1.00 32.40 ? 51   GLN A CD  1 
ATOM   330  O OE1 . GLN A 1 51  ? -1.690  -1.536  10.604  1.00 30.64 ? 51   GLN A OE1 1 
ATOM   331  N NE2 . GLN A 1 51  ? -3.442  -0.501  11.535  1.00 33.01 ? 51   GLN A NE2 1 
ATOM   332  N N   . SER A 1 52  ? -2.342  -3.884  9.428   1.00 33.75 ? 52   SER A N   1 
ATOM   333  C CA  . SER A 1 52  ? -1.815  -4.655  10.553  1.00 33.82 ? 52   SER A CA  1 
ATOM   334  C C   . SER A 1 52  ? -0.471  -4.121  11.016  1.00 32.07 ? 52   SER A C   1 
ATOM   335  O O   . SER A 1 52  ? 0.325   -3.655  10.208  1.00 32.07 ? 52   SER A O   1 
ATOM   336  C CB  . SER A 1 52  ? -1.677  -6.131  10.182  1.00 34.56 ? 52   SER A CB  1 
ATOM   337  O OG  . SER A 1 52  ? -1.358  -6.915  11.322  1.00 36.07 ? 52   SER A OG  1 
ATOM   338  N N   . ASP A 1 53  ? -0.243  -4.177  12.325  1.00 30.69 ? 53   ASP A N   1 
ATOM   339  C CA  . ASP A 1 53  ? 1.069   -3.888  12.897  1.00 29.95 ? 53   ASP A CA  1 
ATOM   340  C C   . ASP A 1 53  ? 1.984   -5.109  12.838  1.00 29.31 ? 53   ASP A C   1 
ATOM   341  O O   . ASP A 1 53  ? 3.192   -4.990  13.043  1.00 28.11 ? 53   ASP A O   1 
ATOM   342  C CB  . ASP A 1 53  ? 0.933   -3.451  14.356  1.00 29.45 ? 53   ASP A CB  1 
ATOM   343  C CG  . ASP A 1 53  ? 0.469   -2.023  14.510  1.00 28.92 ? 53   ASP A CG  1 
ATOM   344  O OD1 . ASP A 1 53  ? 0.158   -1.323  13.522  1.00 28.74 ? 53   ASP A OD1 1 
ATOM   345  O OD2 . ASP A 1 53  ? 0.430   -1.597  15.668  1.00 29.32 ? 53   ASP A OD2 1 
ATOM   346  N N   . SER A 1 54  ? 1.400   -6.273  12.568  1.00 29.54 ? 54   SER A N   1 
ATOM   347  C CA  . SER A 1 54  ? 2.132   -7.533  12.553  1.00 30.06 ? 54   SER A CA  1 
ATOM   348  C C   . SER A 1 54  ? 2.675   -7.859  11.167  1.00 30.27 ? 54   SER A C   1 
ATOM   349  O O   . SER A 1 54  ? 1.904   -8.013  10.218  1.00 30.93 ? 54   SER A O   1 
ATOM   350  C CB  . SER A 1 54  ? 1.219   -8.668  13.011  1.00 30.15 ? 54   SER A CB  1 
ATOM   351  O OG  . SER A 1 54  ? 1.931   -9.890  13.076  1.00 30.49 ? 54   SER A OG  1 
ATOM   352  N N   . GLU A 1 55  ? 3.997   -7.978  11.058  1.00 30.05 ? 55   GLU A N   1 
ATOM   353  C CA  . GLU A 1 55  ? 4.634   -8.374  9.802   1.00 30.21 ? 55   GLU A CA  1 
ATOM   354  C C   . GLU A 1 55  ? 4.100   -9.727  9.283   1.00 31.18 ? 55   GLU A C   1 
ATOM   355  O O   . GLU A 1 55  ? 3.808   -9.873  8.090   1.00 31.13 ? 55   GLU A O   1 
ATOM   356  C CB  . GLU A 1 55  ? 6.154   -8.431  9.975   1.00 29.68 ? 55   GLU A CB  1 
ATOM   357  C CG  . GLU A 1 55  ? 6.921   -8.528  8.661   1.00 29.56 ? 55   GLU A CG  1 
ATOM   358  C CD  . GLU A 1 55  ? 8.432   -8.617  8.839   1.00 29.36 ? 55   GLU A CD  1 
ATOM   359  O OE1 . GLU A 1 55  ? 8.910   -8.855  9.970   1.00 29.64 ? 55   GLU A OE1 1 
ATOM   360  O OE2 . GLU A 1 55  ? 9.151   -8.459  7.834   1.00 28.99 ? 55   GLU A OE2 1 
ATOM   361  N N   . ALA A 1 56  ? 3.956   -10.696 10.188  1.00 31.80 ? 56   ALA A N   1 
ATOM   362  C CA  . ALA A 1 56  ? 3.479   -12.034 9.840   1.00 31.95 ? 56   ALA A CA  1 
ATOM   363  C C   . ALA A 1 56  ? 2.080   -12.008 9.246   1.00 33.49 ? 56   ALA A C   1 
ATOM   364  O O   . ALA A 1 56  ? 1.753   -12.833 8.394   1.00 34.18 ? 56   ALA A O   1 
ATOM   365  C CB  . ALA A 1 56  ? 3.509   -12.936 11.061  1.00 31.85 ? 56   ALA A CB  1 
ATOM   366  N N   . GLN A 1 57  ? 1.254   -11.073 9.714   1.00 35.54 ? 57   GLN A N   1 
ATOM   367  C CA  . GLN A 1 57  ? -0.076  -10.856 9.144   1.00 37.32 ? 57   GLN A CA  1 
ATOM   368  C C   . GLN A 1 57  ? 0.053   -10.246 7.748   1.00 36.73 ? 57   GLN A C   1 
ATOM   369  O O   . GLN A 1 57  ? -0.599  -10.693 6.803   1.00 36.80 ? 57   GLN A O   1 
ATOM   370  C CB  . GLN A 1 57  ? -0.917  -9.940  10.049  1.00 38.79 ? 57   GLN A CB  1 
ATOM   371  C CG  . GLN A 1 57  ? -2.328  -9.653  9.539   1.00 40.07 ? 57   GLN A CG  1 
ATOM   372  C CD  . GLN A 1 57  ? -3.190  -10.902 9.458   1.00 41.29 ? 57   GLN A CD  1 
ATOM   373  O OE1 . GLN A 1 57  ? -3.482  -11.403 8.367   1.00 41.21 ? 57   GLN A OE1 1 
ATOM   374  N NE2 . GLN A 1 57  ? -3.597  -11.419 10.617  1.00 42.34 ? 57   GLN A NE2 1 
ATOM   375  N N   . LEU A 1 58  ? 0.899   -9.232  7.620   1.00 35.86 ? 58   LEU A N   1 
ATOM   376  C CA  . LEU A 1 58  ? 1.076   -8.578  6.339   1.00 35.83 ? 58   LEU A CA  1 
ATOM   377  C C   . LEU A 1 58  ? 1.512   -9.592  5.306   1.00 35.95 ? 58   LEU A C   1 
ATOM   378  O O   . LEU A 1 58  ? 0.980   -9.628  4.194   1.00 36.59 ? 58   LEU A O   1 
ATOM   379  C CB  . LEU A 1 58  ? 2.091   -7.445  6.439   1.00 35.69 ? 58   LEU A CB  1 
ATOM   380  C CG  . LEU A 1 58  ? 1.637   -6.274  7.309   1.00 35.96 ? 58   LEU A CG  1 
ATOM   381  C CD1 . LEU A 1 58  ? 2.716   -5.208  7.357   1.00 36.24 ? 58   LEU A CD1 1 
ATOM   382  C CD2 . LEU A 1 58  ? 0.326   -5.689  6.809   1.00 36.05 ? 58   LEU A CD2 1 
ATOM   383  N N   . LEU A 1 59  ? 2.463   -10.433 5.693   1.00 35.80 ? 59   LEU A N   1 
ATOM   384  C CA  . LEU A 1 59  ? 2.949   -11.491 4.822   1.00 35.47 ? 59   LEU A CA  1 
ATOM   385  C C   . LEU A 1 59  ? 1.828   -12.435 4.397   1.00 34.91 ? 59   LEU A C   1 
ATOM   386  O O   . LEU A 1 59  ? 1.733   -12.778 3.221   1.00 35.39 ? 59   LEU A O   1 
ATOM   387  C CB  . LEU A 1 59  ? 4.053   -12.280 5.518   1.00 35.82 ? 59   LEU A CB  1 
ATOM   388  C CG  . LEU A 1 59  ? 5.330   -11.498 5.819   1.00 36.48 ? 59   LEU A CG  1 
ATOM   389  C CD1 . LEU A 1 59  ? 6.248   -12.332 6.700   1.00 37.30 ? 59   LEU A CD1 1 
ATOM   390  C CD2 . LEU A 1 59  ? 6.036   -11.095 4.538   1.00 36.53 ? 59   LEU A CD2 1 
ATOM   391  N N   . ASP A 1 60  ? 0.981   -12.842 5.344   1.00 33.95 ? 60   ASP A N   1 
ATOM   392  C CA  . ASP A 1 60  ? -0.111  -13.769 5.046   1.00 33.69 ? 60   ASP A CA  1 
ATOM   393  C C   . ASP A 1 60  ? -1.083  -13.181 4.027   1.00 33.99 ? 60   ASP A C   1 
ATOM   394  O O   . ASP A 1 60  ? -1.569  -13.889 3.148   1.00 34.29 ? 60   ASP A O   1 
ATOM   395  C CB  . ASP A 1 60  ? -0.861  -14.165 6.318   1.00 33.59 ? 60   ASP A CB  1 
ATOM   396  C CG  . ASP A 1 60  ? -2.056  -15.061 6.036   1.00 33.81 ? 60   ASP A CG  1 
ATOM   397  O OD1 . ASP A 1 60  ? -1.931  -15.992 5.215   1.00 33.87 ? 60   ASP A OD1 1 
ATOM   398  O OD2 . ASP A 1 60  ? -3.131  -14.823 6.619   1.00 34.78 ? 60   ASP A OD2 1 
ATOM   399  N N   . TRP A 1 61  ? -1.353  -11.885 4.151   1.00 34.40 ? 61   TRP A N   1 
ATOM   400  C CA  . TRP A 1 61  ? -2.182  -11.164 3.187   1.00 34.37 ? 61   TRP A CA  1 
ATOM   401  C C   . TRP A 1 61  ? -1.551  -11.073 1.797   1.00 34.26 ? 61   TRP A C   1 
ATOM   402  O O   . TRP A 1 61  ? -2.255  -11.167 0.790   1.00 33.67 ? 61   TRP A O   1 
ATOM   403  C CB  . TRP A 1 61  ? -2.486  -9.754  3.696   1.00 34.62 ? 61   TRP A CB  1 
ATOM   404  C CG  . TRP A 1 61  ? -3.432  -9.726  4.839   1.00 34.54 ? 61   TRP A CG  1 
ATOM   405  C CD1 . TRP A 1 61  ? -4.401  -10.634 5.111   1.00 35.07 ? 61   TRP A CD1 1 
ATOM   406  C CD2 . TRP A 1 61  ? -3.526  -8.722  5.852   1.00 34.97 ? 61   TRP A CD2 1 
ATOM   407  N NE1 . TRP A 1 61  ? -5.084  -10.274 6.240   1.00 35.63 ? 61   TRP A NE1 1 
ATOM   408  C CE2 . TRP A 1 61  ? -4.568  -9.101  6.715   1.00 35.10 ? 61   TRP A CE2 1 
ATOM   409  C CE3 . TRP A 1 61  ? -2.826  -7.539  6.117   1.00 35.48 ? 61   TRP A CE3 1 
ATOM   410  C CZ2 . TRP A 1 61  ? -4.931  -8.349  7.828   1.00 35.57 ? 61   TRP A CZ2 1 
ATOM   411  C CZ3 . TRP A 1 61  ? -3.184  -6.790  7.220   1.00 35.58 ? 61   TRP A CZ3 1 
ATOM   412  C CH2 . TRP A 1 61  ? -4.232  -7.200  8.064   1.00 35.81 ? 61   TRP A CH2 1 
ATOM   413  N N   . ILE A 1 62  ? -0.234  -10.874 1.755   1.00 34.43 ? 62   ILE A N   1 
ATOM   414  C CA  . ILE A 1 62  ? 0.501   -10.799 0.490   1.00 34.58 ? 62   ILE A CA  1 
ATOM   415  C C   . ILE A 1 62  ? 0.644   -12.183 -0.137  1.00 35.73 ? 62   ILE A C   1 
ATOM   416  O O   . ILE A 1 62  ? 0.764   -12.305 -1.360  1.00 35.61 ? 62   ILE A O   1 
ATOM   417  C CB  . ILE A 1 62  ? 1.888   -10.153 0.675   1.00 34.19 ? 62   ILE A CB  1 
ATOM   418  C CG1 . ILE A 1 62  ? 1.728   -8.708  1.141   1.00 34.49 ? 62   ILE A CG1 1 
ATOM   419  C CG2 . ILE A 1 62  ? 2.680   -10.171 -0.626  1.00 33.81 ? 62   ILE A CG2 1 
ATOM   420  C CD1 . ILE A 1 62  ? 3.020   -8.062  1.574   1.00 34.64 ? 62   ILE A CD1 1 
ATOM   421  N N   . HIS A 1 63  ? 0.630   -13.220 0.698   1.00 37.47 ? 63   HIS A N   1 
ATOM   422  C CA  . HIS A 1 63  ? 0.600   -14.596 0.202   1.00 39.03 ? 63   HIS A CA  1 
ATOM   423  C C   . HIS A 1 63  ? -0.715  -14.856 -0.512  1.00 41.31 ? 63   HIS A C   1 
ATOM   424  O O   . HIS A 1 63  ? -0.725  -15.365 -1.634  1.00 42.23 ? 63   HIS A O   1 
ATOM   425  C CB  . HIS A 1 63  ? 0.794   -15.598 1.338   1.00 37.98 ? 63   HIS A CB  1 
ATOM   426  C CG  . HIS A 1 63  ? 2.171   -15.574 1.927   1.00 37.45 ? 63   HIS A CG  1 
ATOM   427  N ND1 . HIS A 1 63  ? 2.426   -15.894 3.242   1.00 36.56 ? 63   HIS A ND1 1 
ATOM   428  C CD2 . HIS A 1 63  ? 3.363   -15.237 1.384   1.00 36.20 ? 63   HIS A CD2 1 
ATOM   429  C CE1 . HIS A 1 63  ? 3.720   -15.774 3.477   1.00 36.09 ? 63   HIS A CE1 1 
ATOM   430  N NE2 . HIS A 1 63  ? 4.309   -15.375 2.366   1.00 36.25 ? 63   HIS A NE2 1 
ATOM   431  N N   . GLN A 1 64  ? -1.819  -14.489 0.136   1.00 43.43 ? 64   GLN A N   1 
ATOM   432  C CA  . GLN A 1 64  ? -3.141  -14.584 -0.478  1.00 45.46 ? 64   GLN A CA  1 
ATOM   433  C C   . GLN A 1 64  ? -3.203  -13.869 -1.826  1.00 43.65 ? 64   GLN A C   1 
ATOM   434  O O   . GLN A 1 64  ? -3.718  -14.426 -2.790  1.00 46.01 ? 64   GLN A O   1 
ATOM   435  C CB  . GLN A 1 64  ? -4.218  -14.024 0.453   1.00 49.00 ? 64   GLN A CB  1 
ATOM   436  C CG  . GLN A 1 64  ? -4.507  -14.900 1.666   1.00 52.10 ? 64   GLN A CG  1 
ATOM   437  C CD  . GLN A 1 64  ? -5.600  -14.320 2.551   1.00 55.41 ? 64   GLN A CD  1 
ATOM   438  O OE1 . GLN A 1 64  ? -6.718  -14.072 2.092   1.00 58.46 ? 64   GLN A OE1 1 
ATOM   439  N NE2 . GLN A 1 64  ? -5.285  -14.102 3.827   1.00 55.99 ? 64   GLN A NE2 1 
ATOM   440  N N   . ALA A 1 65  ? -2.674  -12.648 -1.891  1.00 40.72 ? 65   ALA A N   1 
ATOM   441  C CA  . ALA A 1 65  ? -2.658  -11.870 -3.136  1.00 39.06 ? 65   ALA A CA  1 
ATOM   442  C C   . ALA A 1 65  ? -1.751  -12.493 -4.174  1.00 37.96 ? 65   ALA A C   1 
ATOM   443  O O   . ALA A 1 65  ? -1.981  -12.339 -5.370  1.00 37.69 ? 65   ALA A O   1 
ATOM   444  C CB  . ALA A 1 65  ? -2.225  -10.436 -2.874  1.00 39.23 ? 65   ALA A CB  1 
ATOM   445  N N   . ALA A 1 66  ? -0.710  -13.180 -3.716  1.00 38.29 ? 66   ALA A N   1 
ATOM   446  C CA  . ALA A 1 66  ? 0.205   -13.877 -4.623  1.00 38.80 ? 66   ALA A CA  1 
ATOM   447  C C   . ALA A 1 66  ? -0.488  -15.067 -5.282  1.00 37.82 ? 66   ALA A C   1 
ATOM   448  O O   . ALA A 1 66  ? -0.562  -15.146 -6.506  1.00 38.34 ? 66   ALA A O   1 
ATOM   449  C CB  . ALA A 1 66  ? 1.459   -14.323 -3.886  1.00 38.71 ? 66   ALA A CB  1 
ATOM   450  N N   . ASP A 1 67  ? -1.001  -15.978 -4.460  1.00 36.60 ? 67   ASP A N   1 
ATOM   451  C CA  . ASP A 1 67  ? -1.774  -17.115 -4.943  1.00 36.26 ? 67   ASP A CA  1 
ATOM   452  C C   . ASP A 1 67  ? -2.906  -16.653 -5.862  1.00 36.69 ? 67   ASP A C   1 
ATOM   453  O O   . ASP A 1 67  ? -3.115  -17.220 -6.935  1.00 37.06 ? 67   ASP A O   1 
ATOM   454  C CB  . ASP A 1 67  ? -2.376  -17.891 -3.764  1.00 36.14 ? 67   ASP A CB  1 
ATOM   455  C CG  . ASP A 1 67  ? -1.332  -18.624 -2.932  1.00 35.78 ? 67   ASP A CG  1 
ATOM   456  O OD1 . ASP A 1 67  ? -0.478  -19.358 -3.492  1.00 35.53 ? 67   ASP A OD1 1 
ATOM   457  O OD2 . ASP A 1 67  ? -1.387  -18.482 -1.698  1.00 35.12 ? 67   ASP A OD2 1 
ATOM   458  N N   . ALA A 1 68  ? -3.623  -15.618 -5.427  1.00 36.78 ? 68   ALA A N   1 
ATOM   459  C CA  . ALA A 1 68  ? -4.814  -15.124 -6.126  1.00 36.35 ? 68   ALA A CA  1 
ATOM   460  C C   . ALA A 1 68  ? -4.494  -14.273 -7.356  1.00 36.46 ? 68   ALA A C   1 
ATOM   461  O O   . ALA A 1 68  ? -5.360  -14.076 -8.214  1.00 36.79 ? 68   ALA A O   1 
ATOM   462  C CB  . ALA A 1 68  ? -5.679  -14.323 -5.161  1.00 36.78 ? 68   ALA A CB  1 
ATOM   463  N N   . ALA A 1 69  ? -3.267  -13.756 -7.430  1.00 36.13 ? 69   ALA A N   1 
ATOM   464  C CA  . ALA A 1 69  ? -2.830  -12.913 -8.544  1.00 35.70 ? 69   ALA A CA  1 
ATOM   465  C C   . ALA A 1 69  ? -3.663  -11.631 -8.641  1.00 36.53 ? 69   ALA A C   1 
ATOM   466  O O   . ALA A 1 69  ? -3.974  -11.168 -9.743  1.00 36.68 ? 69   ALA A O   1 
ATOM   467  C CB  . ALA A 1 69  ? -2.871  -13.691 -9.856  1.00 34.98 ? 69   ALA A CB  1 
ATOM   468  N N   . GLU A 1 70  ? -4.016  -11.067 -7.484  1.00 37.37 ? 70   GLU A N   1 
ATOM   469  C CA  . GLU A 1 70  ? -4.720  -9.783  -7.421  1.00 37.61 ? 70   GLU A CA  1 
ATOM   470  C C   . GLU A 1 70  ? -3.697  -8.702  -7.076  1.00 36.29 ? 70   GLU A C   1 
ATOM   471  O O   . GLU A 1 70  ? -2.880  -8.898  -6.175  1.00 35.99 ? 70   GLU A O   1 
ATOM   472  C CB  . GLU A 1 70  ? -5.837  -9.762  -6.368  1.00 39.04 ? 70   GLU A CB  1 
ATOM   473  C CG  . GLU A 1 70  ? -6.401  -11.106 -5.936  1.00 40.90 ? 70   GLU A CG  1 
ATOM   474  C CD  . GLU A 1 70  ? -7.475  -10.966 -4.862  1.00 43.01 ? 70   GLU A CD  1 
ATOM   475  O OE1 . GLU A 1 70  ? -7.114  -10.763 -3.680  1.00 43.01 ? 70   GLU A OE1 1 
ATOM   476  O OE2 . GLU A 1 70  ? -8.681  -11.058 -5.196  1.00 43.91 ? 70   GLU A OE2 1 
ATOM   477  N N   . PRO A 1 71  ? -3.749  -7.550  -7.774  1.00 34.67 ? 71   PRO A N   1 
ATOM   478  C CA  . PRO A 1 71  ? -2.771  -6.496  -7.530  1.00 32.99 ? 71   PRO A CA  1 
ATOM   479  C C   . PRO A 1 71  ? -2.825  -5.959  -6.109  1.00 31.33 ? 71   PRO A C   1 
ATOM   480  O O   . PRO A 1 71  ? -3.880  -5.958  -5.478  1.00 30.11 ? 71   PRO A O   1 
ATOM   481  C CB  . PRO A 1 71  ? -3.139  -5.397  -8.536  1.00 33.47 ? 71   PRO A CB  1 
ATOM   482  C CG  . PRO A 1 71  ? -4.460  -5.754  -9.101  1.00 34.03 ? 71   PRO A CG  1 
ATOM   483  C CD  . PRO A 1 71  ? -4.731  -7.193  -8.815  1.00 34.90 ? 71   PRO A CD  1 
ATOM   484  N N   . VAL A 1 72  ? -1.674  -5.511  -5.626  1.00 30.37 ? 72   VAL A N   1 
ATOM   485  C CA  . VAL A 1 72  ? -1.528  -5.019  -4.271  1.00 30.00 ? 72   VAL A CA  1 
ATOM   486  C C   . VAL A 1 72  ? -1.139  -3.544  -4.313  1.00 29.71 ? 72   VAL A C   1 
ATOM   487  O O   . VAL A 1 72  ? -0.336  -3.132  -5.154  1.00 30.11 ? 72   VAL A O   1 
ATOM   488  C CB  . VAL A 1 72  ? -0.442  -5.821  -3.519  1.00 30.18 ? 72   VAL A CB  1 
ATOM   489  C CG1 . VAL A 1 72  ? -0.127  -5.190  -2.172  1.00 30.47 ? 72   VAL A CG1 1 
ATOM   490  C CG2 . VAL A 1 72  ? -0.873  -7.271  -3.338  1.00 30.25 ? 72   VAL A CG2 1 
ATOM   491  N N   . ILE A 1 73  ? -1.739  -2.753  -3.426  1.00 28.81 ? 73   ILE A N   1 
ATOM   492  C CA  . ILE A 1 73  ? -1.265  -1.404  -3.132  1.00 28.30 ? 73   ILE A CA  1 
ATOM   493  C C   . ILE A 1 73  ? -0.752  -1.453  -1.699  1.00 27.60 ? 73   ILE A C   1 
ATOM   494  O O   . ILE A 1 73  ? -1.523  -1.672  -0.781  1.00 27.19 ? 73   ILE A O   1 
ATOM   495  C CB  . ILE A 1 73  ? -2.380  -0.344  -3.288  1.00 28.18 ? 73   ILE A CB  1 
ATOM   496  C CG1 . ILE A 1 73  ? -2.811  -0.249  -4.752  1.00 27.94 ? 73   ILE A CG1 1 
ATOM   497  C CG2 . ILE A 1 73  ? -1.899  1.027   -2.815  1.00 28.25 ? 73   ILE A CG2 1 
ATOM   498  C CD1 . ILE A 1 73  ? -4.050  0.590   -4.984  1.00 27.98 ? 73   ILE A CD1 1 
ATOM   499  N N   . LEU A 1 74  ? 0.546   -1.254  -1.513  1.00 27.54 ? 74   LEU A N   1 
ATOM   500  C CA  . LEU A 1 74  ? 1.186   -1.514  -0.230  1.00 28.16 ? 74   LEU A CA  1 
ATOM   501  C C   . LEU A 1 74  ? 1.901   -0.301  0.360   1.00 28.55 ? 74   LEU A C   1 
ATOM   502  O O   . LEU A 1 74  ? 2.911   0.150   -0.180  1.00 28.72 ? 74   LEU A O   1 
ATOM   503  C CB  . LEU A 1 74  ? 2.190   -2.657  -0.389  1.00 28.37 ? 74   LEU A CB  1 
ATOM   504  C CG  . LEU A 1 74  ? 3.083   -2.980  0.813   1.00 28.60 ? 74   LEU A CG  1 
ATOM   505  C CD1 . LEU A 1 74  ? 2.244   -3.331  2.035   1.00 28.52 ? 74   LEU A CD1 1 
ATOM   506  C CD2 . LEU A 1 74  ? 4.042   -4.110  0.466   1.00 28.69 ? 74   LEU A CD2 1 
ATOM   507  N N   . ASN A 1 75  ? 1.380   0.206   1.475   1.00 28.86 ? 75   ASN A N   1 
ATOM   508  C CA  . ASN A 1 75  ? 2.079   1.190   2.298   1.00 29.15 ? 75   ASN A CA  1 
ATOM   509  C C   . ASN A 1 75  ? 2.571   0.486   3.550   1.00 30.18 ? 75   ASN A C   1 
ATOM   510  O O   . ASN A 1 75  ? 1.871   0.461   4.565   1.00 30.62 ? 75   ASN A O   1 
ATOM   511  C CB  . ASN A 1 75  ? 1.145   2.339   2.678   1.00 28.75 ? 75   ASN A CB  1 
ATOM   512  C CG  . ASN A 1 75  ? 1.824   3.406   3.530   1.00 28.58 ? 75   ASN A CG  1 
ATOM   513  O OD1 . ASN A 1 75  ? 2.936   3.229   4.021   1.00 27.76 ? 75   ASN A OD1 1 
ATOM   514  N ND2 . ASN A 1 75  ? 1.144   4.531   3.702   1.00 29.03 ? 75   ASN A ND2 1 
ATOM   515  N N   . ALA A 1 76  ? 3.784   -0.062  3.487   1.00 30.78 ? 76   ALA A N   1 
ATOM   516  C CA  . ALA A 1 76  ? 4.292   -0.944  4.548   1.00 31.08 ? 76   ALA A CA  1 
ATOM   517  C C   . ALA A 1 76  ? 4.839   -0.239  5.803   1.00 31.67 ? 76   ALA A C   1 
ATOM   518  O O   . ALA A 1 76  ? 5.368   -0.901  6.697   1.00 33.13 ? 76   ALA A O   1 
ATOM   519  C CB  . ALA A 1 76  ? 5.347   -1.881  3.982   1.00 30.94 ? 76   ALA A CB  1 
ATOM   520  N N   . GLY A 1 77  ? 4.718   1.082   5.886   1.00 31.26 ? 77   GLY A N   1 
ATOM   521  C CA  . GLY A 1 77  ? 5.203   1.809   7.054   1.00 31.40 ? 77   GLY A CA  1 
ATOM   522  C C   . GLY A 1 77  ? 6.719   1.766   7.207   1.00 31.27 ? 77   GLY A C   1 
ATOM   523  O O   . GLY A 1 77  ? 7.456   1.835   6.220   1.00 31.75 ? 77   GLY A O   1 
ATOM   524  N N   . GLY A 1 78  ? 7.182   1.655   8.451   1.00 30.28 ? 78   GLY A N   1 
ATOM   525  C CA  . GLY A 1 78  ? 8.610   1.585   8.749   1.00 29.12 ? 78   GLY A CA  1 
ATOM   526  C C   . GLY A 1 78  ? 9.283   0.277   8.356   1.00 28.46 ? 78   GLY A C   1 
ATOM   527  O O   . GLY A 1 78  ? 10.506  0.179   8.393   1.00 28.29 ? 78   GLY A O   1 
ATOM   528  N N   . LEU A 1 79  ? 8.495   -0.730  7.986   1.00 27.93 ? 79   LEU A N   1 
ATOM   529  C CA  . LEU A 1 79  ? 9.039   -1.995  7.499   1.00 27.63 ? 79   LEU A CA  1 
ATOM   530  C C   . LEU A 1 79  ? 9.550   -1.840  6.070   1.00 27.85 ? 79   LEU A C   1 
ATOM   531  O O   . LEU A 1 79  ? 10.382  -2.626  5.624   1.00 29.04 ? 79   LEU A O   1 
ATOM   532  C CB  . LEU A 1 79  ? 7.990   -3.107  7.575   1.00 27.43 ? 79   LEU A CB  1 
ATOM   533  C CG  . LEU A 1 79  ? 7.422   -3.387  8.975   1.00 27.10 ? 79   LEU A CG  1 
ATOM   534  C CD1 . LEU A 1 79  ? 6.230   -4.326  8.903   1.00 27.28 ? 79   LEU A CD1 1 
ATOM   535  C CD2 . LEU A 1 79  ? 8.484   -3.952  9.901   1.00 26.80 ? 79   LEU A CD2 1 
ATOM   536  N N   . THR A 1 80  ? 9.052   -0.825  5.361   1.00 27.62 ? 80   THR A N   1 
ATOM   537  C CA  . THR A 1 80  ? 9.572   -0.440  4.042   1.00 27.02 ? 80   THR A CA  1 
ATOM   538  C C   . THR A 1 80  ? 11.092  -0.420  4.030   1.00 26.81 ? 80   THR A C   1 
ATOM   539  O O   . THR A 1 80  ? 11.726  -1.005  3.157   1.00 25.84 ? 80   THR A O   1 
ATOM   540  C CB  . THR A 1 80  ? 9.107   0.985   3.663   1.00 27.11 ? 80   THR A CB  1 
ATOM   541  O OG1 . THR A 1 80  ? 7.692   1.101   3.836   1.00 26.90 ? 80   THR A OG1 1 
ATOM   542  C CG2 . THR A 1 80  ? 9.467   1.316   2.221   1.00 27.48 ? 80   THR A CG2 1 
ATOM   543  N N   . HIS A 1 81  ? 11.653  0.251   5.033   1.00 27.59 ? 81   HIS A N   1 
ATOM   544  C CA  . HIS A 1 81  ? 13.069  0.609   5.067   1.00 27.97 ? 81   HIS A CA  1 
ATOM   545  C C   . HIS A 1 81  ? 13.960  -0.490  5.626   1.00 28.57 ? 81   HIS A C   1 
ATOM   546  O O   . HIS A 1 81  ? 15.182  -0.440  5.458   1.00 28.00 ? 81   HIS A O   1 
ATOM   547  C CB  . HIS A 1 81  ? 13.255  1.869   5.914   1.00 27.67 ? 81   HIS A CB  1 
ATOM   548  C CG  . HIS A 1 81  ? 12.299  2.969   5.572   1.00 27.66 ? 81   HIS A CG  1 
ATOM   549  N ND1 . HIS A 1 81  ? 12.198  3.494   4.304   1.00 27.70 ? 81   HIS A ND1 1 
ATOM   550  C CD2 . HIS A 1 81  ? 11.400  3.637   6.330   1.00 27.82 ? 81   HIS A CD2 1 
ATOM   551  C CE1 . HIS A 1 81  ? 11.279  4.442   4.296   1.00 27.68 ? 81   HIS A CE1 1 
ATOM   552  N NE2 . HIS A 1 81  ? 10.781  4.550   5.514   1.00 27.68 ? 81   HIS A NE2 1 
ATOM   553  N N   . THR A 1 82  ? 13.339  -1.471  6.284   1.00 29.41 ? 82   THR A N   1 
ATOM   554  C CA  . THR A 1 82  ? 14.052  -2.489  7.049   1.00 29.71 ? 82   THR A CA  1 
ATOM   555  C C   . THR A 1 82  ? 13.791  -3.932  6.621   1.00 30.32 ? 82   THR A C   1 
ATOM   556  O O   . THR A 1 82  ? 14.670  -4.773  6.799   1.00 30.78 ? 82   THR A O   1 
ATOM   557  C CB  . THR A 1 82  ? 13.683  -2.392  8.537   1.00 29.92 ? 82   THR A CB  1 
ATOM   558  O OG1 . THR A 1 82  ? 12.358  -2.903  8.743   1.00 30.47 ? 82   THR A OG1 1 
ATOM   559  C CG2 . THR A 1 82  ? 13.760  -0.951  9.009   1.00 29.76 ? 82   THR A CG2 1 
ATOM   560  N N   . SER A 1 83  ? 12.607  -4.223  6.075   1.00 30.93 ? 83   SER A N   1 
ATOM   561  C CA  . SER A 1 83  ? 12.169  -5.618  5.874   1.00 31.75 ? 83   SER A CA  1 
ATOM   562  C C   . SER A 1 83  ? 12.465  -6.226  4.504   1.00 31.28 ? 83   SER A C   1 
ATOM   563  O O   . SER A 1 83  ? 11.918  -5.789  3.484   1.00 30.05 ? 83   SER A O   1 
ATOM   564  C CB  . SER A 1 83  ? 10.668  -5.770  6.139   1.00 32.61 ? 83   SER A CB  1 
ATOM   565  O OG  . SER A 1 83  ? 10.236  -7.077  5.783   1.00 32.88 ? 83   SER A OG  1 
ATOM   566  N N   . VAL A 1 84  ? 13.297  -7.272  4.527   1.00 31.54 ? 84   VAL A N   1 
ATOM   567  C CA  . VAL A 1 84  ? 13.595  -8.114  3.368   1.00 31.59 ? 84   VAL A CA  1 
ATOM   568  C C   . VAL A 1 84  ? 12.601  -9.270  3.267   1.00 32.89 ? 84   VAL A C   1 
ATOM   569  O O   . VAL A 1 84  ? 12.319  -9.757  2.168   1.00 33.27 ? 84   VAL A O   1 
ATOM   570  C CB  . VAL A 1 84  ? 15.009  -8.713  3.468   1.00 30.65 ? 84   VAL A CB  1 
ATOM   571  C CG1 . VAL A 1 84  ? 15.318  -9.570  2.249   1.00 30.70 ? 84   VAL A CG1 1 
ATOM   572  C CG2 . VAL A 1 84  ? 16.036  -7.612  3.620   1.00 30.23 ? 84   VAL A CG2 1 
ATOM   573  N N   . ALA A 1 85  ? 12.091  -9.719  4.414   1.00 33.81 ? 85   ALA A N   1 
ATOM   574  C CA  . ALA A 1 85  ? 11.056  -10.748 4.445   1.00 34.62 ? 85   ALA A CA  1 
ATOM   575  C C   . ALA A 1 85  ? 9.824   -10.279 3.676   1.00 35.65 ? 85   ALA A C   1 
ATOM   576  O O   . ALA A 1 85  ? 9.239   -11.023 2.883   1.00 35.75 ? 85   ALA A O   1 
ATOM   577  C CB  . ALA A 1 85  ? 10.686  -11.082 5.881   1.00 34.46 ? 85   ALA A CB  1 
ATOM   578  N N   . LEU A 1 86  ? 9.442   -9.030  3.913   1.00 36.56 ? 86   LEU A N   1 
ATOM   579  C CA  . LEU A 1 86  ? 8.300   -8.448  3.241   1.00 37.34 ? 86   LEU A CA  1 
ATOM   580  C C   . LEU A 1 86  ? 8.574   -8.382  1.758   1.00 37.00 ? 86   LEU A C   1 
ATOM   581  O O   . LEU A 1 86  ? 7.790   -8.858  0.945   1.00 38.53 ? 86   LEU A O   1 
ATOM   582  C CB  . LEU A 1 86  ? 8.033   -7.048  3.784   1.00 38.60 ? 86   LEU A CB  1 
ATOM   583  C CG  . LEU A 1 86  ? 6.833   -6.311  3.205   1.00 39.73 ? 86   LEU A CG  1 
ATOM   584  C CD1 . LEU A 1 86  ? 5.582   -7.168  3.315   1.00 39.94 ? 86   LEU A CD1 1 
ATOM   585  C CD2 . LEU A 1 86  ? 6.657   -4.988  3.933   1.00 40.28 ? 86   LEU A CD2 1 
ATOM   586  N N   . ARG A 1 87  ? 9.710   -7.799  1.411   1.00 36.18 ? 87   ARG A N   1 
ATOM   587  C CA  . ARG A 1 87  ? 10.113  -7.691  0.024   1.00 35.67 ? 87   ARG A CA  1 
ATOM   588  C C   . ARG A 1 87  ? 10.101  -9.045  -0.688  1.00 34.99 ? 87   ARG A C   1 
ATOM   589  O O   . ARG A 1 87  ? 9.673   -9.143  -1.836  1.00 35.47 ? 87   ARG A O   1 
ATOM   590  C CB  . ARG A 1 87  ? 11.503  -7.078  -0.044  1.00 36.13 ? 87   ARG A CB  1 
ATOM   591  C CG  . ARG A 1 87  ? 12.148  -7.121  -1.417  1.00 36.49 ? 87   ARG A CG  1 
ATOM   592  C CD  . ARG A 1 87  ? 13.652  -7.113  -1.272  1.00 36.88 ? 87   ARG A CD  1 
ATOM   593  N NE  . ARG A 1 87  ? 14.318  -7.361  -2.543  1.00 36.81 ? 87   ARG A NE  1 
ATOM   594  C CZ  . ARG A 1 87  ? 14.955  -6.446  -3.264  1.00 37.49 ? 87   ARG A CZ  1 
ATOM   595  N NH1 . ARG A 1 87  ? 15.036  -5.177  -2.862  1.00 38.02 ? 87   ARG A NH1 1 
ATOM   596  N NH2 . ARG A 1 87  ? 15.527  -6.809  -4.406  1.00 38.03 ? 87   ARG A NH2 1 
ATOM   597  N N   . ASP A 1 88  ? 10.572  -10.089 -0.015  1.00 33.41 ? 88   ASP A N   1 
ATOM   598  C CA  . ASP A 1 88  ? 10.583  -11.418 -0.624  1.00 32.21 ? 88   ASP A CA  1 
ATOM   599  C C   . ASP A 1 88  ? 9.173   -11.956 -0.861  1.00 31.61 ? 88   ASP A C   1 
ATOM   600  O O   . ASP A 1 88  ? 8.957   -12.727 -1.792  1.00 29.96 ? 88   ASP A O   1 
ATOM   601  C CB  . ASP A 1 88  ? 11.393  -12.406 0.224   1.00 32.00 ? 88   ASP A CB  1 
ATOM   602  C CG  . ASP A 1 88  ? 12.855  -12.488 -0.195  1.00 31.83 ? 88   ASP A CG  1 
ATOM   603  O OD1 . ASP A 1 88  ? 13.184  -12.139 -1.356  1.00 30.72 ? 88   ASP A OD1 1 
ATOM   604  O OD2 . ASP A 1 88  ? 13.675  -12.924 0.643   1.00 31.43 ? 88   ASP A OD2 1 
ATOM   605  N N   . ALA A 1 89  ? 8.223   -11.552 -0.021  1.00 32.10 ? 89   ALA A N   1 
ATOM   606  C CA  . ALA A 1 89  ? 6.831   -11.964 -0.182  1.00 32.63 ? 89   ALA A CA  1 
ATOM   607  C C   . ALA A 1 89  ? 6.185   -11.189 -1.306  1.00 33.34 ? 89   ALA A C   1 
ATOM   608  O O   . ALA A 1 89  ? 5.382   -11.737 -2.052  1.00 34.45 ? 89   ALA A O   1 
ATOM   609  C CB  . ALA A 1 89  ? 6.054   -11.768 1.104   1.00 32.74 ? 89   ALA A CB  1 
ATOM   610  N N   . CYS A 1 90  ? 6.539   -9.912  -1.422  1.00 34.04 ? 90   CYS A N   1 
ATOM   611  C CA  . CYS A 1 90  ? 6.080   -9.075  -2.530  1.00 34.17 ? 90   CYS A CA  1 
ATOM   612  C C   . CYS A 1 90  ? 6.615   -9.567  -3.863  1.00 33.94 ? 90   CYS A C   1 
ATOM   613  O O   . CYS A 1 90  ? 5.941   -9.467  -4.877  1.00 34.05 ? 90   CYS A O   1 
ATOM   614  C CB  . CYS A 1 90  ? 6.509   -7.631  -2.309  1.00 34.29 ? 90   CYS A CB  1 
ATOM   615  S SG  . CYS A 1 90  ? 5.642   -6.854  -0.937  1.00 35.80 ? 90   CYS A SG  1 
ATOM   616  N N   . ALA A 1 91  ? 7.826   -10.109 -3.852  1.00 34.61 ? 91   ALA A N   1 
ATOM   617  C CA  . ALA A 1 91  ? 8.468   -10.567 -5.074  1.00 35.81 ? 91   ALA A CA  1 
ATOM   618  C C   . ALA A 1 91  ? 7.685   -11.668 -5.774  1.00 36.88 ? 91   ALA A C   1 
ATOM   619  O O   . ALA A 1 91  ? 7.802   -11.820 -6.987  1.00 39.46 ? 91   ALA A O   1 
ATOM   620  C CB  . ALA A 1 91  ? 9.879   -11.045 -4.780  1.00 36.12 ? 91   ALA A CB  1 
ATOM   621  N N   . GLU A 1 92  ? 6.903   -12.436 -5.020  1.00 37.17 ? 92   GLU A N   1 
ATOM   622  C CA  . GLU A 1 92  ? 6.095   -13.510 -5.605  1.00 37.61 ? 92   GLU A CA  1 
ATOM   623  C C   . GLU A 1 92  ? 4.996   -13.001 -6.524  1.00 37.34 ? 92   GLU A C   1 
ATOM   624  O O   . GLU A 1 92  ? 4.664   -13.656 -7.510  1.00 38.27 ? 92   GLU A O   1 
ATOM   625  C CB  . GLU A 1 92  ? 5.458   -14.376 -4.521  1.00 38.58 ? 92   GLU A CB  1 
ATOM   626  C CG  . GLU A 1 92  ? 6.280   -15.594 -4.154  1.00 39.99 ? 92   GLU A CG  1 
ATOM   627  C CD  . GLU A 1 92  ? 5.445   -16.661 -3.487  1.00 41.69 ? 92   GLU A CD  1 
ATOM   628  O OE1 . GLU A 1 92  ? 4.611   -17.299 -4.181  1.00 41.05 ? 92   GLU A OE1 1 
ATOM   629  O OE2 . GLU A 1 92  ? 5.627   -16.858 -2.263  1.00 44.09 ? 92   GLU A OE2 1 
ATOM   630  N N   . LEU A 1 93  ? 4.449   -11.832 -6.200  1.00 36.97 ? 93   LEU A N   1 
ATOM   631  C CA  . LEU A 1 93  ? 3.261   -11.301 -6.873  1.00 36.17 ? 93   LEU A CA  1 
ATOM   632  C C   . LEU A 1 93  ? 3.434   -11.253 -8.387  1.00 35.65 ? 93   LEU A C   1 
ATOM   633  O O   . LEU A 1 93  ? 4.479   -10.843 -8.890  1.00 34.94 ? 93   LEU A O   1 
ATOM   634  C CB  . LEU A 1 93  ? 2.923   -9.900  -6.353  1.00 35.98 ? 93   LEU A CB  1 
ATOM   635  C CG  . LEU A 1 93  ? 2.657   -9.722  -4.850  1.00 35.95 ? 93   LEU A CG  1 
ATOM   636  C CD1 . LEU A 1 93  ? 2.724   -8.243  -4.495  1.00 36.33 ? 93   LEU A CD1 1 
ATOM   637  C CD2 . LEU A 1 93  ? 1.323   -10.322 -4.420  1.00 35.70 ? 93   LEU A CD2 1 
ATOM   638  N N   . SER A 1 94  ? 2.404   -11.706 -9.096  1.00 36.46 ? 94   SER A N   1 
ATOM   639  C CA  . SER A 1 94  ? 2.366   -11.671 -10.560 1.00 37.11 ? 94   SER A CA  1 
ATOM   640  C C   . SER A 1 94  ? 1.578   -10.451 -11.038 1.00 37.08 ? 94   SER A C   1 
ATOM   641  O O   . SER A 1 94  ? 1.883   -9.868  -12.079 1.00 36.94 ? 94   SER A O   1 
ATOM   642  C CB  . SER A 1 94  ? 1.749   -12.962 -11.116 1.00 37.42 ? 94   SER A CB  1 
ATOM   643  O OG  . SER A 1 94  ? 0.420   -13.154 -10.649 1.00 37.85 ? 94   SER A OG  1 
ATOM   644  N N   . ALA A 1 95  ? 0.564   -10.073 -10.267 1.00 37.65 ? 95   ALA A N   1 
ATOM   645  C CA  . ALA A 1 95  ? -0.177  -8.845  -10.505 1.00 38.63 ? 95   ALA A CA  1 
ATOM   646  C C   . ALA A 1 95  ? 0.637   -7.637  -10.051 1.00 39.46 ? 95   ALA A C   1 
ATOM   647  O O   . ALA A 1 95  ? 1.518   -7.764  -9.205  1.00 40.24 ? 95   ALA A O   1 
ATOM   648  C CB  . ALA A 1 95  ? -1.500  -8.881  -9.761  1.00 39.14 ? 95   ALA A CB  1 
ATOM   649  N N   . PRO A 1 96  ? 0.333   -6.455  -10.598 1.00 40.79 ? 96   PRO A N   1 
ATOM   650  C CA  . PRO A 1 96  ? 1.097   -5.259  -10.245 1.00 41.69 ? 96   PRO A CA  1 
ATOM   651  C C   . PRO A 1 96  ? 1.128   -4.928  -8.748  1.00 42.12 ? 96   PRO A C   1 
ATOM   652  O O   . PRO A 1 96  ? 0.138   -5.118  -8.041  1.00 42.94 ? 96   PRO A O   1 
ATOM   653  C CB  . PRO A 1 96  ? 0.382   -4.141  -11.015 1.00 42.57 ? 96   PRO A CB  1 
ATOM   654  C CG  . PRO A 1 96  ? -0.295  -4.824  -12.152 1.00 42.58 ? 96   PRO A CG  1 
ATOM   655  C CD  . PRO A 1 96  ? -0.664  -6.189  -11.655 1.00 41.90 ? 96   PRO A CD  1 
ATOM   656  N N   . LEU A 1 97  ? 2.278   -4.436  -8.292  1.00 42.90 ? 97   LEU A N   1 
ATOM   657  C CA  . LEU A 1 97  ? 2.461   -3.949  -6.927  1.00 42.16 ? 97   LEU A CA  1 
ATOM   658  C C   . LEU A 1 97  ? 2.769   -2.463  -6.991  1.00 40.57 ? 97   LEU A C   1 
ATOM   659  O O   . LEU A 1 97  ? 3.653   -2.045  -7.738  1.00 40.12 ? 97   LEU A O   1 
ATOM   660  C CB  . LEU A 1 97  ? 3.622   -4.682  -6.251  1.00 42.55 ? 97   LEU A CB  1 
ATOM   661  C CG  . LEU A 1 97  ? 4.079   -4.156  -4.887  1.00 43.14 ? 97   LEU A CG  1 
ATOM   662  C CD1 . LEU A 1 97  ? 3.000   -4.349  -3.837  1.00 43.14 ? 97   LEU A CD1 1 
ATOM   663  C CD2 . LEU A 1 97  ? 5.356   -4.861  -4.471  1.00 44.26 ? 97   LEU A CD2 1 
ATOM   664  N N   . ILE A 1 98  ? 2.042   -1.669  -6.210  1.00 39.43 ? 98   ILE A N   1 
ATOM   665  C CA  . ILE A 1 98  ? 2.286   -0.228  -6.137  1.00 38.02 ? 98   ILE A CA  1 
ATOM   666  C C   . ILE A 1 98  ? 2.589   0.176   -4.695  1.00 36.84 ? 98   ILE A C   1 
ATOM   667  O O   . ILE A 1 98  ? 1.813   -0.114  -3.786  1.00 36.69 ? 98   ILE A O   1 
ATOM   668  C CB  . ILE A 1 98  ? 1.097   0.567   -6.704  1.00 37.36 ? 98   ILE A CB  1 
ATOM   669  C CG1 . ILE A 1 98  ? 1.011   0.341   -8.212  1.00 37.54 ? 98   ILE A CG1 1 
ATOM   670  C CG2 . ILE A 1 98  ? 1.254   2.056   -6.436  1.00 37.41 ? 98   ILE A CG2 1 
ATOM   671  C CD1 . ILE A 1 98  ? -0.198  0.979   -8.856  1.00 37.99 ? 98   ILE A CD1 1 
ATOM   672  N N   . GLU A 1 99  ? 3.732   0.837   -4.506  1.00 35.63 ? 99   GLU A N   1 
ATOM   673  C CA  . GLU A 1 99  ? 4.209   1.261   -3.190  1.00 33.82 ? 99   GLU A CA  1 
ATOM   674  C C   . GLU A 1 99  ? 3.710   2.666   -2.892  1.00 32.43 ? 99   GLU A C   1 
ATOM   675  O O   . GLU A 1 99  ? 3.944   3.582   -3.676  1.00 31.47 ? 99   GLU A O   1 
ATOM   676  C CB  . GLU A 1 99  ? 5.739   1.247   -3.163  1.00 33.63 ? 99   GLU A CB  1 
ATOM   677  C CG  . GLU A 1 99  ? 6.351   1.491   -1.789  1.00 33.98 ? 99   GLU A CG  1 
ATOM   678  C CD  . GLU A 1 99  ? 7.816   1.888   -1.852  1.00 34.31 ? 99   GLU A CD  1 
ATOM   679  O OE1 . GLU A 1 99  ? 8.386   1.937   -2.960  1.00 34.83 ? 99   GLU A OE1 1 
ATOM   680  O OE2 . GLU A 1 99  ? 8.401   2.170   -0.785  1.00 33.94 ? 99   GLU A OE2 1 
ATOM   681  N N   . VAL A 1 100 ? 3.033   2.836   -1.758  1.00 32.03 ? 100  VAL A N   1 
ATOM   682  C CA  . VAL A 1 100 ? 2.469   4.135   -1.384  1.00 32.32 ? 100  VAL A CA  1 
ATOM   683  C C   . VAL A 1 100 ? 3.088   4.705   -0.111  1.00 32.05 ? 100  VAL A C   1 
ATOM   684  O O   . VAL A 1 100 ? 3.257   4.006   0.881   1.00 32.25 ? 100  VAL A O   1 
ATOM   685  C CB  . VAL A 1 100 ? 0.942   4.061   -1.187  1.00 32.76 ? 100  VAL A CB  1 
ATOM   686  C CG1 . VAL A 1 100 ? 0.394   5.415   -0.738  1.00 32.71 ? 100  VAL A CG1 1 
ATOM   687  C CG2 . VAL A 1 100 ? 0.254   3.597   -2.471  1.00 32.84 ? 100  VAL A CG2 1 
ATOM   688  N N   . HIS A 1 101 ? 3.423   5.988   -0.163  1.00 32.60 ? 101  HIS A N   1 
ATOM   689  C CA  . HIS A 1 101 ? 3.855   6.734   1.006   1.00 33.01 ? 101  HIS A CA  1 
ATOM   690  C C   . HIS A 1 101 ? 3.065   8.037   1.087   1.00 33.29 ? 101  HIS A C   1 
ATOM   691  O O   . HIS A 1 101 ? 2.988   8.777   0.111   1.00 32.89 ? 101  HIS A O   1 
ATOM   692  C CB  . HIS A 1 101 ? 5.344   7.030   0.926   1.00 33.28 ? 101  HIS A CB  1 
ATOM   693  C CG  . HIS A 1 101 ? 6.205   5.806   0.920   1.00 33.70 ? 101  HIS A CG  1 
ATOM   694  N ND1 . HIS A 1 101 ? 6.524   5.115   2.070   1.00 34.05 ? 101  HIS A ND1 1 
ATOM   695  C CD2 . HIS A 1 101 ? 6.828   5.158   -0.092  1.00 33.79 ? 101  HIS A CD2 1 
ATOM   696  C CE1 . HIS A 1 101 ? 7.297   4.089   1.763   1.00 33.91 ? 101  HIS A CE1 1 
ATOM   697  N NE2 . HIS A 1 101 ? 7.497   4.093   0.459   1.00 33.63 ? 101  HIS A NE2 1 
ATOM   698  N N   . ILE A 1 102 ? 2.465   8.296   2.248   1.00 33.70 ? 102  ILE A N   1 
ATOM   699  C CA  . ILE A 1 102 ? 1.647   9.490   2.470   1.00 34.27 ? 102  ILE A CA  1 
ATOM   700  C C   . ILE A 1 102 ? 2.556   10.718  2.550   1.00 35.05 ? 102  ILE A C   1 
ATOM   701  O O   . ILE A 1 102 ? 2.415   11.661  1.769   1.00 35.46 ? 102  ILE A O   1 
ATOM   702  C CB  . ILE A 1 102 ? 0.766   9.338   3.743   1.00 34.00 ? 102  ILE A CB  1 
ATOM   703  C CG1 . ILE A 1 102 ? -0.401  8.390   3.449   1.00 34.40 ? 102  ILE A CG1 1 
ATOM   704  C CG2 . ILE A 1 102 ? 0.221   10.677  4.229   1.00 33.55 ? 102  ILE A CG2 1 
ATOM   705  C CD1 . ILE A 1 102 ? -1.242  8.026   4.653   1.00 34.66 ? 102  ILE A CD1 1 
ATOM   706  N N   . SER A 1 103 ? 3.493   10.692  3.492   1.00 35.04 ? 103  SER A N   1 
ATOM   707  C CA  . SER A 1 103 ? 4.479   11.752  3.620   1.00 34.74 ? 103  SER A CA  1 
ATOM   708  C C   . SER A 1 103 ? 5.442   11.653  2.449   1.00 35.54 ? 103  SER A C   1 
ATOM   709  O O   . SER A 1 103 ? 5.566   10.585  1.838   1.00 36.15 ? 103  SER A O   1 
ATOM   710  C CB  . SER A 1 103 ? 5.247   11.607  4.938   1.00 34.23 ? 103  SER A CB  1 
ATOM   711  O OG  . SER A 1 103 ? 5.906   10.349  5.021   1.00 33.54 ? 103  SER A OG  1 
ATOM   712  N N   . ASN A 1 104 ? 6.108   12.759  2.119   1.00 35.89 ? 104  ASN A N   1 
ATOM   713  C CA  . ASN A 1 104 ? 7.267   12.689  1.239   1.00 35.76 ? 104  ASN A CA  1 
ATOM   714  C C   . ASN A 1 104 ? 8.436   12.158  2.051   1.00 36.36 ? 104  ASN A C   1 
ATOM   715  O O   . ASN A 1 104 ? 8.956   12.869  2.910   1.00 38.51 ? 104  ASN A O   1 
ATOM   716  C CB  . ASN A 1 104 ? 7.625   14.046  0.637   1.00 35.48 ? 104  ASN A CB  1 
ATOM   717  C CG  . ASN A 1 104 ? 8.875   13.978  -0.233  1.00 36.35 ? 104  ASN A CG  1 
ATOM   718  O OD1 . ASN A 1 104 ? 9.741   13.134  -0.025  1.00 36.35 ? 104  ASN A OD1 1 
ATOM   719  N ND2 . ASN A 1 104 ? 8.969   14.865  -1.216  1.00 37.58 ? 104  ASN A ND2 1 
ATOM   720  N N   . VAL A 1 105 ? 8.844   10.917  1.785   1.00 35.73 ? 105  VAL A N   1 
ATOM   721  C CA  . VAL A 1 105 ? 9.934   10.278  2.542   1.00 34.89 ? 105  VAL A CA  1 
ATOM   722  C C   . VAL A 1 105 ? 11.304  10.893  2.262   1.00 33.12 ? 105  VAL A C   1 
ATOM   723  O O   . VAL A 1 105 ? 12.157  10.920  3.139   1.00 33.73 ? 105  VAL A O   1 
ATOM   724  C CB  . VAL A 1 105 ? 10.003  8.740   2.319   1.00 35.20 ? 105  VAL A CB  1 
ATOM   725  C CG1 . VAL A 1 105 ? 8.904   8.038   3.108   1.00 35.76 ? 105  VAL A CG1 1 
ATOM   726  C CG2 . VAL A 1 105 ? 9.926   8.373   0.841   1.00 34.72 ? 105  VAL A CG2 1 
ATOM   727  N N   . HIS A 1 106 ? 11.504  11.414  1.057   1.00 31.77 ? 106  HIS A N   1 
ATOM   728  C CA  . HIS A 1 106 ? 12.803  11.959  0.666   1.00 31.02 ? 106  HIS A CA  1 
ATOM   729  C C   . HIS A 1 106 ? 13.056  13.320  1.279   1.00 30.25 ? 106  HIS A C   1 
ATOM   730  O O   . HIS A 1 106 ? 14.143  13.874  1.129   1.00 30.18 ? 106  HIS A O   1 
ATOM   731  C CB  . HIS A 1 106 ? 12.919  12.063  -0.858  1.00 30.92 ? 106  HIS A CB  1 
ATOM   732  C CG  . HIS A 1 106 ? 12.530  10.812  -1.578  1.00 31.23 ? 106  HIS A CG  1 
ATOM   733  N ND1 . HIS A 1 106 ? 13.268  9.652   -1.507  1.00 32.02 ? 106  HIS A ND1 1 
ATOM   734  C CD2 . HIS A 1 106 ? 11.473  10.537  -2.376  1.00 32.00 ? 106  HIS A CD2 1 
ATOM   735  C CE1 . HIS A 1 106 ? 12.687  8.715   -2.234  1.00 32.29 ? 106  HIS A CE1 1 
ATOM   736  N NE2 . HIS A 1 106 ? 11.595  9.227   -2.773  1.00 32.51 ? 106  HIS A NE2 1 
ATOM   737  N N   . ALA A 1 107 ? 12.050  13.861  1.958   1.00 29.99 ? 107  ALA A N   1 
ATOM   738  C CA  . ALA A 1 107 ? 12.153  15.172  2.581   1.00 30.29 ? 107  ALA A CA  1 
ATOM   739  C C   . ALA A 1 107 ? 12.441  15.051  4.066   1.00 30.39 ? 107  ALA A C   1 
ATOM   740  O O   . ALA A 1 107 ? 12.368  16.033  4.784   1.00 30.32 ? 107  ALA A O   1 
ATOM   741  C CB  . ALA A 1 107 ? 10.865  15.947  2.365   1.00 30.05 ? 107  ALA A CB  1 
ATOM   742  N N   . ARG A 1 108 ? 12.788  13.852  4.518   1.00 31.57 ? 108  ARG A N   1 
ATOM   743  C CA  . ARG A 1 108 ? 12.861  13.556  5.939   1.00 32.68 ? 108  ARG A CA  1 
ATOM   744  C C   . ARG A 1 108 ? 14.249  13.029  6.284   1.00 33.87 ? 108  ARG A C   1 
ATOM   745  O O   . ARG A 1 108 ? 15.236  13.570  5.806   1.00 34.07 ? 108  ARG A O   1 
ATOM   746  C CB  . ARG A 1 108 ? 11.771  12.545  6.301   1.00 33.15 ? 108  ARG A CB  1 
ATOM   747  C CG  . ARG A 1 108 ? 10.379  12.899  5.792   1.00 33.11 ? 108  ARG A CG  1 
ATOM   748  C CD  . ARG A 1 108 ? 9.352   11.878  6.249   1.00 32.86 ? 108  ARG A CD  1 
ATOM   749  N NE  . ARG A 1 108 ? 9.345   11.767  7.704   1.00 32.87 ? 108  ARG A NE  1 
ATOM   750  C CZ  . ARG A 1 108 ? 8.735   10.808  8.397   1.00 33.20 ? 108  ARG A CZ  1 
ATOM   751  N NH1 . ARG A 1 108 ? 8.052   9.843   7.795   1.00 33.34 ? 108  ARG A NH1 1 
ATOM   752  N NH2 . ARG A 1 108 ? 8.810   10.818  9.718   1.00 34.22 ? 108  ARG A NH2 1 
ATOM   753  N N   . GLU A 1 109 ? 14.334  11.990  7.109   1.00 36.29 ? 109  GLU A N   1 
ATOM   754  C CA  . GLU A 1 109 ? 15.616  11.398  7.463   1.00 38.70 ? 109  GLU A CA  1 
ATOM   755  C C   . GLU A 1 109 ? 16.190  10.653  6.262   1.00 39.33 ? 109  GLU A C   1 
ATOM   756  O O   . GLU A 1 109 ? 15.444  10.125  5.434   1.00 39.87 ? 109  GLU A O   1 
ATOM   757  C CB  . GLU A 1 109 ? 15.475  10.438  8.651   1.00 40.34 ? 109  GLU A CB  1 
ATOM   758  C CG  . GLU A 1 109 ? 15.157  11.110  9.981   1.00 41.41 ? 109  GLU A CG  1 
ATOM   759  C CD  . GLU A 1 109 ? 13.673  11.305  10.218  1.00 43.92 ? 109  GLU A CD  1 
ATOM   760  O OE1 . GLU A 1 109 ? 12.861  10.515  9.685   1.00 45.34 ? 109  GLU A OE1 1 
ATOM   761  O OE2 . GLU A 1 109 ? 13.313  12.254  10.948  1.00 47.80 ? 109  GLU A OE2 1 
ATOM   762  N N   . GLU A 1 110 ? 17.516  10.603  6.181   1.00 39.41 ? 110  GLU A N   1 
ATOM   763  C CA  . GLU A 1 110 ? 18.174  10.042  5.011   1.00 39.91 ? 110  GLU A CA  1 
ATOM   764  C C   . GLU A 1 110 ? 17.965  8.537   4.942   1.00 38.88 ? 110  GLU A C   1 
ATOM   765  O O   . GLU A 1 110 ? 17.931  7.972   3.849   1.00 39.90 ? 110  GLU A O   1 
ATOM   766  C CB  . GLU A 1 110 ? 19.672  10.391  4.990   1.00 41.57 ? 110  GLU A CB  1 
ATOM   767  C CG  . GLU A 1 110 ? 20.239  10.616  3.587   1.00 43.71 ? 110  GLU A CG  1 
ATOM   768  C CD  . GLU A 1 110 ? 19.827  11.955  2.950   1.00 45.67 ? 110  GLU A CD  1 
ATOM   769  O OE1 . GLU A 1 110 ? 18.884  12.626  3.428   1.00 46.66 ? 110  GLU A OE1 1 
ATOM   770  O OE2 . GLU A 1 110 ? 20.458  12.348  1.944   1.00 46.72 ? 110  GLU A OE2 1 
ATOM   771  N N   . PHE A 1 111 ? 17.798  7.890   6.092   1.00 37.51 ? 111  PHE A N   1 
ATOM   772  C CA  . PHE A 1 111 ? 17.581  6.441   6.112   1.00 36.67 ? 111  PHE A CA  1 
ATOM   773  C C   . PHE A 1 111 ? 16.246  6.054   5.472   1.00 36.36 ? 111  PHE A C   1 
ATOM   774  O O   . PHE A 1 111 ? 16.076  4.917   5.026   1.00 35.44 ? 111  PHE A O   1 
ATOM   775  C CB  . PHE A 1 111 ? 17.704  5.878   7.537   1.00 36.46 ? 111  PHE A CB  1 
ATOM   776  C CG  . PHE A 1 111 ? 16.567  6.247   8.453   1.00 35.40 ? 111  PHE A CG  1 
ATOM   777  C CD1 . PHE A 1 111 ? 15.354  5.592   8.366   1.00 35.17 ? 111  PHE A CD1 1 
ATOM   778  C CD2 . PHE A 1 111 ? 16.729  7.215   9.426   1.00 34.95 ? 111  PHE A CD2 1 
ATOM   779  C CE1 . PHE A 1 111 ? 14.316  5.918   9.210   1.00 35.11 ? 111  PHE A CE1 1 
ATOM   780  C CE2 . PHE A 1 111 ? 15.697  7.540   10.282  1.00 34.43 ? 111  PHE A CE2 1 
ATOM   781  C CZ  . PHE A 1 111 ? 14.488  6.894   10.171  1.00 34.81 ? 111  PHE A CZ  1 
ATOM   782  N N   . ARG A 1 112 ? 15.314  7.010   5.429   1.00 36.18 ? 112  ARG A N   1 
ATOM   783  C CA  . ARG A 1 112 ? 14.016  6.819   4.781   1.00 35.73 ? 112  ARG A CA  1 
ATOM   784  C C   . ARG A 1 112 ? 14.082  6.773   3.260   1.00 36.12 ? 112  ARG A C   1 
ATOM   785  O O   . ARG A 1 112 ? 13.095  6.435   2.616   1.00 37.32 ? 112  ARG A O   1 
ATOM   786  C CB  . ARG A 1 112 ? 13.041  7.924   5.195   1.00 35.77 ? 112  ARG A CB  1 
ATOM   787  C CG  . ARG A 1 112 ? 12.197  7.554   6.398   1.00 36.08 ? 112  ARG A CG  1 
ATOM   788  C CD  . ARG A 1 112 ? 11.432  8.740   6.959   1.00 36.10 ? 112  ARG A CD  1 
ATOM   789  N NE  . ARG A 1 112 ? 11.521  8.754   8.411   1.00 36.16 ? 112  ARG A NE  1 
ATOM   790  C CZ  . ARG A 1 112 ? 10.870  7.925   9.223   1.00 36.36 ? 112  ARG A CZ  1 
ATOM   791  N NH1 . ARG A 1 112 ? 10.044  7.000   8.738   1.00 36.72 ? 112  ARG A NH1 1 
ATOM   792  N NH2 . ARG A 1 112 ? 11.048  8.028   10.537  1.00 35.81 ? 112  ARG A NH2 1 
ATOM   793  N N   . ARG A 1 113 ? 15.227  7.110   2.682   1.00 36.62 ? 113  ARG A N   1 
ATOM   794  C CA  . ARG A 1 113 ? 15.340  7.204   1.227   1.00 37.02 ? 113  ARG A CA  1 
ATOM   795  C C   . ARG A 1 113 ? 15.774  5.892   0.558   1.00 36.96 ? 113  ARG A C   1 
ATOM   796  O O   . ARG A 1 113 ? 16.010  5.849   -0.654  1.00 37.98 ? 113  ARG A O   1 
ATOM   797  C CB  . ARG A 1 113 ? 16.267  8.360   0.859   1.00 37.00 ? 113  ARG A CB  1 
ATOM   798  C CG  . ARG A 1 113 ? 15.775  9.693   1.408   1.00 37.15 ? 113  ARG A CG  1 
ATOM   799  C CD  . ARG A 1 113 ? 16.579  10.870  0.880   1.00 38.06 ? 113  ARG A CD  1 
ATOM   800  N NE  . ARG A 1 113 ? 16.463  11.010  -0.575  1.00 39.06 ? 113  ARG A NE  1 
ATOM   801  C CZ  . ARG A 1 113 ? 17.088  11.930  -1.308  1.00 38.72 ? 113  ARG A CZ  1 
ATOM   802  N NH1 . ARG A 1 113 ? 17.893  12.817  -0.737  1.00 38.84 ? 113  ARG A NH1 1 
ATOM   803  N NH2 . ARG A 1 113 ? 16.903  11.963  -2.623  1.00 38.74 ? 113  ARG A NH2 1 
ATOM   804  N N   . HIS A 1 114 ? 15.865  4.823   1.341   1.00 36.22 ? 114  HIS A N   1 
ATOM   805  C CA  . HIS A 1 114 ? 16.012  3.487   0.787   1.00 35.34 ? 114  HIS A CA  1 
ATOM   806  C C   . HIS A 1 114 ? 14.782  2.639   1.105   1.00 33.79 ? 114  HIS A C   1 
ATOM   807  O O   . HIS A 1 114 ? 14.320  2.582   2.248   1.00 32.15 ? 114  HIS A O   1 
ATOM   808  C CB  . HIS A 1 114 ? 17.257  2.807   1.331   1.00 35.72 ? 114  HIS A CB  1 
ATOM   809  C CG  . HIS A 1 114 ? 17.376  1.379   0.918   1.00 36.03 ? 114  HIS A CG  1 
ATOM   810  N ND1 . HIS A 1 114 ? 16.944  0.340   1.710   1.00 36.55 ? 114  HIS A ND1 1 
ATOM   811  C CD2 . HIS A 1 114 ? 17.856  0.817   -0.216  1.00 36.51 ? 114  HIS A CD2 1 
ATOM   812  C CE1 . HIS A 1 114 ? 17.170  -0.804  1.090   1.00 37.11 ? 114  HIS A CE1 1 
ATOM   813  N NE2 . HIS A 1 114 ? 17.721  -0.543  -0.081  1.00 36.98 ? 114  HIS A NE2 1 
ATOM   814  N N   . SER A 1 115 ? 14.263  1.987   0.073   1.00 32.99 ? 115  SER A N   1 
ATOM   815  C CA  . SER A 1 115 ? 13.128  1.085   0.198   1.00 32.32 ? 115  SER A CA  1 
ATOM   816  C C   . SER A 1 115 ? 13.478  -0.257  -0.436  1.00 31.84 ? 115  SER A C   1 
ATOM   817  O O   . SER A 1 115 ? 13.817  -0.328  -1.616  1.00 31.54 ? 115  SER A O   1 
ATOM   818  C CB  . SER A 1 115 ? 11.895  1.689   -0.473  1.00 31.99 ? 115  SER A CB  1 
ATOM   819  O OG  . SER A 1 115 ? 11.016  0.681   -0.931  1.00 31.56 ? 115  SER A OG  1 
ATOM   820  N N   . TYR A 1 116 ? 13.409  -1.316  0.364   1.00 31.48 ? 116  TYR A N   1 
ATOM   821  C CA  . TYR A 1 116 ? 13.617  -2.669  -0.126  1.00 31.38 ? 116  TYR A CA  1 
ATOM   822  C C   . TYR A 1 116 ? 12.533  -3.064  -1.126  1.00 32.15 ? 116  TYR A C   1 
ATOM   823  O O   . TYR A 1 116 ? 12.742  -3.953  -1.957  1.00 32.85 ? 116  TYR A O   1 
ATOM   824  C CB  . TYR A 1 116 ? 13.624  -3.657  1.042   1.00 30.91 ? 116  TYR A CB  1 
ATOM   825  C CG  . TYR A 1 116 ? 14.881  -3.607  1.877   1.00 30.93 ? 116  TYR A CG  1 
ATOM   826  C CD1 . TYR A 1 116 ? 16.049  -4.235  1.444   1.00 31.20 ? 116  TYR A CD1 1 
ATOM   827  C CD2 . TYR A 1 116 ? 14.911  -2.936  3.098   1.00 30.93 ? 116  TYR A CD2 1 
ATOM   828  C CE1 . TYR A 1 116 ? 17.214  -4.197  2.200   1.00 31.19 ? 116  TYR A CE1 1 
ATOM   829  C CE2 . TYR A 1 116 ? 16.071  -2.897  3.864   1.00 31.01 ? 116  TYR A CE2 1 
ATOM   830  C CZ  . TYR A 1 116 ? 17.220  -3.531  3.412   1.00 31.20 ? 116  TYR A CZ  1 
ATOM   831  O OH  . TYR A 1 116 ? 18.375  -3.495  4.162   1.00 30.70 ? 116  TYR A OH  1 
ATOM   832  N N   . LEU A 1 117 ? 11.383  -2.388  -1.041  1.00 32.10 ? 117  LEU A N   1 
ATOM   833  C CA  . LEU A 1 117 ? 10.199  -2.705  -1.844  1.00 31.66 ? 117  LEU A CA  1 
ATOM   834  C C   . LEU A 1 117 ? 10.230  -2.062  -3.243  1.00 31.43 ? 117  LEU A C   1 
ATOM   835  O O   . LEU A 1 117 ? 9.848   -2.694  -4.223  1.00 32.08 ? 117  LEU A O   1 
ATOM   836  C CB  . LEU A 1 117 ? 8.929   -2.267  -1.091  1.00 31.21 ? 117  LEU A CB  1 
ATOM   837  C CG  . LEU A 1 117 ? 8.453   -3.068  0.135   1.00 30.54 ? 117  LEU A CG  1 
ATOM   838  C CD1 . LEU A 1 117 ? 9.507   -3.216  1.221   1.00 30.10 ? 117  LEU A CD1 1 
ATOM   839  C CD2 . LEU A 1 117 ? 7.205   -2.413  0.710   1.00 30.36 ? 117  LEU A CD2 1 
ATOM   840  N N   . SER A 1 118 ? 10.696  -0.821  -3.334  1.00 30.79 ? 118  SER A N   1 
ATOM   841  C CA  . SER A 1 118 ? 10.701  -0.087  -4.592  1.00 30.69 ? 118  SER A CA  1 
ATOM   842  C C   . SER A 1 118 ? 11.202  -0.894  -5.785  1.00 31.55 ? 118  SER A C   1 
ATOM   843  O O   . SER A 1 118 ? 10.541  -0.918  -6.816  1.00 31.72 ? 118  SER A O   1 
ATOM   844  C CB  . SER A 1 118 ? 11.523  1.194   -4.461  1.00 30.71 ? 118  SER A CB  1 
ATOM   845  O OG  . SER A 1 118 ? 10.948  2.065   -3.506  1.00 30.98 ? 118  SER A OG  1 
ATOM   846  N N   . PRO A 1 119 ? 12.364  -1.562  -5.654  1.00 33.42 ? 119  PRO A N   1 
ATOM   847  C CA  . PRO A 1 119 ? 12.982  -2.229  -6.804  1.00 34.07 ? 119  PRO A CA  1 
ATOM   848  C C   . PRO A 1 119 ? 12.219  -3.439  -7.329  1.00 34.85 ? 119  PRO A C   1 
ATOM   849  O O   . PRO A 1 119 ? 12.456  -3.853  -8.462  1.00 35.68 ? 119  PRO A O   1 
ATOM   850  C CB  . PRO A 1 119 ? 14.349  -2.688  -6.267  1.00 34.37 ? 119  PRO A CB  1 
ATOM   851  C CG  . PRO A 1 119 ? 14.539  -1.995  -4.969  1.00 34.53 ? 119  PRO A CG  1 
ATOM   852  C CD  . PRO A 1 119 ? 13.161  -1.769  -4.435  1.00 34.47 ? 119  PRO A CD  1 
ATOM   853  N N   . ILE A 1 120 ? 11.340  -4.014  -6.509  1.00 35.55 ? 120  ILE A N   1 
ATOM   854  C CA  . ILE A 1 120 ? 10.485  -5.129  -6.941  1.00 35.46 ? 120  ILE A CA  1 
ATOM   855  C C   . ILE A 1 120 ? 9.009   -4.735  -7.011  1.00 35.34 ? 120  ILE A C   1 
ATOM   856  O O   . ILE A 1 120 ? 8.134   -5.594  -7.045  1.00 36.05 ? 120  ILE A O   1 
ATOM   857  C CB  . ILE A 1 120 ? 10.623  -6.344  -6.009  1.00 35.08 ? 120  ILE A CB  1 
ATOM   858  C CG1 . ILE A 1 120 ? 10.002  -6.057  -4.642  1.00 35.36 ? 120  ILE A CG1 1 
ATOM   859  C CG2 . ILE A 1 120 ? 12.084  -6.736  -5.859  1.00 35.32 ? 120  ILE A CG2 1 
ATOM   860  C CD1 . ILE A 1 120 ? 9.441   -7.296  -4.000  1.00 35.75 ? 120  ILE A CD1 1 
ATOM   861  N N   . ALA A 1 121 ? 8.736   -3.437  -7.003  1.00 34.87 ? 121  ALA A N   1 
ATOM   862  C CA  . ALA A 1 121 ? 7.391   -2.948  -7.218  1.00 34.70 ? 121  ALA A CA  1 
ATOM   863  C C   . ALA A 1 121 ? 7.287   -2.531  -8.671  1.00 34.62 ? 121  ALA A C   1 
ATOM   864  O O   . ALA A 1 121 ? 8.305   -2.393  -9.362  1.00 34.79 ? 121  ALA A O   1 
ATOM   865  C CB  . ALA A 1 121 ? 7.098   -1.771  -6.301  1.00 35.00 ? 121  ALA A CB  1 
ATOM   866  N N   . THR A 1 122 ? 6.051   -2.360  -9.134  1.00 34.04 ? 122  THR A N   1 
ATOM   867  C CA  . THR A 1 122 ? 5.784   -1.806  -10.452 1.00 33.12 ? 122  THR A CA  1 
ATOM   868  C C   . THR A 1 122 ? 6.136   -0.332  -10.452 1.00 32.08 ? 122  THR A C   1 
ATOM   869  O O   . THR A 1 122 ? 6.751   0.174   -11.393 1.00 31.35 ? 122  THR A O   1 
ATOM   870  C CB  . THR A 1 122 ? 4.305   -1.958  -10.824 1.00 33.68 ? 122  THR A CB  1 
ATOM   871  O OG1 . THR A 1 122 ? 3.926   -3.330  -10.686 1.00 34.89 ? 122  THR A OG1 1 
ATOM   872  C CG2 . THR A 1 122 ? 4.048   -1.506  -12.257 1.00 34.25 ? 122  THR A CG2 1 
ATOM   873  N N   . GLY A 1 123 ? 5.741   0.347   -9.380  1.00 31.79 ? 123  GLY A N   1 
ATOM   874  C CA  . GLY A 1 123 ? 5.984   1.772   -9.235  1.00 32.01 ? 123  GLY A CA  1 
ATOM   875  C C   . GLY A 1 123 ? 5.656   2.297   -7.848  1.00 32.32 ? 123  GLY A C   1 
ATOM   876  O O   . GLY A 1 123 ? 5.162   1.552   -6.998  1.00 32.50 ? 123  GLY A O   1 
ATOM   877  N N   . VAL A 1 124 ? 5.912   3.593   -7.641  1.00 32.20 ? 124  VAL A N   1 
ATOM   878  C CA  . VAL A 1 124 ? 5.927   4.208   -6.311  1.00 31.55 ? 124  VAL A CA  1 
ATOM   879  C C   . VAL A 1 124 ? 5.314   5.606   -6.305  1.00 30.46 ? 124  VAL A C   1 
ATOM   880  O O   . VAL A 1 124 ? 5.656   6.444   -7.137  1.00 29.30 ? 124  VAL A O   1 
ATOM   881  C CB  . VAL A 1 124 ? 7.378   4.360   -5.787  1.00 32.81 ? 124  VAL A CB  1 
ATOM   882  C CG1 . VAL A 1 124 ? 7.385   4.759   -4.315  1.00 33.08 ? 124  VAL A CG1 1 
ATOM   883  C CG2 . VAL A 1 124 ? 8.182   3.079   -5.989  1.00 33.03 ? 124  VAL A CG2 1 
ATOM   884  N N   . ILE A 1 125 ? 4.440   5.862   -5.334  1.00 30.20 ? 125  ILE A N   1 
ATOM   885  C CA  . ILE A 1 125 ? 3.851   7.191   -5.125  1.00 29.49 ? 125  ILE A CA  1 
ATOM   886  C C   . ILE A 1 125 ? 4.219   7.664   -3.716  1.00 28.56 ? 125  ILE A C   1 
ATOM   887  O O   . ILE A 1 125 ? 4.143   6.900   -2.765  1.00 27.66 ? 125  ILE A O   1 
ATOM   888  C CB  . ILE A 1 125 ? 2.315   7.172   -5.329  1.00 29.68 ? 125  ILE A CB  1 
ATOM   889  C CG1 . ILE A 1 125 ? 1.966   6.585   -6.704  1.00 30.16 ? 125  ILE A CG1 1 
ATOM   890  C CG2 . ILE A 1 125 ? 1.735   8.578   -5.226  1.00 29.17 ? 125  ILE A CG2 1 
ATOM   891  C CD1 . ILE A 1 125 ? 0.598   5.946   -6.773  1.00 30.36 ? 125  ILE A CD1 1 
ATOM   892  N N   . VAL A 1 126 ? 4.630   8.922   -3.596  1.00 28.78 ? 126  VAL A N   1 
ATOM   893  C CA  . VAL A 1 126 ? 5.245   9.442   -2.375  1.00 29.33 ? 126  VAL A CA  1 
ATOM   894  C C   . VAL A 1 126 ? 4.938   10.919  -2.175  1.00 29.41 ? 126  VAL A C   1 
ATOM   895  O O   . VAL A 1 126 ? 5.275   11.731  -3.026  1.00 28.80 ? 126  VAL A O   1 
ATOM   896  C CB  . VAL A 1 126 ? 6.787   9.330   -2.447  1.00 30.30 ? 126  VAL A CB  1 
ATOM   897  C CG1 . VAL A 1 126 ? 7.434   9.935   -1.210  1.00 30.45 ? 126  VAL A CG1 1 
ATOM   898  C CG2 . VAL A 1 126 ? 7.234   7.885   -2.637  1.00 30.52 ? 126  VAL A CG2 1 
ATOM   899  N N   . GLY A 1 127 ? 4.325   11.271  -1.047  1.00 30.79 ? 127  GLY A N   1 
ATOM   900  C CA  . GLY A 1 127 ? 4.133   12.681  -0.663  1.00 31.63 ? 127  GLY A CA  1 
ATOM   901  C C   . GLY A 1 127 ? 2.857   13.349  -1.149  1.00 32.37 ? 127  GLY A C   1 
ATOM   902  O O   . GLY A 1 127 ? 2.653   14.549  -0.926  1.00 32.36 ? 127  GLY A O   1 
ATOM   903  N N   . LEU A 1 128 ? 1.992   12.578  -1.801  1.00 32.74 ? 128  LEU A N   1 
ATOM   904  C CA  . LEU A 1 128 ? 0.731   13.098  -2.319  1.00 33.39 ? 128  LEU A CA  1 
ATOM   905  C C   . LEU A 1 128 ? -0.394  12.879  -1.308  1.00 34.51 ? 128  LEU A C   1 
ATOM   906  O O   . LEU A 1 128 ? -1.564  13.172  -1.565  1.00 34.62 ? 128  LEU A O   1 
ATOM   907  C CB  . LEU A 1 128 ? 0.433   12.461  -3.681  1.00 32.44 ? 128  LEU A CB  1 
ATOM   908  C CG  . LEU A 1 128 ? 1.620   12.595  -4.648  1.00 31.91 ? 128  LEU A CG  1 
ATOM   909  C CD1 . LEU A 1 128 ? 1.277   12.064  -6.027  1.00 31.98 ? 128  LEU A CD1 1 
ATOM   910  C CD2 . LEU A 1 128 ? 2.105   14.035  -4.752  1.00 31.69 ? 128  LEU A CD2 1 
ATOM   911  N N   . GLY A 1 129 ? -0.018  12.366  -0.143  1.00 35.88 ? 129  GLY A N   1 
ATOM   912  C CA  . GLY A 1 129 ? -0.924  12.270  0.977   1.00 37.18 ? 129  GLY A CA  1 
ATOM   913  C C   . GLY A 1 129 ? -1.836  11.076  0.850   1.00 38.38 ? 129  GLY A C   1 
ATOM   914  O O   . GLY A 1 129 ? -1.437  10.010  0.382   1.00 39.10 ? 129  GLY A O   1 
ATOM   915  N N   . ILE A 1 130 ? -3.081  11.275  1.249   1.00 39.84 ? 130  ILE A N   1 
ATOM   916  C CA  . ILE A 1 130 ? -4.060  10.208  1.281   1.00 39.99 ? 130  ILE A CA  1 
ATOM   917  C C   . ILE A 1 130 ? -4.438  9.832   -0.153  1.00 39.16 ? 130  ILE A C   1 
ATOM   918  O O   . ILE A 1 130 ? -4.775  8.683   -0.430  1.00 39.29 ? 130  ILE A O   1 
ATOM   919  C CB  . ILE A 1 130 ? -5.317  10.632  2.089   1.00 41.06 ? 130  ILE A CB  1 
ATOM   920  C CG1 . ILE A 1 130 ? -4.936  11.068  3.521   1.00 40.62 ? 130  ILE A CG1 1 
ATOM   921  C CG2 . ILE A 1 130 ? -6.334  9.497   2.136   1.00 41.63 ? 130  ILE A CG2 1 
ATOM   922  C CD1 . ILE A 1 130 ? -4.613  12.544  3.681   1.00 40.31 ? 130  ILE A CD1 1 
ATOM   923  N N   . GLN A 1 131 ? -4.351  10.797  -1.065  1.00 38.12 ? 131  GLN A N   1 
ATOM   924  C CA  . GLN A 1 131 ? -4.803  10.594  -2.433  1.00 37.76 ? 131  GLN A CA  1 
ATOM   925  C C   . GLN A 1 131 ? -3.959  9.591   -3.223  1.00 36.15 ? 131  GLN A C   1 
ATOM   926  O O   . GLN A 1 131 ? -4.469  8.933   -4.133  1.00 36.00 ? 131  GLN A O   1 
ATOM   927  C CB  . GLN A 1 131 ? -4.863  11.924  -3.181  1.00 38.61 ? 131  GLN A CB  1 
ATOM   928  C CG  . GLN A 1 131 ? -5.549  11.814  -4.532  1.00 39.42 ? 131  GLN A CG  1 
ATOM   929  C CD  . GLN A 1 131 ? -5.661  13.139  -5.241  1.00 39.75 ? 131  GLN A CD  1 
ATOM   930  O OE1 . GLN A 1 131 ? -5.542  14.194  -4.624  1.00 40.53 ? 131  GLN A OE1 1 
ATOM   931  N NE2 . GLN A 1 131 ? -5.899  13.091  -6.548  1.00 40.36 ? 131  GLN A NE2 1 
ATOM   932  N N   . GLY A 1 132 ? -2.680  9.477   -2.889  1.00 34.62 ? 132  GLY A N   1 
ATOM   933  C CA  . GLY A 1 132 ? -1.823  8.467   -3.510  1.00 34.46 ? 132  GLY A CA  1 
ATOM   934  C C   . GLY A 1 132 ? -2.506  7.117   -3.675  1.00 33.94 ? 132  GLY A C   1 
ATOM   935  O O   . GLY A 1 132 ? -2.417  6.495   -4.738  1.00 34.12 ? 132  GLY A O   1 
ATOM   936  N N   . TYR A 1 133 ? -3.200  6.670   -2.626  1.00 33.20 ? 133  TYR A N   1 
ATOM   937  C CA  . TYR A 1 133 ? -4.005  5.439   -2.679  1.00 32.36 ? 133  TYR A CA  1 
ATOM   938  C C   . TYR A 1 133 ? -4.989  5.469   -3.843  1.00 33.82 ? 133  TYR A C   1 
ATOM   939  O O   . TYR A 1 133 ? -5.066  4.518   -4.621  1.00 34.79 ? 133  TYR A O   1 
ATOM   940  C CB  . TYR A 1 133 ? -4.773  5.221   -1.369  1.00 30.77 ? 133  TYR A CB  1 
ATOM   941  C CG  . TYR A 1 133 ? -3.901  4.844   -0.189  1.00 29.30 ? 133  TYR A CG  1 
ATOM   942  C CD1 . TYR A 1 133 ? -3.513  3.527   0.026   1.00 28.59 ? 133  TYR A CD1 1 
ATOM   943  C CD2 . TYR A 1 133 ? -3.460  5.807   0.707   1.00 28.65 ? 133  TYR A CD2 1 
ATOM   944  C CE1 . TYR A 1 133 ? -2.710  3.178   1.102   1.00 27.92 ? 133  TYR A CE1 1 
ATOM   945  C CE2 . TYR A 1 133 ? -2.658  5.471   1.784   1.00 28.11 ? 133  TYR A CE2 1 
ATOM   946  C CZ  . TYR A 1 133 ? -2.286  4.156   1.980   1.00 27.69 ? 133  TYR A CZ  1 
ATOM   947  O OH  . TYR A 1 133 ? -1.491  3.843   3.061   1.00 26.66 ? 133  TYR A OH  1 
ATOM   948  N N   . LEU A 1 134 ? -5.725  6.572   -3.961  1.00 35.30 ? 134  LEU A N   1 
ATOM   949  C CA  . LEU A 1 134 ? -6.723  6.739   -5.023  1.00 37.00 ? 134  LEU A CA  1 
ATOM   950  C C   . LEU A 1 134 ? -6.109  6.753   -6.430  1.00 37.30 ? 134  LEU A C   1 
ATOM   951  O O   . LEU A 1 134 ? -6.696  6.228   -7.391  1.00 36.98 ? 134  LEU A O   1 
ATOM   952  C CB  . LEU A 1 134 ? -7.514  8.034   -4.806  1.00 38.14 ? 134  LEU A CB  1 
ATOM   953  C CG  . LEU A 1 134 ? -8.223  8.233   -3.457  1.00 39.03 ? 134  LEU A CG  1 
ATOM   954  C CD1 . LEU A 1 134 ? -9.251  9.356   -3.550  1.00 38.71 ? 134  LEU A CD1 1 
ATOM   955  C CD2 . LEU A 1 134 ? -8.885  6.950   -2.980  1.00 39.49 ? 134  LEU A CD2 1 
ATOM   956  N N   . LEU A 1 135 ? -4.936  7.367   -6.544  1.00 36.13 ? 135  LEU A N   1 
ATOM   957  C CA  . LEU A 1 135 ? -4.222  7.409   -7.805  1.00 35.56 ? 135  LEU A CA  1 
ATOM   958  C C   . LEU A 1 135 ? -3.719  6.016   -8.149  1.00 36.48 ? 135  LEU A C   1 
ATOM   959  O O   . LEU A 1 135 ? -3.841  5.565   -9.296  1.00 36.79 ? 135  LEU A O   1 
ATOM   960  C CB  . LEU A 1 135 ? -3.055  8.384   -7.717  1.00 34.93 ? 135  LEU A CB  1 
ATOM   961  C CG  . LEU A 1 135 ? -3.443  9.832   -7.454  1.00 34.05 ? 135  LEU A CG  1 
ATOM   962  C CD1 . LEU A 1 135 ? -2.191  10.672  -7.288  1.00 33.79 ? 135  LEU A CD1 1 
ATOM   963  C CD2 . LEU A 1 135 ? -4.314  10.359  -8.581  1.00 34.12 ? 135  LEU A CD2 1 
ATOM   964  N N   . ALA A 1 136 ? -3.168  5.332   -7.150  1.00 36.48 ? 136  ALA A N   1 
ATOM   965  C CA  . ALA A 1 136 ? -2.699  3.969   -7.339  1.00 38.00 ? 136  ALA A CA  1 
ATOM   966  C C   . ALA A 1 136 ? -3.832  3.097   -7.885  1.00 39.13 ? 136  ALA A C   1 
ATOM   967  O O   . ALA A 1 136 ? -3.640  2.337   -8.838  1.00 39.08 ? 136  ALA A O   1 
ATOM   968  C CB  . ALA A 1 136 ? -2.159  3.404   -6.036  1.00 38.01 ? 136  ALA A CB  1 
ATOM   969  N N   . LEU A 1 137 ? -5.012  3.225   -7.289  1.00 40.27 ? 137  LEU A N   1 
ATOM   970  C CA  . LEU A 1 137 ? -6.205  2.580   -7.828  1.00 41.87 ? 137  LEU A CA  1 
ATOM   971  C C   . LEU A 1 137 ? -6.339  2.857   -9.320  1.00 43.28 ? 137  LEU A C   1 
ATOM   972  O O   . LEU A 1 137 ? -6.407  1.928   -10.133 1.00 44.06 ? 137  LEU A O   1 
ATOM   973  C CB  . LEU A 1 137 ? -7.468  3.085   -7.123  1.00 41.46 ? 137  LEU A CB  1 
ATOM   974  C CG  . LEU A 1 137 ? -7.876  2.433   -5.808  1.00 40.71 ? 137  LEU A CG  1 
ATOM   975  C CD1 . LEU A 1 137 ? -9.017  3.240   -5.219  1.00 41.27 ? 137  LEU A CD1 1 
ATOM   976  C CD2 . LEU A 1 137 ? -8.291  0.984   -6.004  1.00 40.27 ? 137  LEU A CD2 1 
ATOM   977  N N   . ARG A 1 138 ? -6.365  4.142   -9.667  1.00 43.71 ? 138  ARG A N   1 
ATOM   978  C CA  . ARG A 1 138 ? -6.652  4.565   -11.031 1.00 44.42 ? 138  ARG A CA  1 
ATOM   979  C C   . ARG A 1 138 ? -5.657  4.009   -12.046 1.00 44.16 ? 138  ARG A C   1 
ATOM   980  O O   . ARG A 1 138 ? -6.023  3.767   -13.200 1.00 46.57 ? 138  ARG A O   1 
ATOM   981  C CB  . ARG A 1 138 ? -6.684  6.082   -11.114 1.00 45.83 ? 138  ARG A CB  1 
ATOM   982  C CG  . ARG A 1 138 ? -7.191  6.613   -12.443 1.00 46.89 ? 138  ARG A CG  1 
ATOM   983  C CD  . ARG A 1 138 ? -7.535  8.083   -12.313 1.00 47.93 ? 138  ARG A CD  1 
ATOM   984  N NE  . ARG A 1 138 ? -8.679  8.292   -11.424 1.00 47.26 ? 138  ARG A NE  1 
ATOM   985  C CZ  . ARG A 1 138 ? -9.942  8.446   -11.825 1.00 47.35 ? 138  ARG A CZ  1 
ATOM   986  N NH1 . ARG A 1 138 ? -10.270 8.425   -13.117 1.00 47.44 ? 138  ARG A NH1 1 
ATOM   987  N NH2 . ARG A 1 138 ? -10.894 8.629   -10.919 1.00 47.29 ? 138  ARG A NH2 1 
ATOM   988  N N   . TYR A 1 139 ? -4.408  3.817   -11.627 1.00 41.88 ? 139  TYR A N   1 
ATOM   989  C CA  . TYR A 1 139 ? -3.427  3.151   -12.479 1.00 40.33 ? 139  TYR A CA  1 
ATOM   990  C C   . TYR A 1 139 ? -3.889  1.733   -12.811 1.00 41.20 ? 139  TYR A C   1 
ATOM   991  O O   . TYR A 1 139 ? -3.875  1.327   -13.972 1.00 40.68 ? 139  TYR A O   1 
ATOM   992  C CB  . TYR A 1 139 ? -2.053  3.102   -11.807 1.00 38.84 ? 139  TYR A CB  1 
ATOM   993  C CG  . TYR A 1 139 ? -1.062  2.303   -12.599 1.00 37.18 ? 139  TYR A CG  1 
ATOM   994  C CD1 . TYR A 1 139 ? -0.347  2.881   -13.635 1.00 37.14 ? 139  TYR A CD1 1 
ATOM   995  C CD2 . TYR A 1 139 ? -0.869  0.961   -12.342 1.00 37.36 ? 139  TYR A CD2 1 
ATOM   996  C CE1 . TYR A 1 139 ? 0.551   2.143   -14.385 1.00 36.90 ? 139  TYR A CE1 1 
ATOM   997  C CE2 . TYR A 1 139 ? 0.026   0.214   -13.087 1.00 38.07 ? 139  TYR A CE2 1 
ATOM   998  C CZ  . TYR A 1 139 ? 0.733   0.815   -14.107 1.00 37.11 ? 139  TYR A CZ  1 
ATOM   999  O OH  . TYR A 1 139 ? 1.622   0.086   -14.852 1.00 37.83 ? 139  TYR A OH  1 
ATOM   1000 N N   . LEU A 1 140 ? -4.304  0.998   -11.780 1.00 43.24 ? 140  LEU A N   1 
ATOM   1001 C CA  . LEU A 1 140 ? -4.693  -0.408  -11.916 1.00 44.70 ? 140  LEU A CA  1 
ATOM   1002 C C   . LEU A 1 140 ? -5.961  -0.604  -12.750 1.00 47.08 ? 140  LEU A C   1 
ATOM   1003 O O   . LEU A 1 140 ? -6.071  -1.585  -13.492 1.00 48.30 ? 140  LEU A O   1 
ATOM   1004 C CB  . LEU A 1 140 ? -4.881  -1.044  -10.535 1.00 43.88 ? 140  LEU A CB  1 
ATOM   1005 C CG  . LEU A 1 140 ? -3.630  -1.108  -9.654  1.00 43.75 ? 140  LEU A CG  1 
ATOM   1006 C CD1 . LEU A 1 140 ? -3.978  -1.508  -8.228  1.00 43.32 ? 140  LEU A CD1 1 
ATOM   1007 C CD2 . LEU A 1 140 ? -2.604  -2.067  -10.242 1.00 44.09 ? 140  LEU A CD2 1 
ATOM   1008 N N   . ALA A 1 141 ? -6.911  0.318   -12.623 1.00 48.24 ? 141  ALA A N   1 
ATOM   1009 C CA  . ALA A 1 141 ? -8.114  0.290   -13.449 1.00 51.60 ? 141  ALA A CA  1 
ATOM   1010 C C   . ALA A 1 141 ? -7.762  0.418   -14.935 1.00 56.59 ? 141  ALA A C   1 
ATOM   1011 O O   . ALA A 1 141 ? -8.217  -0.374  -15.767 1.00 56.94 ? 141  ALA A O   1 
ATOM   1012 C CB  . ALA A 1 141 ? -9.062  1.401   -13.034 1.00 51.06 ? 141  ALA A CB  1 
ATOM   1013 N N   . GLU A 1 142 ? -6.928  1.404   -15.253 1.00 62.08 ? 142  GLU A N   1 
ATOM   1014 C CA  . GLU A 1 142 ? -6.558  1.691   -16.637 1.00 66.49 ? 142  GLU A CA  1 
ATOM   1015 C C   . GLU A 1 142 ? -5.589  0.672   -17.241 1.00 69.10 ? 142  GLU A C   1 
ATOM   1016 O O   . GLU A 1 142 ? -5.289  0.747   -18.436 1.00 71.86 ? 142  GLU A O   1 
ATOM   1017 C CB  . GLU A 1 142 ? -5.969  3.103   -16.747 1.00 68.30 ? 142  GLU A CB  1 
ATOM   1018 C CG  . GLU A 1 142 ? -7.003  4.213   -16.620 1.00 70.34 ? 142  GLU A CG  1 
ATOM   1019 C CD  . GLU A 1 142 ? -7.914  4.328   -17.837 1.00 74.23 ? 142  GLU A CD  1 
ATOM   1020 O OE1 . GLU A 1 142 ? -7.633  3.689   -18.876 1.00 77.95 ? 142  GLU A OE1 1 
ATOM   1021 O OE2 . GLU A 1 142 ? -8.921  5.063   -17.759 1.00 76.56 ? 142  GLU A OE2 1 
ATOM   1022 N N   . HIS A 1 143 ? -5.103  -0.268  -16.431 1.00 71.37 ? 143  HIS A N   1 
ATOM   1023 C CA  . HIS A 1 143 ? -4.208  -1.314  -16.926 1.00 76.54 ? 143  HIS A CA  1 
ATOM   1024 C C   . HIS A 1 143 ? -4.814  -2.713  -16.783 1.00 78.10 ? 143  HIS A C   1 
ATOM   1025 O O   . HIS A 1 143 ? -4.175  -3.633  -16.268 1.00 78.91 ? 143  HIS A O   1 
ATOM   1026 C CB  . HIS A 1 143 ? -2.833  -1.204  -16.249 1.00 78.70 ? 143  HIS A CB  1 
ATOM   1027 C CG  . HIS A 1 143 ? -1.982  -0.100  -16.805 1.00 80.89 ? 143  HIS A CG  1 
ATOM   1028 N ND1 . HIS A 1 143 ? -2.239  1.233   -16.560 1.00 81.69 ? 143  HIS A ND1 1 
ATOM   1029 C CD2 . HIS A 1 143 ? -0.890  -0.132  -17.606 1.00 80.88 ? 143  HIS A CD2 1 
ATOM   1030 C CE1 . HIS A 1 143 ? -1.336  1.974   -17.180 1.00 82.29 ? 143  HIS A CE1 1 
ATOM   1031 N NE2 . HIS A 1 143 ? -0.506  1.170   -17.820 1.00 82.52 ? 143  HIS A NE2 1 
ATOM   1032 N N   . VAL A 1 144 ? -6.063  -2.846  -17.238 1.00 79.54 ? 144  VAL A N   1 
ATOM   1033 C CA  . VAL A 1 144 ? -6.700  -4.150  -17.506 1.00 78.87 ? 144  VAL A CA  1 
ATOM   1034 C C   . VAL A 1 144 ? -7.689  -4.017  -18.672 1.00 77.20 ? 144  VAL A C   1 
ATOM   1035 O O   . VAL A 1 144 ? -7.683  -4.814  -19.614 1.00 72.69 ? 144  VAL A O   1 
ATOM   1036 C CB  . VAL A 1 144 ? -7.447  -4.736  -16.277 1.00 77.98 ? 144  VAL A CB  1 
ATOM   1037 C CG1 . VAL A 1 144 ? -6.467  -5.273  -15.241 1.00 76.60 ? 144  VAL A CG1 1 
ATOM   1038 C CG2 . VAL A 1 144 ? -8.393  -3.710  -15.659 1.00 77.50 ? 144  VAL A CG2 1 
HETATM 1039 O OAE . 48P B 2 .   ? 7.360   4.654   8.706   1.00 51.21 ? 201  48P A OAE 1 
HETATM 1040 C CAM . 48P B 2 .   ? 6.672   5.721   8.028   1.00 52.56 ? 201  48P A CAM 1 
HETATM 1041 C CAL . 48P B 2 .   ? 7.299   5.895   6.632   1.00 52.65 ? 201  48P A CAL 1 
HETATM 1042 O OAD . 48P B 2 .   ? 8.633   6.412   6.755   1.00 52.29 ? 201  48P A OAD 1 
HETATM 1043 C CAI . 48P B 2 .   ? 6.475   6.861   5.802   1.00 52.49 ? 201  48P A CAI 1 
HETATM 1044 C CAN . 48P B 2 .   ? 5.072   6.292   5.604   1.00 53.41 ? 201  48P A CAN 1 
HETATM 1045 C CAJ . 48P B 2 .   ? 4.188   7.312   5.199   1.00 55.12 ? 201  48P A CAJ 1 
HETATM 1046 O OAC . 48P B 2 .   ? 3.694   7.216   4.059   1.00 55.98 ? 201  48P A OAC 1 
HETATM 1047 O OAA . 48P B 2 .   ? 3.924   8.230   6.015   1.00 56.20 ? 201  48P A OAA 1 
HETATM 1048 O OAF . 48P B 2 .   ? 5.130   5.254   4.616   1.00 51.72 ? 201  48P A OAF 1 
HETATM 1049 C CAG . 48P B 2 .   ? 4.555   5.720   6.769   1.00 53.36 ? 201  48P A CAG 1 
HETATM 1050 C CAK . 48P B 2 .   ? 5.287   5.451   7.931   1.00 52.67 ? 201  48P A CAK 1 
HETATM 1051 C CAH . 48P B 2 .   ? 4.584   4.877   8.978   1.00 52.41 ? 201  48P A CAH 1 
HETATM 1052 O OAB . 48P B 2 .   ? 3.664   5.871   9.444   1.00 51.58 ? 201  48P A OAB 1 
HETATM 1053 O O   . HOH C 3 .   ? 6.449   3.201   11.152  1.00 18.15 ? 2001 HOH A O   1 
HETATM 1054 O O   . HOH C 3 .   ? -1.669  11.700  10.796  1.00 16.88 ? 2002 HOH A O   1 
HETATM 1055 O O   . HOH C 3 .   ? -8.792  7.514   19.702  1.00 12.93 ? 2003 HOH A O   1 
HETATM 1056 O O   . HOH C 3 .   ? -12.711 8.441   -2.829  1.00 32.77 ? 2004 HOH A O   1 
HETATM 1057 O O   . HOH C 3 .   ? -16.641 -4.165  5.001   1.00 17.02 ? 2005 HOH A O   1 
HETATM 1058 O O   . HOH C 3 .   ? -19.087 11.198  -10.107 1.00 14.48 ? 2006 HOH A O   1 
HETATM 1059 O O   . HOH C 3 .   ? 3.260   -11.534 15.842  0.33 10.25 ? 2007 HOH A O   1 
HETATM 1060 O O   . HOH C 3 .   ? 11.718  -7.393  8.741   1.00 16.43 ? 2008 HOH A O   1 
HETATM 1061 O O   . HOH C 3 .   ? 9.638   -7.963  12.955  0.33 2.00  ? 2009 HOH A O   1 
HETATM 1062 O O   . HOH C 3 .   ? 0.908   -17.450 4.820   1.00 14.60 ? 2010 HOH A O   1 
HETATM 1063 O O   . HOH C 3 .   ? 3.967   -13.672 -1.071  1.00 19.07 ? 2011 HOH A O   1 
HETATM 1064 O O   . HOH C 3 .   ? 11.225  -1.219  10.885  1.00 12.20 ? 2012 HOH A O   1 
HETATM 1065 O O   . HOH C 3 .   ? 16.973  -2.655  -2.758  1.00 9.40  ? 2013 HOH A O   1 
HETATM 1066 O O   . HOH C 3 .   ? 1.019   9.755   -1.107  1.00 12.47 ? 2014 HOH A O   1 
HETATM 1067 O O   . HOH C 3 .   ? 10.090  7.535   -5.145  0.50 19.51 ? 2015 HOH A O   1 
HETATM 1068 O O   . HOH C 3 .   ? 6.499   8.635   10.324  1.00 24.31 ? 2016 HOH A O   1 
HETATM 1069 O O   . HOH C 3 .   ? 12.228  5.201   0.251   1.00 21.62 ? 2017 HOH A O   1 
HETATM 1070 O O   . HOH C 3 .   ? 11.563  4.833   -2.509  1.00 13.11 ? 2018 HOH A O   1 
HETATM 1071 O O   . HOH C 3 .   ? 14.521  -5.612  -9.353  1.00 27.11 ? 2019 HOH A O   1 
HETATM 1072 O O   . HOH C 3 .   ? -4.413  13.787  -0.660  1.00 19.74 ? 2020 HOH A O   1 
HETATM 1073 O O   . HOH C 3 .   ? -4.205  -5.530  -12.770 1.00 24.71 ? 2021 HOH A O   1 
HETATM 1074 O O   . HOH C 3 .   ? -1.426  -14.158 17.963  0.33 2.00  ? 2022 HOH A O   1 
# 
loop_
_pdbx_poly_seq_scheme.asym_id 
_pdbx_poly_seq_scheme.entity_id 
_pdbx_poly_seq_scheme.seq_id 
_pdbx_poly_seq_scheme.mon_id 
_pdbx_poly_seq_scheme.ndb_seq_num 
_pdbx_poly_seq_scheme.pdb_seq_num 
_pdbx_poly_seq_scheme.auth_seq_num 
_pdbx_poly_seq_scheme.pdb_mon_id 
_pdbx_poly_seq_scheme.auth_mon_id 
_pdbx_poly_seq_scheme.pdb_strand_id 
_pdbx_poly_seq_scheme.pdb_ins_code 
_pdbx_poly_seq_scheme.hetero 
A 1 1   SER 1   1   ?   ?   ?   A . n 
A 1 2   GLU 2   2   ?   ?   ?   A . n 
A 1 3   LEU 3   3   3   LEU LEU A . n 
A 1 4   ILE 4   4   4   ILE ILE A . n 
A 1 5   VAL 5   5   5   VAL VAL A . n 
A 1 6   ASN 6   6   6   ASN ASN A . n 
A 1 7   VAL 7   7   7   VAL VAL A . n 
A 1 8   ILE 8   8   8   ILE ILE A . n 
A 1 9   ASN 9   9   9   ASN ASN A . n 
A 1 10  GLY 10  10  10  GLY GLY A . n 
A 1 11  PRO 11  11  11  PRO PRO A . n 
A 1 12  ASN 12  12  12  ASN ASN A . n 
A 1 13  LEU 13  13  13  LEU LEU A . n 
A 1 14  GLY 14  14  14  GLY GLY A . n 
A 1 15  ARG 15  15  15  ARG ARG A . n 
A 1 16  LEU 16  16  16  LEU LEU A . n 
A 1 17  GLY 17  17  17  GLY GLY A . n 
A 1 18  ARG 18  18  18  ARG ARG A . n 
A 1 19  ARG 19  19  19  ARG ARG A . n 
A 1 20  GLU 20  20  ?   ?   ?   A . n 
A 1 21  PRO 21  21  ?   ?   ?   A . n 
A 1 22  ALA 22  22  ?   ?   ?   A . n 
A 1 23  VAL 23  23  ?   ?   ?   A . n 
A 1 24  TYR 24  24  ?   ?   ?   A . n 
A 1 25  GLY 25  25  25  GLY GLY A . n 
A 1 26  GLY 26  26  26  GLY GLY A . n 
A 1 27  THR 27  27  27  THR THR A . n 
A 1 28  THR 28  28  28  THR THR A . n 
A 1 29  HIS 29  29  29  HIS HIS A . n 
A 1 30  ASP 30  30  30  ASP ASP A . n 
A 1 31  GLU 31  31  31  GLU GLU A . n 
A 1 32  LEU 32  32  32  LEU LEU A . n 
A 1 33  VAL 33  33  33  VAL VAL A . n 
A 1 34  ALA 34  34  34  ALA ALA A . n 
A 1 35  LEU 35  35  35  LEU LEU A . n 
A 1 36  ILE 36  36  36  ILE ILE A . n 
A 1 37  GLU 37  37  37  GLU GLU A . n 
A 1 38  ARG 38  38  38  ARG ARG A . n 
A 1 39  GLU 39  39  39  GLU GLU A . n 
A 1 40  ALA 40  40  40  ALA ALA A . n 
A 1 41  ALA 41  41  41  ALA ALA A . n 
A 1 42  GLU 42  42  42  GLU GLU A . n 
A 1 43  LEU 43  43  43  LEU LEU A . n 
A 1 44  GLY 44  44  44  GLY GLY A . n 
A 1 45  LEU 45  45  45  LEU LEU A . n 
A 1 46  LYS 46  46  46  LYS LYS A . n 
A 1 47  ALA 47  47  47  ALA ALA A . n 
A 1 48  VAL 48  48  48  VAL VAL A . n 
A 1 49  VAL 49  49  49  VAL VAL A . n 
A 1 50  ARG 50  50  50  ARG ARG A . n 
A 1 51  GLN 51  51  51  GLN GLN A . n 
A 1 52  SER 52  52  52  SER SER A . n 
A 1 53  ASP 53  53  53  ASP ASP A . n 
A 1 54  SER 54  54  54  SER SER A . n 
A 1 55  GLU 55  55  55  GLU GLU A . n 
A 1 56  ALA 56  56  56  ALA ALA A . n 
A 1 57  GLN 57  57  57  GLN GLN A . n 
A 1 58  LEU 58  58  58  LEU LEU A . n 
A 1 59  LEU 59  59  59  LEU LEU A . n 
A 1 60  ASP 60  60  60  ASP ASP A . n 
A 1 61  TRP 61  61  61  TRP TRP A . n 
A 1 62  ILE 62  62  62  ILE ILE A . n 
A 1 63  HIS 63  63  63  HIS HIS A . n 
A 1 64  GLN 64  64  64  GLN GLN A . n 
A 1 65  ALA 65  65  65  ALA ALA A . n 
A 1 66  ALA 66  66  66  ALA ALA A . n 
A 1 67  ASP 67  67  67  ASP ASP A . n 
A 1 68  ALA 68  68  68  ALA ALA A . n 
A 1 69  ALA 69  69  69  ALA ALA A . n 
A 1 70  GLU 70  70  70  GLU GLU A . n 
A 1 71  PRO 71  71  71  PRO PRO A . n 
A 1 72  VAL 72  72  72  VAL VAL A . n 
A 1 73  ILE 73  73  73  ILE ILE A . n 
A 1 74  LEU 74  74  74  LEU LEU A . n 
A 1 75  ASN 75  75  75  ASN ASN A . n 
A 1 76  ALA 76  76  76  ALA ALA A . n 
A 1 77  GLY 77  77  77  GLY GLY A . n 
A 1 78  GLY 78  78  78  GLY GLY A . n 
A 1 79  LEU 79  79  79  LEU LEU A . n 
A 1 80  THR 80  80  80  THR THR A . n 
A 1 81  HIS 81  81  81  HIS HIS A . n 
A 1 82  THR 82  82  82  THR THR A . n 
A 1 83  SER 83  83  83  SER SER A . n 
A 1 84  VAL 84  84  84  VAL VAL A . n 
A 1 85  ALA 85  85  85  ALA ALA A . n 
A 1 86  LEU 86  86  86  LEU LEU A . n 
A 1 87  ARG 87  87  87  ARG ARG A . n 
A 1 88  ASP 88  88  88  ASP ASP A . n 
A 1 89  ALA 89  89  89  ALA ALA A . n 
A 1 90  CYS 90  90  90  CYS CYS A . n 
A 1 91  ALA 91  91  91  ALA ALA A . n 
A 1 92  GLU 92  92  92  GLU GLU A . n 
A 1 93  LEU 93  93  93  LEU LEU A . n 
A 1 94  SER 94  94  94  SER SER A . n 
A 1 95  ALA 95  95  95  ALA ALA A . n 
A 1 96  PRO 96  96  96  PRO PRO A . n 
A 1 97  LEU 97  97  97  LEU LEU A . n 
A 1 98  ILE 98  98  98  ILE ILE A . n 
A 1 99  GLU 99  99  99  GLU GLU A . n 
A 1 100 VAL 100 100 100 VAL VAL A . n 
A 1 101 HIS 101 101 101 HIS HIS A . n 
A 1 102 ILE 102 102 102 ILE ILE A . n 
A 1 103 SER 103 103 103 SER SER A . n 
A 1 104 ASN 104 104 104 ASN ASN A . n 
A 1 105 VAL 105 105 105 VAL VAL A . n 
A 1 106 HIS 106 106 106 HIS HIS A . n 
A 1 107 ALA 107 107 107 ALA ALA A . n 
A 1 108 ARG 108 108 108 ARG ARG A . n 
A 1 109 GLU 109 109 109 GLU GLU A . n 
A 1 110 GLU 110 110 110 GLU GLU A . n 
A 1 111 PHE 111 111 111 PHE PHE A . n 
A 1 112 ARG 112 112 112 ARG ARG A . n 
A 1 113 ARG 113 113 113 ARG ARG A . n 
A 1 114 HIS 114 114 114 HIS HIS A . n 
A 1 115 SER 115 115 115 SER SER A . n 
A 1 116 TYR 116 116 116 TYR TYR A . n 
A 1 117 LEU 117 117 117 LEU LEU A . n 
A 1 118 SER 118 118 118 SER SER A . n 
A 1 119 PRO 119 119 119 PRO PRO A . n 
A 1 120 ILE 120 120 120 ILE ILE A . n 
A 1 121 ALA 121 121 121 ALA ALA A . n 
A 1 122 THR 122 122 122 THR THR A . n 
A 1 123 GLY 123 123 123 GLY GLY A . n 
A 1 124 VAL 124 124 124 VAL VAL A . n 
A 1 125 ILE 125 125 125 ILE ILE A . n 
A 1 126 VAL 126 126 126 VAL VAL A . n 
A 1 127 GLY 127 127 127 GLY GLY A . n 
A 1 128 LEU 128 128 128 LEU LEU A . n 
A 1 129 GLY 129 129 129 GLY GLY A . n 
A 1 130 ILE 130 130 130 ILE ILE A . n 
A 1 131 GLN 131 131 131 GLN GLN A . n 
A 1 132 GLY 132 132 132 GLY GLY A . n 
A 1 133 TYR 133 133 133 TYR TYR A . n 
A 1 134 LEU 134 134 134 LEU LEU A . n 
A 1 135 LEU 135 135 135 LEU LEU A . n 
A 1 136 ALA 136 136 136 ALA ALA A . n 
A 1 137 LEU 137 137 137 LEU LEU A . n 
A 1 138 ARG 138 138 138 ARG ARG A . n 
A 1 139 TYR 139 139 139 TYR TYR A . n 
A 1 140 LEU 140 140 140 LEU LEU A . n 
A 1 141 ALA 141 141 141 ALA ALA A . n 
A 1 142 GLU 142 142 142 GLU GLU A . n 
A 1 143 HIS 143 143 143 HIS HIS A . n 
A 1 144 VAL 144 144 144 VAL VAL A . n 
A 1 145 GLY 145 145 ?   ?   ?   A . n 
A 1 146 THR 146 146 ?   ?   ?   A . n 
# 
loop_
_pdbx_nonpoly_scheme.asym_id 
_pdbx_nonpoly_scheme.entity_id 
_pdbx_nonpoly_scheme.mon_id 
_pdbx_nonpoly_scheme.ndb_seq_num 
_pdbx_nonpoly_scheme.pdb_seq_num 
_pdbx_nonpoly_scheme.auth_seq_num 
_pdbx_nonpoly_scheme.pdb_mon_id 
_pdbx_nonpoly_scheme.auth_mon_id 
_pdbx_nonpoly_scheme.pdb_strand_id 
_pdbx_nonpoly_scheme.pdb_ins_code 
B 2 48P 1  201  201  48P 48P A . 
C 3 HOH 1  2001 2001 HOH HOH A . 
C 3 HOH 2  2002 2002 HOH HOH A . 
C 3 HOH 3  2003 2003 HOH HOH A . 
C 3 HOH 4  2004 2004 HOH HOH A . 
C 3 HOH 5  2005 2005 HOH HOH A . 
C 3 HOH 6  2006 2006 HOH HOH A . 
C 3 HOH 7  2007 2007 HOH HOH A . 
C 3 HOH 8  2008 2008 HOH HOH A . 
C 3 HOH 9  2009 2009 HOH HOH A . 
C 3 HOH 10 2010 2010 HOH HOH A . 
C 3 HOH 11 2011 2011 HOH HOH A . 
C 3 HOH 12 2012 2012 HOH HOH A . 
C 3 HOH 13 2013 2013 HOH HOH A . 
C 3 HOH 14 2014 2014 HOH HOH A . 
C 3 HOH 15 2015 2015 HOH HOH A . 
C 3 HOH 16 2016 2016 HOH HOH A . 
C 3 HOH 17 2017 2017 HOH HOH A . 
C 3 HOH 18 2018 2018 HOH HOH A . 
C 3 HOH 19 2019 2019 HOH HOH A . 
C 3 HOH 20 2020 2020 HOH HOH A . 
C 3 HOH 21 2021 2021 HOH HOH A . 
C 3 HOH 22 2022 2022 HOH HOH A . 
# 
_pdbx_struct_assembly.id                   1 
_pdbx_struct_assembly.details              author_and_software_defined_assembly 
_pdbx_struct_assembly.method_details       PISA 
_pdbx_struct_assembly.oligomeric_details   dodecameric 
_pdbx_struct_assembly.oligomeric_count     12 
# 
_pdbx_struct_assembly_gen.assembly_id       1 
_pdbx_struct_assembly_gen.oper_expression   1,2,3,4,5,6,7,8,9,10,11,12 
_pdbx_struct_assembly_gen.asym_id_list      A,B,C 
# 
loop_
_pdbx_struct_assembly_prop.biol_id 
_pdbx_struct_assembly_prop.type 
_pdbx_struct_assembly_prop.value 
_pdbx_struct_assembly_prop.details 
1 'ABSA (A^2)' 25700 ? 
1 MORE         -42.1 ? 
1 'SSA (A^2)'  56300 ? 
# 
loop_
_pdbx_struct_oper_list.id 
_pdbx_struct_oper_list.type 
_pdbx_struct_oper_list.name 
_pdbx_struct_oper_list.symmetry_operation 
_pdbx_struct_oper_list.matrix[1][1] 
_pdbx_struct_oper_list.matrix[1][2] 
_pdbx_struct_oper_list.matrix[1][3] 
_pdbx_struct_oper_list.vector[1] 
_pdbx_struct_oper_list.matrix[2][1] 
_pdbx_struct_oper_list.matrix[2][2] 
_pdbx_struct_oper_list.matrix[2][3] 
_pdbx_struct_oper_list.vector[2] 
_pdbx_struct_oper_list.matrix[3][1] 
_pdbx_struct_oper_list.matrix[3][2] 
_pdbx_struct_oper_list.matrix[3][3] 
_pdbx_struct_oper_list.vector[3] 
1  'identity operation'         1_555  x,y,z           1.0000000000  0.0000000000  0.0000000000  0.0000000000  0.0000000000  1.0000000000  0.0000000000  0.0000000000   0.0000000000  0.0000000000  1.0000000000  0.0000000000   
2  'crystal symmetry operation' 22_545 -y,z-1/2,-x+1/2 0.1265969690  -0.3806095298 -0.9160292535 32.3371412692 -0.9529969268 0.2095893649  -0.2187902092 34.8339064656  0.2752636282  0.9006712407  -0.3361863339 -9.2545744164  
3  'crystal symmetry operation' 30_455 z-1/2,-x,-y+1/2 -0.2207649904 0.9753084719  -0.0060169488 34.6922699508 -0.2705441180 -0.0553093474 0.9611174519  10.8630053774  0.9370531998  0.2138089351  0.2760743378  -29.0326521698 
4  'crystal symmetry operation' 31_555 -z+1/2,-x,y+1/2 0.1265969690  -0.9529969268 0.2752636282  31.6502694708 -0.3806095298 0.2095893649  0.9006712407  13.3423368223  -0.9160292535 -0.2187902092 -0.3361863339 34.1318236151  
5  'crystal symmetry operation' 29_455 z-1/2,x,y+1/2   -0.3936481765 -0.8936105025 -0.2156417930 49.4403325992 0.4161190901  0.0359523736  -0.9085991029 -6.3718018818  0.8196865352  -0.4474010467 0.3576958029  -22.4463831667 
6  'crystal symmetry operation' 21_545 y,z-1/2,x+1/2   -0.3936481765 0.4161190901  0.8196865352  40.5125232201 -0.8936105025 0.0359523736  -0.4474010467 34.3669465386  -0.2156417930 -0.9085991029 0.3576958029  12.9009655434  
7  'crystal symmetry operation' 2_555  -x,-y,z         0.7424150544  -0.2316873716 0.6286022979  7.5786042637  -0.2316873716 -0.9691927374 -0.0835846854 16.7453595498  0.6286022979  -0.0835846854 -0.7732223170 -14.8351125202 
8  'crystal symmetry operation' 4_556  x,-y,-z+1       -0.7833446522 -0.0513328781 -0.6194643585 59.1892728162 -0.0513328781 -0.9878375290 0.1467717679  10.4011102599  -0.6194643585 0.1467717679  0.7711821812  19.8393231076  
9  'crystal symmetry operation' 3_556  -x,y,-z+1       -0.9590704022 0.2830202497  -0.0091379393 61.5828496551 0.2830202497  0.9570302664  -0.0631870825 -8.7069916015  -0.0091379393 -0.0631870825 -0.9979598643 6.1618194722   
10 'crystal symmetry operation' 32_555 -z+1/2,x,-y+1/2 0.4878161979  0.8712989574  -0.0536048864 12.5678547142 0.2350345577  -0.1902323911 -0.9531895898 0.6059378903   -0.8407104815 0.4523823208  -0.2975838068 28.5132417810  
11 'crystal symmetry operation' 23_555 y,-z+1/2,-x+1/2 0.4878161979  0.2350345577  -0.8407104815 17.6981617813 0.8712989574  -0.1902323911 0.4523823208  -23.7339761860 -0.0536048864 -0.9531895898 -0.2975838068 9.7363511476   
12 'crystal symmetry operation' 24_555 -y,-z+1/2,x+1/2 -0.2207649904 -0.2705441180 0.9370531998  37.8029004643 0.9753084719  -0.0553093474 0.2138089351  -27.0273986100 -0.0060169488 0.9611174519  0.2760743378  -2.2167122150  
# 
loop_
_pdbx_struct_special_symmetry.id 
_pdbx_struct_special_symmetry.PDB_model_num 
_pdbx_struct_special_symmetry.auth_asym_id 
_pdbx_struct_special_symmetry.auth_comp_id 
_pdbx_struct_special_symmetry.auth_seq_id 
_pdbx_struct_special_symmetry.PDB_ins_code 
_pdbx_struct_special_symmetry.label_asym_id 
_pdbx_struct_special_symmetry.label_comp_id 
_pdbx_struct_special_symmetry.label_seq_id 
1 1 A HOH 2007 ? C HOH . 
2 1 A HOH 2009 ? C HOH . 
3 1 A HOH 2015 ? C HOH . 
4 1 A HOH 2022 ? C HOH . 
# 
loop_
_pdbx_audit_revision_history.ordinal 
_pdbx_audit_revision_history.data_content_type 
_pdbx_audit_revision_history.major_revision 
_pdbx_audit_revision_history.minor_revision 
_pdbx_audit_revision_history.revision_date 
1 'Structure model' 1 0 2014-04-16 
2 'Structure model' 1 1 2014-05-07 
3 'Structure model' 1 2 2018-01-24 
4 'Structure model' 1 3 2023-12-20 
# 
_pdbx_audit_revision_details.ordinal             1 
_pdbx_audit_revision_details.revision_ordinal    1 
_pdbx_audit_revision_details.data_content_type   'Structure model' 
_pdbx_audit_revision_details.provider            repository 
_pdbx_audit_revision_details.type                'Initial release' 
_pdbx_audit_revision_details.description         ? 
_pdbx_audit_revision_details.details             ? 
# 
loop_
_pdbx_audit_revision_group.ordinal 
_pdbx_audit_revision_group.revision_ordinal 
_pdbx_audit_revision_group.data_content_type 
_pdbx_audit_revision_group.group 
1 2 'Structure model' 'Database references'    
2 3 'Structure model' 'Database references'    
3 4 'Structure model' 'Data collection'        
4 4 'Structure model' 'Database references'    
5 4 'Structure model' 'Derived calculations'   
6 4 'Structure model' Other                    
7 4 'Structure model' 'Refinement description' 
# 
loop_
_pdbx_audit_revision_category.ordinal 
_pdbx_audit_revision_category.revision_ordinal 
_pdbx_audit_revision_category.data_content_type 
_pdbx_audit_revision_category.category 
1 3 'Structure model' citation                      
2 3 'Structure model' citation_author               
3 4 'Structure model' chem_comp_atom                
4 4 'Structure model' chem_comp_bond                
5 4 'Structure model' database_2                    
6 4 'Structure model' pdbx_database_status          
7 4 'Structure model' pdbx_initial_refinement_model 
8 4 'Structure model' struct_site                   
# 
loop_
_pdbx_audit_revision_item.ordinal 
_pdbx_audit_revision_item.revision_ordinal 
_pdbx_audit_revision_item.data_content_type 
_pdbx_audit_revision_item.item 
1  3 'Structure model' '_citation.journal_abbrev'             
2  3 'Structure model' '_citation.journal_id_ISSN'            
3  3 'Structure model' '_citation.page_last'                  
4  3 'Structure model' '_citation.pdbx_database_id_DOI'       
5  3 'Structure model' '_citation.title'                      
6  3 'Structure model' '_citation_author.name'                
7  4 'Structure model' '_database_2.pdbx_DOI'                 
8  4 'Structure model' '_database_2.pdbx_database_accession'  
9  4 'Structure model' '_pdbx_database_status.status_code_sf' 
10 4 'Structure model' '_struct_site.pdbx_auth_asym_id'       
11 4 'Structure model' '_struct_site.pdbx_auth_comp_id'       
12 4 'Structure model' '_struct_site.pdbx_auth_seq_id'        
# 
loop_
_software.name 
_software.classification 
_software.version 
_software.citation_id 
_software.pdbx_ordinal 
REFMAC refinement       5.7.0029 ? 1 
XDS    'data reduction' .        ? 2 
SCALE  'data scaling'   .        ? 3 
MOLREP phasing          .        ? 4 
# 
loop_
_pdbx_validate_torsion.id 
_pdbx_validate_torsion.PDB_model_num 
_pdbx_validate_torsion.auth_comp_id 
_pdbx_validate_torsion.auth_asym_id 
_pdbx_validate_torsion.auth_seq_id 
_pdbx_validate_torsion.PDB_ins_code 
_pdbx_validate_torsion.label_alt_id 
_pdbx_validate_torsion.phi 
_pdbx_validate_torsion.psi 
1 1 ARG A 18  ? ? -22.88  -46.09  
2 1 ARG A 108 ? ? -124.19 -137.28 
# 
_pdbx_distant_solvent_atoms.id                                1 
_pdbx_distant_solvent_atoms.PDB_model_num                     1 
_pdbx_distant_solvent_atoms.auth_atom_id                      O 
_pdbx_distant_solvent_atoms.label_alt_id                      ? 
_pdbx_distant_solvent_atoms.auth_asym_id                      A 
_pdbx_distant_solvent_atoms.auth_comp_id                      HOH 
_pdbx_distant_solvent_atoms.auth_seq_id                       2022 
_pdbx_distant_solvent_atoms.PDB_ins_code                      ? 
_pdbx_distant_solvent_atoms.neighbor_macromolecule_distance   7.31 
_pdbx_distant_solvent_atoms.neighbor_ligand_distance          . 
# 
loop_
_pdbx_unobs_or_zero_occ_residues.id 
_pdbx_unobs_or_zero_occ_residues.PDB_model_num 
_pdbx_unobs_or_zero_occ_residues.polymer_flag 
_pdbx_unobs_or_zero_occ_residues.occupancy_flag 
_pdbx_unobs_or_zero_occ_residues.auth_asym_id 
_pdbx_unobs_or_zero_occ_residues.auth_comp_id 
_pdbx_unobs_or_zero_occ_residues.auth_seq_id 
_pdbx_unobs_or_zero_occ_residues.PDB_ins_code 
_pdbx_unobs_or_zero_occ_residues.label_asym_id 
_pdbx_unobs_or_zero_occ_residues.label_comp_id 
_pdbx_unobs_or_zero_occ_residues.label_seq_id 
1 1 Y 1 A SER 1   ? A SER 1   
2 1 Y 1 A GLU 2   ? A GLU 2   
3 1 Y 1 A GLU 20  ? A GLU 20  
4 1 Y 1 A PRO 21  ? A PRO 21  
5 1 Y 1 A ALA 22  ? A ALA 22  
6 1 Y 1 A VAL 23  ? A VAL 23  
7 1 Y 1 A TYR 24  ? A TYR 24  
8 1 Y 1 A GLY 145 ? A GLY 145 
9 1 Y 1 A THR 146 ? A THR 146 
# 
loop_
_chem_comp_atom.comp_id 
_chem_comp_atom.atom_id 
_chem_comp_atom.type_symbol 
_chem_comp_atom.pdbx_aromatic_flag 
_chem_comp_atom.pdbx_stereo_config 
_chem_comp_atom.pdbx_ordinal 
48P OAE  O N N 1   
48P CAM  C N R 2   
48P CAL  C N R 3   
48P OAD  O N N 4   
48P CAI  C N N 5   
48P CAN  C N R 6   
48P CAJ  C N N 7   
48P OAC  O N N 8   
48P OAA  O N N 9   
48P OAF  O N N 10  
48P CAG  C N N 11  
48P CAK  C N N 12  
48P CAH  C N N 13  
48P OAB  O N N 14  
48P HAE  H N N 15  
48P HAM  H N N 16  
48P HAL  H N N 17  
48P HAD  H N N 18  
48P HAI1 H N N 19  
48P HAI2 H N N 20  
48P HAF  H N N 21  
48P HAG  H N N 22  
48P HAA  H N N 23  
48P HAH1 H N N 24  
48P HAH2 H N N 25  
48P HAB  H N N 26  
ALA N    N N N 27  
ALA CA   C N S 28  
ALA C    C N N 29  
ALA O    O N N 30  
ALA CB   C N N 31  
ALA OXT  O N N 32  
ALA H    H N N 33  
ALA H2   H N N 34  
ALA HA   H N N 35  
ALA HB1  H N N 36  
ALA HB2  H N N 37  
ALA HB3  H N N 38  
ALA HXT  H N N 39  
ARG N    N N N 40  
ARG CA   C N S 41  
ARG C    C N N 42  
ARG O    O N N 43  
ARG CB   C N N 44  
ARG CG   C N N 45  
ARG CD   C N N 46  
ARG NE   N N N 47  
ARG CZ   C N N 48  
ARG NH1  N N N 49  
ARG NH2  N N N 50  
ARG OXT  O N N 51  
ARG H    H N N 52  
ARG H2   H N N 53  
ARG HA   H N N 54  
ARG HB2  H N N 55  
ARG HB3  H N N 56  
ARG HG2  H N N 57  
ARG HG3  H N N 58  
ARG HD2  H N N 59  
ARG HD3  H N N 60  
ARG HE   H N N 61  
ARG HH11 H N N 62  
ARG HH12 H N N 63  
ARG HH21 H N N 64  
ARG HH22 H N N 65  
ARG HXT  H N N 66  
ASN N    N N N 67  
ASN CA   C N S 68  
ASN C    C N N 69  
ASN O    O N N 70  
ASN CB   C N N 71  
ASN CG   C N N 72  
ASN OD1  O N N 73  
ASN ND2  N N N 74  
ASN OXT  O N N 75  
ASN H    H N N 76  
ASN H2   H N N 77  
ASN HA   H N N 78  
ASN HB2  H N N 79  
ASN HB3  H N N 80  
ASN HD21 H N N 81  
ASN HD22 H N N 82  
ASN HXT  H N N 83  
ASP N    N N N 84  
ASP CA   C N S 85  
ASP C    C N N 86  
ASP O    O N N 87  
ASP CB   C N N 88  
ASP CG   C N N 89  
ASP OD1  O N N 90  
ASP OD2  O N N 91  
ASP OXT  O N N 92  
ASP H    H N N 93  
ASP H2   H N N 94  
ASP HA   H N N 95  
ASP HB2  H N N 96  
ASP HB3  H N N 97  
ASP HD2  H N N 98  
ASP HXT  H N N 99  
CYS N    N N N 100 
CYS CA   C N R 101 
CYS C    C N N 102 
CYS O    O N N 103 
CYS CB   C N N 104 
CYS SG   S N N 105 
CYS OXT  O N N 106 
CYS H    H N N 107 
CYS H2   H N N 108 
CYS HA   H N N 109 
CYS HB2  H N N 110 
CYS HB3  H N N 111 
CYS HG   H N N 112 
CYS HXT  H N N 113 
GLN N    N N N 114 
GLN CA   C N S 115 
GLN C    C N N 116 
GLN O    O N N 117 
GLN CB   C N N 118 
GLN CG   C N N 119 
GLN CD   C N N 120 
GLN OE1  O N N 121 
GLN NE2  N N N 122 
GLN OXT  O N N 123 
GLN H    H N N 124 
GLN H2   H N N 125 
GLN HA   H N N 126 
GLN HB2  H N N 127 
GLN HB3  H N N 128 
GLN HG2  H N N 129 
GLN HG3  H N N 130 
GLN HE21 H N N 131 
GLN HE22 H N N 132 
GLN HXT  H N N 133 
GLU N    N N N 134 
GLU CA   C N S 135 
GLU C    C N N 136 
GLU O    O N N 137 
GLU CB   C N N 138 
GLU CG   C N N 139 
GLU CD   C N N 140 
GLU OE1  O N N 141 
GLU OE2  O N N 142 
GLU OXT  O N N 143 
GLU H    H N N 144 
GLU H2   H N N 145 
GLU HA   H N N 146 
GLU HB2  H N N 147 
GLU HB3  H N N 148 
GLU HG2  H N N 149 
GLU HG3  H N N 150 
GLU HE2  H N N 151 
GLU HXT  H N N 152 
GLY N    N N N 153 
GLY CA   C N N 154 
GLY C    C N N 155 
GLY O    O N N 156 
GLY OXT  O N N 157 
GLY H    H N N 158 
GLY H2   H N N 159 
GLY HA2  H N N 160 
GLY HA3  H N N 161 
GLY HXT  H N N 162 
HIS N    N N N 163 
HIS CA   C N S 164 
HIS C    C N N 165 
HIS O    O N N 166 
HIS CB   C N N 167 
HIS CG   C Y N 168 
HIS ND1  N Y N 169 
HIS CD2  C Y N 170 
HIS CE1  C Y N 171 
HIS NE2  N Y N 172 
HIS OXT  O N N 173 
HIS H    H N N 174 
HIS H2   H N N 175 
HIS HA   H N N 176 
HIS HB2  H N N 177 
HIS HB3  H N N 178 
HIS HD1  H N N 179 
HIS HD2  H N N 180 
HIS HE1  H N N 181 
HIS HE2  H N N 182 
HIS HXT  H N N 183 
HOH O    O N N 184 
HOH H1   H N N 185 
HOH H2   H N N 186 
ILE N    N N N 187 
ILE CA   C N S 188 
ILE C    C N N 189 
ILE O    O N N 190 
ILE CB   C N S 191 
ILE CG1  C N N 192 
ILE CG2  C N N 193 
ILE CD1  C N N 194 
ILE OXT  O N N 195 
ILE H    H N N 196 
ILE H2   H N N 197 
ILE HA   H N N 198 
ILE HB   H N N 199 
ILE HG12 H N N 200 
ILE HG13 H N N 201 
ILE HG21 H N N 202 
ILE HG22 H N N 203 
ILE HG23 H N N 204 
ILE HD11 H N N 205 
ILE HD12 H N N 206 
ILE HD13 H N N 207 
ILE HXT  H N N 208 
LEU N    N N N 209 
LEU CA   C N S 210 
LEU C    C N N 211 
LEU O    O N N 212 
LEU CB   C N N 213 
LEU CG   C N N 214 
LEU CD1  C N N 215 
LEU CD2  C N N 216 
LEU OXT  O N N 217 
LEU H    H N N 218 
LEU H2   H N N 219 
LEU HA   H N N 220 
LEU HB2  H N N 221 
LEU HB3  H N N 222 
LEU HG   H N N 223 
LEU HD11 H N N 224 
LEU HD12 H N N 225 
LEU HD13 H N N 226 
LEU HD21 H N N 227 
LEU HD22 H N N 228 
LEU HD23 H N N 229 
LEU HXT  H N N 230 
LYS N    N N N 231 
LYS CA   C N S 232 
LYS C    C N N 233 
LYS O    O N N 234 
LYS CB   C N N 235 
LYS CG   C N N 236 
LYS CD   C N N 237 
LYS CE   C N N 238 
LYS NZ   N N N 239 
LYS OXT  O N N 240 
LYS H    H N N 241 
LYS H2   H N N 242 
LYS HA   H N N 243 
LYS HB2  H N N 244 
LYS HB3  H N N 245 
LYS HG2  H N N 246 
LYS HG3  H N N 247 
LYS HD2  H N N 248 
LYS HD3  H N N 249 
LYS HE2  H N N 250 
LYS HE3  H N N 251 
LYS HZ1  H N N 252 
LYS HZ2  H N N 253 
LYS HZ3  H N N 254 
LYS HXT  H N N 255 
PHE N    N N N 256 
PHE CA   C N S 257 
PHE C    C N N 258 
PHE O    O N N 259 
PHE CB   C N N 260 
PHE CG   C Y N 261 
PHE CD1  C Y N 262 
PHE CD2  C Y N 263 
PHE CE1  C Y N 264 
PHE CE2  C Y N 265 
PHE CZ   C Y N 266 
PHE OXT  O N N 267 
PHE H    H N N 268 
PHE H2   H N N 269 
PHE HA   H N N 270 
PHE HB2  H N N 271 
PHE HB3  H N N 272 
PHE HD1  H N N 273 
PHE HD2  H N N 274 
PHE HE1  H N N 275 
PHE HE2  H N N 276 
PHE HZ   H N N 277 
PHE HXT  H N N 278 
PRO N    N N N 279 
PRO CA   C N S 280 
PRO C    C N N 281 
PRO O    O N N 282 
PRO CB   C N N 283 
PRO CG   C N N 284 
PRO CD   C N N 285 
PRO OXT  O N N 286 
PRO H    H N N 287 
PRO HA   H N N 288 
PRO HB2  H N N 289 
PRO HB3  H N N 290 
PRO HG2  H N N 291 
PRO HG3  H N N 292 
PRO HD2  H N N 293 
PRO HD3  H N N 294 
PRO HXT  H N N 295 
SER N    N N N 296 
SER CA   C N S 297 
SER C    C N N 298 
SER O    O N N 299 
SER CB   C N N 300 
SER OG   O N N 301 
SER OXT  O N N 302 
SER H    H N N 303 
SER H2   H N N 304 
SER HA   H N N 305 
SER HB2  H N N 306 
SER HB3  H N N 307 
SER HG   H N N 308 
SER HXT  H N N 309 
THR N    N N N 310 
THR CA   C N S 311 
THR C    C N N 312 
THR O    O N N 313 
THR CB   C N R 314 
THR OG1  O N N 315 
THR CG2  C N N 316 
THR OXT  O N N 317 
THR H    H N N 318 
THR H2   H N N 319 
THR HA   H N N 320 
THR HB   H N N 321 
THR HG1  H N N 322 
THR HG21 H N N 323 
THR HG22 H N N 324 
THR HG23 H N N 325 
THR HXT  H N N 326 
TRP N    N N N 327 
TRP CA   C N S 328 
TRP C    C N N 329 
TRP O    O N N 330 
TRP CB   C N N 331 
TRP CG   C Y N 332 
TRP CD1  C Y N 333 
TRP CD2  C Y N 334 
TRP NE1  N Y N 335 
TRP CE2  C Y N 336 
TRP CE3  C Y N 337 
TRP CZ2  C Y N 338 
TRP CZ3  C Y N 339 
TRP CH2  C Y N 340 
TRP OXT  O N N 341 
TRP H    H N N 342 
TRP H2   H N N 343 
TRP HA   H N N 344 
TRP HB2  H N N 345 
TRP HB3  H N N 346 
TRP HD1  H N N 347 
TRP HE1  H N N 348 
TRP HE3  H N N 349 
TRP HZ2  H N N 350 
TRP HZ3  H N N 351 
TRP HH2  H N N 352 
TRP HXT  H N N 353 
TYR N    N N N 354 
TYR CA   C N S 355 
TYR C    C N N 356 
TYR O    O N N 357 
TYR CB   C N N 358 
TYR CG   C Y N 359 
TYR CD1  C Y N 360 
TYR CD2  C Y N 361 
TYR CE1  C Y N 362 
TYR CE2  C Y N 363 
TYR CZ   C Y N 364 
TYR OH   O N N 365 
TYR OXT  O N N 366 
TYR H    H N N 367 
TYR H2   H N N 368 
TYR HA   H N N 369 
TYR HB2  H N N 370 
TYR HB3  H N N 371 
TYR HD1  H N N 372 
TYR HD2  H N N 373 
TYR HE1  H N N 374 
TYR HE2  H N N 375 
TYR HH   H N N 376 
TYR HXT  H N N 377 
VAL N    N N N 378 
VAL CA   C N S 379 
VAL C    C N N 380 
VAL O    O N N 381 
VAL CB   C N N 382 
VAL CG1  C N N 383 
VAL CG2  C N N 384 
VAL OXT  O N N 385 
VAL H    H N N 386 
VAL H2   H N N 387 
VAL HA   H N N 388 
VAL HB   H N N 389 
VAL HG11 H N N 390 
VAL HG12 H N N 391 
VAL HG13 H N N 392 
VAL HG21 H N N 393 
VAL HG22 H N N 394 
VAL HG23 H N N 395 
VAL HXT  H N N 396 
# 
loop_
_chem_comp_bond.comp_id 
_chem_comp_bond.atom_id_1 
_chem_comp_bond.atom_id_2 
_chem_comp_bond.value_order 
_chem_comp_bond.pdbx_aromatic_flag 
_chem_comp_bond.pdbx_stereo_config 
_chem_comp_bond.pdbx_ordinal 
48P OAE CAM  sing N N 1   
48P CAM CAL  sing N N 2   
48P CAM CAK  sing N N 3   
48P CAL OAD  sing N N 4   
48P CAL CAI  sing N N 5   
48P CAI CAN  sing N N 6   
48P CAN CAJ  sing N N 7   
48P CAN OAF  sing N N 8   
48P CAN CAG  sing N N 9   
48P CAJ OAC  doub N N 10  
48P CAJ OAA  sing N N 11  
48P CAG CAK  doub N N 12  
48P CAK CAH  sing N N 13  
48P CAH OAB  sing N N 14  
48P OAE HAE  sing N N 15  
48P CAM HAM  sing N N 16  
48P CAL HAL  sing N N 17  
48P OAD HAD  sing N N 18  
48P CAI HAI1 sing N N 19  
48P CAI HAI2 sing N N 20  
48P OAF HAF  sing N N 21  
48P CAG HAG  sing N N 22  
48P OAA HAA  sing N N 23  
48P CAH HAH1 sing N N 24  
48P CAH HAH2 sing N N 25  
48P OAB HAB  sing N N 26  
ALA N   CA   sing N N 27  
ALA N   H    sing N N 28  
ALA N   H2   sing N N 29  
ALA CA  C    sing N N 30  
ALA CA  CB   sing N N 31  
ALA CA  HA   sing N N 32  
ALA C   O    doub N N 33  
ALA C   OXT  sing N N 34  
ALA CB  HB1  sing N N 35  
ALA CB  HB2  sing N N 36  
ALA CB  HB3  sing N N 37  
ALA OXT HXT  sing N N 38  
ARG N   CA   sing N N 39  
ARG N   H    sing N N 40  
ARG N   H2   sing N N 41  
ARG CA  C    sing N N 42  
ARG CA  CB   sing N N 43  
ARG CA  HA   sing N N 44  
ARG C   O    doub N N 45  
ARG C   OXT  sing N N 46  
ARG CB  CG   sing N N 47  
ARG CB  HB2  sing N N 48  
ARG CB  HB3  sing N N 49  
ARG CG  CD   sing N N 50  
ARG CG  HG2  sing N N 51  
ARG CG  HG3  sing N N 52  
ARG CD  NE   sing N N 53  
ARG CD  HD2  sing N N 54  
ARG CD  HD3  sing N N 55  
ARG NE  CZ   sing N N 56  
ARG NE  HE   sing N N 57  
ARG CZ  NH1  sing N N 58  
ARG CZ  NH2  doub N N 59  
ARG NH1 HH11 sing N N 60  
ARG NH1 HH12 sing N N 61  
ARG NH2 HH21 sing N N 62  
ARG NH2 HH22 sing N N 63  
ARG OXT HXT  sing N N 64  
ASN N   CA   sing N N 65  
ASN N   H    sing N N 66  
ASN N   H2   sing N N 67  
ASN CA  C    sing N N 68  
ASN CA  CB   sing N N 69  
ASN CA  HA   sing N N 70  
ASN C   O    doub N N 71  
ASN C   OXT  sing N N 72  
ASN CB  CG   sing N N 73  
ASN CB  HB2  sing N N 74  
ASN CB  HB3  sing N N 75  
ASN CG  OD1  doub N N 76  
ASN CG  ND2  sing N N 77  
ASN ND2 HD21 sing N N 78  
ASN ND2 HD22 sing N N 79  
ASN OXT HXT  sing N N 80  
ASP N   CA   sing N N 81  
ASP N   H    sing N N 82  
ASP N   H2   sing N N 83  
ASP CA  C    sing N N 84  
ASP CA  CB   sing N N 85  
ASP CA  HA   sing N N 86  
ASP C   O    doub N N 87  
ASP C   OXT  sing N N 88  
ASP CB  CG   sing N N 89  
ASP CB  HB2  sing N N 90  
ASP CB  HB3  sing N N 91  
ASP CG  OD1  doub N N 92  
ASP CG  OD2  sing N N 93  
ASP OD2 HD2  sing N N 94  
ASP OXT HXT  sing N N 95  
CYS N   CA   sing N N 96  
CYS N   H    sing N N 97  
CYS N   H2   sing N N 98  
CYS CA  C    sing N N 99  
CYS CA  CB   sing N N 100 
CYS CA  HA   sing N N 101 
CYS C   O    doub N N 102 
CYS C   OXT  sing N N 103 
CYS CB  SG   sing N N 104 
CYS CB  HB2  sing N N 105 
CYS CB  HB3  sing N N 106 
CYS SG  HG   sing N N 107 
CYS OXT HXT  sing N N 108 
GLN N   CA   sing N N 109 
GLN N   H    sing N N 110 
GLN N   H2   sing N N 111 
GLN CA  C    sing N N 112 
GLN CA  CB   sing N N 113 
GLN CA  HA   sing N N 114 
GLN C   O    doub N N 115 
GLN C   OXT  sing N N 116 
GLN CB  CG   sing N N 117 
GLN CB  HB2  sing N N 118 
GLN CB  HB3  sing N N 119 
GLN CG  CD   sing N N 120 
GLN CG  HG2  sing N N 121 
GLN CG  HG3  sing N N 122 
GLN CD  OE1  doub N N 123 
GLN CD  NE2  sing N N 124 
GLN NE2 HE21 sing N N 125 
GLN NE2 HE22 sing N N 126 
GLN OXT HXT  sing N N 127 
GLU N   CA   sing N N 128 
GLU N   H    sing N N 129 
GLU N   H2   sing N N 130 
GLU CA  C    sing N N 131 
GLU CA  CB   sing N N 132 
GLU CA  HA   sing N N 133 
GLU C   O    doub N N 134 
GLU C   OXT  sing N N 135 
GLU CB  CG   sing N N 136 
GLU CB  HB2  sing N N 137 
GLU CB  HB3  sing N N 138 
GLU CG  CD   sing N N 139 
GLU CG  HG2  sing N N 140 
GLU CG  HG3  sing N N 141 
GLU CD  OE1  doub N N 142 
GLU CD  OE2  sing N N 143 
GLU OE2 HE2  sing N N 144 
GLU OXT HXT  sing N N 145 
GLY N   CA   sing N N 146 
GLY N   H    sing N N 147 
GLY N   H2   sing N N 148 
GLY CA  C    sing N N 149 
GLY CA  HA2  sing N N 150 
GLY CA  HA3  sing N N 151 
GLY C   O    doub N N 152 
GLY C   OXT  sing N N 153 
GLY OXT HXT  sing N N 154 
HIS N   CA   sing N N 155 
HIS N   H    sing N N 156 
HIS N   H2   sing N N 157 
HIS CA  C    sing N N 158 
HIS CA  CB   sing N N 159 
HIS CA  HA   sing N N 160 
HIS C   O    doub N N 161 
HIS C   OXT  sing N N 162 
HIS CB  CG   sing N N 163 
HIS CB  HB2  sing N N 164 
HIS CB  HB3  sing N N 165 
HIS CG  ND1  sing Y N 166 
HIS CG  CD2  doub Y N 167 
HIS ND1 CE1  doub Y N 168 
HIS ND1 HD1  sing N N 169 
HIS CD2 NE2  sing Y N 170 
HIS CD2 HD2  sing N N 171 
HIS CE1 NE2  sing Y N 172 
HIS CE1 HE1  sing N N 173 
HIS NE2 HE2  sing N N 174 
HIS OXT HXT  sing N N 175 
HOH O   H1   sing N N 176 
HOH O   H2   sing N N 177 
ILE N   CA   sing N N 178 
ILE N   H    sing N N 179 
ILE N   H2   sing N N 180 
ILE CA  C    sing N N 181 
ILE CA  CB   sing N N 182 
ILE CA  HA   sing N N 183 
ILE C   O    doub N N 184 
ILE C   OXT  sing N N 185 
ILE CB  CG1  sing N N 186 
ILE CB  CG2  sing N N 187 
ILE CB  HB   sing N N 188 
ILE CG1 CD1  sing N N 189 
ILE CG1 HG12 sing N N 190 
ILE CG1 HG13 sing N N 191 
ILE CG2 HG21 sing N N 192 
ILE CG2 HG22 sing N N 193 
ILE CG2 HG23 sing N N 194 
ILE CD1 HD11 sing N N 195 
ILE CD1 HD12 sing N N 196 
ILE CD1 HD13 sing N N 197 
ILE OXT HXT  sing N N 198 
LEU N   CA   sing N N 199 
LEU N   H    sing N N 200 
LEU N   H2   sing N N 201 
LEU CA  C    sing N N 202 
LEU CA  CB   sing N N 203 
LEU CA  HA   sing N N 204 
LEU C   O    doub N N 205 
LEU C   OXT  sing N N 206 
LEU CB  CG   sing N N 207 
LEU CB  HB2  sing N N 208 
LEU CB  HB3  sing N N 209 
LEU CG  CD1  sing N N 210 
LEU CG  CD2  sing N N 211 
LEU CG  HG   sing N N 212 
LEU CD1 HD11 sing N N 213 
LEU CD1 HD12 sing N N 214 
LEU CD1 HD13 sing N N 215 
LEU CD2 HD21 sing N N 216 
LEU CD2 HD22 sing N N 217 
LEU CD2 HD23 sing N N 218 
LEU OXT HXT  sing N N 219 
LYS N   CA   sing N N 220 
LYS N   H    sing N N 221 
LYS N   H2   sing N N 222 
LYS CA  C    sing N N 223 
LYS CA  CB   sing N N 224 
LYS CA  HA   sing N N 225 
LYS C   O    doub N N 226 
LYS C   OXT  sing N N 227 
LYS CB  CG   sing N N 228 
LYS CB  HB2  sing N N 229 
LYS CB  HB3  sing N N 230 
LYS CG  CD   sing N N 231 
LYS CG  HG2  sing N N 232 
LYS CG  HG3  sing N N 233 
LYS CD  CE   sing N N 234 
LYS CD  HD2  sing N N 235 
LYS CD  HD3  sing N N 236 
LYS CE  NZ   sing N N 237 
LYS CE  HE2  sing N N 238 
LYS CE  HE3  sing N N 239 
LYS NZ  HZ1  sing N N 240 
LYS NZ  HZ2  sing N N 241 
LYS NZ  HZ3  sing N N 242 
LYS OXT HXT  sing N N 243 
PHE N   CA   sing N N 244 
PHE N   H    sing N N 245 
PHE N   H2   sing N N 246 
PHE CA  C    sing N N 247 
PHE CA  CB   sing N N 248 
PHE CA  HA   sing N N 249 
PHE C   O    doub N N 250 
PHE C   OXT  sing N N 251 
PHE CB  CG   sing N N 252 
PHE CB  HB2  sing N N 253 
PHE CB  HB3  sing N N 254 
PHE CG  CD1  doub Y N 255 
PHE CG  CD2  sing Y N 256 
PHE CD1 CE1  sing Y N 257 
PHE CD1 HD1  sing N N 258 
PHE CD2 CE2  doub Y N 259 
PHE CD2 HD2  sing N N 260 
PHE CE1 CZ   doub Y N 261 
PHE CE1 HE1  sing N N 262 
PHE CE2 CZ   sing Y N 263 
PHE CE2 HE2  sing N N 264 
PHE CZ  HZ   sing N N 265 
PHE OXT HXT  sing N N 266 
PRO N   CA   sing N N 267 
PRO N   CD   sing N N 268 
PRO N   H    sing N N 269 
PRO CA  C    sing N N 270 
PRO CA  CB   sing N N 271 
PRO CA  HA   sing N N 272 
PRO C   O    doub N N 273 
PRO C   OXT  sing N N 274 
PRO CB  CG   sing N N 275 
PRO CB  HB2  sing N N 276 
PRO CB  HB3  sing N N 277 
PRO CG  CD   sing N N 278 
PRO CG  HG2  sing N N 279 
PRO CG  HG3  sing N N 280 
PRO CD  HD2  sing N N 281 
PRO CD  HD3  sing N N 282 
PRO OXT HXT  sing N N 283 
SER N   CA   sing N N 284 
SER N   H    sing N N 285 
SER N   H2   sing N N 286 
SER CA  C    sing N N 287 
SER CA  CB   sing N N 288 
SER CA  HA   sing N N 289 
SER C   O    doub N N 290 
SER C   OXT  sing N N 291 
SER CB  OG   sing N N 292 
SER CB  HB2  sing N N 293 
SER CB  HB3  sing N N 294 
SER OG  HG   sing N N 295 
SER OXT HXT  sing N N 296 
THR N   CA   sing N N 297 
THR N   H    sing N N 298 
THR N   H2   sing N N 299 
THR CA  C    sing N N 300 
THR CA  CB   sing N N 301 
THR CA  HA   sing N N 302 
THR C   O    doub N N 303 
THR C   OXT  sing N N 304 
THR CB  OG1  sing N N 305 
THR CB  CG2  sing N N 306 
THR CB  HB   sing N N 307 
THR OG1 HG1  sing N N 308 
THR CG2 HG21 sing N N 309 
THR CG2 HG22 sing N N 310 
THR CG2 HG23 sing N N 311 
THR OXT HXT  sing N N 312 
TRP N   CA   sing N N 313 
TRP N   H    sing N N 314 
TRP N   H2   sing N N 315 
TRP CA  C    sing N N 316 
TRP CA  CB   sing N N 317 
TRP CA  HA   sing N N 318 
TRP C   O    doub N N 319 
TRP C   OXT  sing N N 320 
TRP CB  CG   sing N N 321 
TRP CB  HB2  sing N N 322 
TRP CB  HB3  sing N N 323 
TRP CG  CD1  doub Y N 324 
TRP CG  CD2  sing Y N 325 
TRP CD1 NE1  sing Y N 326 
TRP CD1 HD1  sing N N 327 
TRP CD2 CE2  doub Y N 328 
TRP CD2 CE3  sing Y N 329 
TRP NE1 CE2  sing Y N 330 
TRP NE1 HE1  sing N N 331 
TRP CE2 CZ2  sing Y N 332 
TRP CE3 CZ3  doub Y N 333 
TRP CE3 HE3  sing N N 334 
TRP CZ2 CH2  doub Y N 335 
TRP CZ2 HZ2  sing N N 336 
TRP CZ3 CH2  sing Y N 337 
TRP CZ3 HZ3  sing N N 338 
TRP CH2 HH2  sing N N 339 
TRP OXT HXT  sing N N 340 
TYR N   CA   sing N N 341 
TYR N   H    sing N N 342 
TYR N   H2   sing N N 343 
TYR CA  C    sing N N 344 
TYR CA  CB   sing N N 345 
TYR CA  HA   sing N N 346 
TYR C   O    doub N N 347 
TYR C   OXT  sing N N 348 
TYR CB  CG   sing N N 349 
TYR CB  HB2  sing N N 350 
TYR CB  HB3  sing N N 351 
TYR CG  CD1  doub Y N 352 
TYR CG  CD2  sing Y N 353 
TYR CD1 CE1  sing Y N 354 
TYR CD1 HD1  sing N N 355 
TYR CD2 CE2  doub Y N 356 
TYR CD2 HD2  sing N N 357 
TYR CE1 CZ   doub Y N 358 
TYR CE1 HE1  sing N N 359 
TYR CE2 CZ   sing Y N 360 
TYR CE2 HE2  sing N N 361 
TYR CZ  OH   sing N N 362 
TYR OH  HH   sing N N 363 
TYR OXT HXT  sing N N 364 
VAL N   CA   sing N N 365 
VAL N   H    sing N N 366 
VAL N   H2   sing N N 367 
VAL CA  C    sing N N 368 
VAL CA  CB   sing N N 369 
VAL CA  HA   sing N N 370 
VAL C   O    doub N N 371 
VAL C   OXT  sing N N 372 
VAL CB  CG1  sing N N 373 
VAL CB  CG2  sing N N 374 
VAL CB  HB   sing N N 375 
VAL CG1 HG11 sing N N 376 
VAL CG1 HG12 sing N N 377 
VAL CG1 HG13 sing N N 378 
VAL CG2 HG21 sing N N 379 
VAL CG2 HG22 sing N N 380 
VAL CG2 HG23 sing N N 381 
VAL OXT HXT  sing N N 382 
# 
loop_
_pdbx_entity_nonpoly.entity_id 
_pdbx_entity_nonpoly.name 
_pdbx_entity_nonpoly.comp_id 
2 '(1R,4R,5R)-1,4,5-trihydroxy-3-hydroxymethylcyclohex-2-ene-1-carboxylic acid' 48P 
3 water                                                                         HOH 
# 
_pdbx_initial_refinement_model.id               1 
_pdbx_initial_refinement_model.entity_id_list   ? 
_pdbx_initial_refinement_model.type             'experimental model' 
_pdbx_initial_refinement_model.source_name      PDB 
_pdbx_initial_refinement_model.accession_code   2Y71 
_pdbx_initial_refinement_model.details          'PDB ENTRY 2Y71' 
# 
